data_2RCJ
#
_entry.id   2RCJ
#
_cell.length_a   1.000
_cell.length_b   1.000
_cell.length_c   1.000
_cell.angle_alpha   90.00
_cell.angle_beta   90.00
_cell.angle_gamma   90.00
#
_symmetry.space_group_name_H-M   'P 1'
#
loop_
_entity.id
_entity.type
_entity.pdbx_description
1 polymer 'IgA1 light chain'
2 polymer 'IgA1 heavy chain'
3 polymer 'J chain'
#
loop_
_entity_poly.entity_id
_entity_poly.type
_entity_poly.pdbx_seq_one_letter_code
_entity_poly.pdbx_strand_id
1 'polypeptide(L)'
;EVQLVQSGGGVVQPGRSLRLSCSSSGFIFSSYAMYWVRQAPGKGLEWVAIIWDDGSDQHYADSVKGRFTISRNDSKNTLF
LQMDSLRPEDTGVYFCARDGGSSAPDYWGQGTPVTVSSASTKGPSVFPLAPSSKSTSGGTAALGCLVKDYFPQPVTVSWN
SGALTSGVHTFPAVLQSSGLYSLSSVVTVPSSSLGTQTYICNVNHKPSNTKVDKRVEP
;
A,B,E,F,I,J,M,N,Q,R
2 'polypeptide(L)'
;ESVLTQPPSASGTPGQRVTISCTGTSSGSITVNWYQQLPGMAPKLLIYRDAMRPSGVPTRFSGSKSGTSASLAISGLEAE
DESDYYCASWNSSDNSYVFGTGTKVTVLGQPKANPTVTLFPPSSEELQANKATLVCLISDFYPGAVTVAWKADGSPVKAG
VETTKPSKQSNNKYAASSYLSLTPEQWKSHRSYSCQVTHEGSTVEKTVAPTECSASTKGPSVFPLAPSSKSTSGGTAALG
CLVKDYFPQPVTVSWNSGALTSGVHTFPAVLQSSGLYSLSSVVTVPSSSLGTQTYICNVNHKPSNTKVDKRVEPLSLPSV
FLFPPKPKDTLMISRTPEVTCVVVDVSHEDPQVKFNWYVDGVQVHNAKTKPREQQYNSTYRVVSVLTVLHQNWLDGKEYK
CKVSNKALPAPIEKTISKAKGQPREPQVYTLPPSREEMTKNQVSLTCLVKGFYPSDIAVEWESNGQPENNYKTTPPVLDS
DGSFFLYSKLTVDKSRWQQGNVFSCSVMHEALHNHYTQKSLSL
;
C,D,G,H,K,L,O,P,S,T
3 'polypeptide(L)'
;SASTKGPSVFPLAPSSKSTSGGTAALGCLVKDYFPQPVTVSWNSGALTSGVHTFPAVLQSSGLYSLSSVVTVPSSSLGTQ
TYICNVNHKPSNTKVDKRVEPKSC
;
U
#
# COMPACT_ATOMS: atom_id res chain seq x y z
CA GLU A 1 -92.45 -133.90 -42.58
CA VAL A 2 -93.87 -132.10 -39.58
CA GLN A 3 -91.89 -128.94 -38.83
CA LEU A 4 -92.44 -126.70 -35.74
CA VAL A 5 -90.54 -123.36 -35.59
CA GLN A 6 -90.66 -121.23 -32.40
CA SER A 7 -90.15 -117.47 -32.44
CA GLY A 8 -90.43 -114.43 -30.19
CA GLY A 9 -88.00 -115.16 -27.40
CA GLY A 10 -86.04 -112.42 -25.68
CA VAL A 11 -84.46 -110.78 -22.65
CA VAL A 12 -86.80 -108.83 -20.37
CA GLN A 13 -87.00 -107.48 -16.87
CA PRO A 14 -89.46 -108.73 -14.19
CA GLY A 15 -93.09 -107.81 -14.67
CA ARG A 16 -92.78 -107.33 -18.43
CA SER A 17 -94.33 -109.29 -21.33
CA LEU A 18 -93.49 -111.46 -24.31
CA ARG A 19 -95.38 -113.34 -26.99
CA LEU A 20 -94.12 -116.56 -28.48
CA SER A 21 -95.27 -118.02 -31.74
CA CYS A 22 -94.94 -121.50 -33.23
CA SER A 23 -95.45 -121.82 -36.91
CA SER A 24 -96.13 -125.23 -38.39
CA SER A 25 -96.12 -127.19 -41.68
CA GLY A 26 -96.29 -130.83 -42.91
CA PHE A 27 -99.61 -131.71 -41.17
CA ILE A 28 -103.28 -130.76 -40.78
CA PHE A 29 -102.70 -128.41 -37.92
CA SER A 30 -106.32 -128.12 -36.80
CA SER A 31 -106.46 -131.85 -35.98
CA TYR A 32 -104.02 -132.00 -33.15
CA ALA A 33 -103.60 -130.65 -29.64
CA MET A 34 -100.49 -128.46 -29.23
CA TYR A 35 -98.13 -128.03 -26.27
CA TRP A 36 -95.74 -125.50 -24.78
CA VAL A 37 -92.87 -127.00 -22.70
CA ARG A 38 -89.94 -125.15 -21.20
CA GLN A 39 -86.46 -125.90 -19.89
CA ALA A 40 -84.64 -123.75 -17.33
CA PRO A 41 -80.88 -123.79 -17.69
CA GLY A 42 -79.49 -126.82 -15.93
CA LYS A 43 -82.93 -128.16 -15.14
CA GLY A 44 -85.40 -130.67 -16.60
CA LEU A 45 -88.40 -130.43 -18.96
CA GLU A 46 -91.42 -128.60 -17.47
CA TRP A 47 -94.83 -128.67 -19.24
CA VAL A 48 -96.44 -125.21 -19.57
CA ALA A 49 -99.73 -125.61 -21.41
CA ILE A 50 -101.91 -127.58 -23.82
CA ILE A 51 -104.66 -126.44 -26.16
CA TRP A 52 -107.24 -128.66 -27.88
CA ASP A 53 -107.45 -129.06 -31.65
CA ASP A 54 -110.35 -126.57 -31.94
CA GLY A 55 -109.11 -124.40 -29.06
CA SER A 56 -112.26 -125.15 -27.09
CA ASP A 57 -110.27 -125.72 -23.94
CA GLN A 58 -106.79 -125.06 -22.61
CA HIS A 59 -104.90 -126.27 -19.51
CA TYR A 60 -101.95 -124.73 -17.67
CA ALA A 61 -99.17 -125.58 -15.22
CA ASP A 62 -99.98 -124.17 -11.74
CA SER A 63 -96.89 -121.87 -11.84
CA VAL A 64 -98.17 -120.07 -14.90
CA LYS A 65 -101.90 -120.00 -14.61
CA GLY A 66 -103.27 -116.53 -15.10
CA ARG A 67 -100.03 -115.00 -16.39
CA PHE A 68 -99.79 -117.10 -19.58
CA THR A 69 -102.38 -117.57 -22.35
CA ILE A 70 -102.20 -120.31 -24.96
CA SER A 71 -104.16 -119.75 -28.12
CA ARG A 72 -104.06 -120.83 -31.74
CA ASN A 73 -104.97 -119.79 -35.22
CA ASP A 74 -105.94 -122.86 -37.26
CA SER A 75 -106.32 -120.57 -40.19
CA LYS A 76 -102.68 -119.65 -40.12
CA ASN A 77 -101.42 -122.95 -38.61
CA THR A 78 -99.82 -121.00 -35.66
CA LEU A 79 -99.67 -121.47 -31.94
CA PHE A 80 -99.19 -118.54 -29.53
CA LEU A 81 -98.00 -118.09 -25.97
CA GLN A 82 -98.81 -114.69 -24.37
CA MET A 83 -96.58 -114.36 -21.37
CA ASP A 84 -97.55 -111.61 -18.94
CA SER A 85 -95.97 -110.41 -15.67
CA LEU A 86 -92.90 -112.49 -16.29
CA ARG A 87 -90.78 -113.71 -13.37
CA PRO A 88 -87.07 -114.64 -13.24
CA GLU A 89 -88.13 -118.24 -12.65
CA ASP A 90 -89.67 -118.21 -16.09
CA THR A 91 -86.24 -118.12 -17.69
CA GLY A 92 -85.81 -121.08 -20.04
CA VAL A 93 -85.89 -122.46 -23.56
CA TYR A 94 -89.48 -122.71 -24.80
CA PHE A 95 -90.54 -125.56 -27.08
CA CYS A 96 -93.77 -126.12 -28.85
CA ALA A 97 -94.81 -129.68 -29.55
CA ARG A 98 -97.58 -131.56 -31.33
CA ASP A 99 -99.82 -133.98 -29.43
CA GLY A 100 -99.73 -137.19 -31.42
CA GLY A 101 -103.30 -138.29 -30.68
CA SER A 102 -102.82 -136.39 -27.27
CA SER A 103 -102.27 -134.73 -23.89
CA ALA A 104 -98.67 -134.40 -25.03
CA PRO A 105 -95.79 -134.82 -27.46
CA ASP A 106 -94.64 -136.47 -30.63
CA TYR A 107 -92.84 -133.92 -32.68
CA TRP A 108 -91.02 -130.96 -31.09
CA GLY A 109 -89.72 -127.61 -32.31
CA GLN A 110 -86.20 -126.25 -31.82
CA GLY A 111 -86.80 -123.91 -28.87
CA THR A 112 -86.83 -120.17 -28.35
CA PRO A 113 -84.90 -118.82 -25.29
CA VAL A 114 -86.48 -116.56 -22.70
CA THR A 115 -84.39 -114.65 -20.16
CA VAL A 116 -86.07 -112.73 -17.33
CA SER A 117 -83.61 -110.93 -15.07
CA SER A 118 -83.36 -108.04 -12.66
CA ALA A 119 -80.18 -107.05 -14.51
CA SER A 120 -80.14 -104.47 -17.23
CA THR A 121 -78.01 -104.41 -20.35
CA LYS A 122 -74.38 -103.71 -19.43
CA GLY A 123 -71.48 -103.66 -21.90
CA PRO A 124 -68.29 -105.46 -20.77
CA SER A 125 -65.11 -104.17 -19.30
CA VAL A 126 -62.22 -105.59 -21.32
CA PHE A 127 -58.84 -106.41 -19.72
CA PRO A 128 -55.81 -107.93 -21.35
CA LEU A 129 -54.37 -111.08 -19.75
CA ALA A 130 -50.73 -110.54 -20.57
CA PRO A 131 -48.38 -113.39 -21.48
CA SER A 132 -46.14 -114.24 -18.49
CA SER A 133 -42.32 -114.03 -18.59
CA LYS A 134 -42.26 -117.12 -16.41
CA SER A 135 -41.41 -119.95 -18.73
CA THR A 136 -43.35 -123.18 -18.97
CA SER A 137 -42.19 -126.68 -19.87
CA GLY A 138 -42.99 -126.85 -23.59
CA GLY A 139 -43.51 -124.51 -26.56
CA THR A 140 -46.32 -122.65 -24.82
CA ALA A 141 -47.08 -119.07 -23.95
CA ALA A 142 -50.62 -118.24 -22.95
CA LEU A 143 -52.25 -114.87 -23.40
CA GLY A 144 -55.91 -113.78 -23.34
CA CYS A 145 -58.69 -111.30 -22.64
CA LEU A 146 -60.98 -110.93 -19.66
CA VAL A 147 -64.48 -109.89 -20.64
CA LYS A 148 -65.89 -108.86 -17.40
CA ASP A 149 -69.38 -108.04 -16.01
CA TYR A 150 -71.66 -107.92 -19.06
CA PHE A 151 -75.41 -108.53 -19.63
CA PRO A 152 -76.86 -110.28 -21.38
CA GLN A 153 -75.16 -113.12 -23.23
CA PRO A 154 -73.74 -113.58 -25.62
CA VAL A 155 -70.50 -111.82 -26.50
CA THR A 156 -68.36 -112.36 -29.56
CA VAL A 157 -64.58 -112.54 -29.19
CA SER A 158 -62.19 -113.01 -32.05
CA TRP A 159 -58.38 -112.52 -32.35
CA ASN A 160 -56.47 -110.36 -34.79
CA SER A 161 -59.76 -109.61 -36.33
CA GLY A 162 -60.48 -113.28 -36.73
CA ALA A 163 -57.32 -113.73 -38.77
CA LEU A 164 -56.18 -115.87 -35.82
CA THR A 165 -58.03 -119.02 -35.09
CA SER A 166 -55.18 -121.33 -34.29
CA GLY A 167 -54.99 -122.18 -30.59
CA VAL A 168 -57.72 -119.91 -29.40
CA HIS A 169 -59.83 -121.20 -26.54
CA THR A 170 -62.79 -119.08 -25.36
CA PHE A 171 -64.30 -120.48 -22.18
CA PRO A 172 -67.89 -120.63 -21.11
CA ALA A 173 -68.88 -117.51 -19.21
CA VAL A 174 -69.46 -117.46 -15.41
CA LEU A 175 -72.83 -116.07 -14.14
CA GLN A 176 -71.82 -114.14 -11.10
CA SER A 177 -73.93 -113.39 -8.02
CA SER A 178 -74.32 -109.91 -9.52
CA GLY A 179 -76.48 -111.19 -12.26
CA LEU A 180 -73.67 -110.24 -14.64
CA TYR A 181 -71.43 -112.50 -16.73
CA SER A 182 -67.70 -112.73 -17.24
CA LEU A 183 -65.72 -114.83 -19.71
CA SER A 184 -62.11 -115.50 -20.69
CA SER A 185 -60.63 -116.16 -24.10
CA VAL A 186 -57.04 -117.45 -24.33
CA VAL A 187 -54.55 -118.10 -27.06
CA THR A 188 -51.75 -120.55 -26.50
CA VAL A 189 -48.90 -119.47 -28.78
CA PRO A 190 -45.30 -120.75 -29.25
CA SER A 191 -43.27 -118.58 -26.95
CA SER A 192 -40.87 -117.68 -29.78
CA SER A 193 -43.56 -115.49 -31.42
CA LEU A 194 -44.44 -113.58 -28.31
CA GLY A 195 -42.91 -110.26 -28.98
CA THR A 196 -42.23 -111.07 -32.65
CA GLN A 197 -45.98 -110.65 -33.26
CA THR A 198 -49.09 -108.61 -32.23
CA TYR A 199 -52.23 -109.93 -30.57
CA ILE A 200 -55.43 -108.00 -30.19
CA CYS A 201 -58.74 -109.43 -29.06
CA ASN A 202 -61.84 -107.93 -30.73
CA VAL A 203 -64.83 -107.93 -28.40
CA ASN A 204 -68.33 -107.31 -29.66
CA HIS A 205 -71.29 -107.09 -27.34
CA LYS A 206 -74.22 -106.66 -29.74
CA PRO A 207 -76.98 -106.04 -27.10
CA SER A 208 -75.16 -102.94 -25.80
CA ASN A 209 -73.39 -102.14 -29.02
CA THR A 210 -70.09 -102.20 -27.10
CA LYS A 211 -67.17 -102.91 -29.47
CA VAL A 212 -63.71 -103.02 -27.90
CA ASP A 213 -60.28 -104.04 -29.20
CA LYS A 214 -57.69 -104.75 -26.59
CA ARG A 215 -53.99 -105.06 -27.57
CA VAL A 216 -50.67 -105.96 -26.13
CA GLU A 217 -47.30 -107.25 -24.96
CA PRO A 218 -44.28 -108.30 -22.72
CA GLU B 1 -11.05 -172.41 -27.75
CA VAL B 2 -8.16 -170.55 -29.31
CA GLN B 3 -7.51 -167.26 -27.51
CA LEU B 4 -4.98 -164.60 -28.67
CA VAL B 5 -4.32 -161.61 -26.32
CA GLN B 6 -2.15 -158.68 -27.53
CA SER B 7 -0.23 -156.46 -25.14
CA GLY B 8 2.40 -153.72 -25.10
CA GLY B 9 0.79 -150.92 -27.07
CA GLY B 10 1.43 -147.30 -26.26
CA VAL B 11 1.97 -143.66 -27.22
CA VAL B 12 5.47 -142.72 -28.37
CA GLN B 13 7.28 -140.05 -30.30
CA PRO B 14 8.99 -140.60 -33.70
CA GLY B 15 12.17 -142.64 -33.69
CA ARG B 16 11.34 -144.45 -30.44
CA SER B 17 10.61 -148.15 -29.79
CA LEU B 18 7.93 -150.54 -28.58
CA ARG B 19 7.55 -154.26 -28.14
CA LEU B 20 4.26 -156.05 -28.60
CA SER B 21 3.44 -159.47 -27.25
CA CYS B 22 0.70 -161.94 -28.12
CA SER B 23 0.01 -164.63 -25.62
CA SER B 24 -1.93 -167.68 -26.69
CA SER B 25 -3.93 -170.65 -25.34
CA GLY B 26 -6.34 -173.38 -26.61
CA PHE B 27 -3.99 -174.83 -29.29
CA ILE B 28 -0.55 -176.35 -29.94
CA PHE B 29 1.14 -173.06 -30.57
CA SER B 30 4.30 -174.46 -32.15
CA SER B 31 2.31 -175.97 -35.03
CA TYR B 32 1.05 -172.86 -36.68
CA ALA B 33 2.42 -169.80 -38.46
CA MET B 34 1.52 -166.53 -36.69
CA TYR B 35 0.72 -163.08 -38.11
CA TRP B 36 0.83 -159.42 -37.16
CA VAL B 37 -1.74 -157.19 -38.92
CA ARG B 38 -2.44 -153.54 -38.25
CA GLN B 39 -5.21 -151.01 -38.82
CA ALA B 40 -4.63 -147.25 -39.05
CA PRO B 41 -7.56 -145.18 -37.88
CA GLY B 42 -10.05 -144.83 -40.67
CA LYS B 43 -8.12 -147.16 -42.94
CA GLY B 44 -8.15 -150.83 -43.92
CA LEU B 45 -6.31 -153.96 -42.71
CA GLU B 46 -2.58 -153.98 -43.52
CA TRP B 47 -0.48 -157.16 -43.04
CA VAL B 48 2.78 -156.58 -41.13
CA ALA B 49 4.57 -159.91 -40.78
CA ILE B 50 4.41 -163.70 -40.66
CA ILE B 51 6.62 -166.20 -38.86
CA TRP B 52 6.79 -169.96 -39.52
CA ASP B 53 5.79 -172.56 -36.93
CA ASP B 54 9.44 -173.22 -35.94
CA GLY B 55 10.54 -169.62 -36.55
CA SER B 56 12.90 -170.75 -39.28
CA ASP B 57 11.80 -167.95 -41.52
CA GLN B 58 9.92 -164.67 -41.29
CA HIS B 59 8.49 -162.27 -43.91
CA TYR B 60 7.67 -158.58 -43.66
CA ALA B 61 5.65 -155.84 -45.36
CA ASP B 62 7.93 -153.51 -47.37
CA SER B 63 7.03 -150.49 -45.16
CA VAL B 64 8.37 -152.19 -42.07
CA LYS B 65 11.28 -154.27 -43.18
CA GLY B 66 14.33 -153.62 -41.07
CA ARG B 67 12.54 -151.63 -38.38
CA PHE B 68 10.30 -154.47 -37.13
CA THR B 69 11.30 -157.95 -35.94
CA ILE B 70 8.84 -160.83 -35.52
CA SER B 71 9.92 -163.64 -33.26
CA ARG B 72 8.30 -166.29 -31.12
CA ASN B 73 8.80 -168.40 -28.06
CA ASP B 74 7.15 -171.81 -28.57
CA SER B 75 8.16 -172.62 -25.06
CA LYS B 76 6.01 -169.88 -23.66
CA ASN B 77 3.39 -169.90 -26.48
CA THR B 78 4.09 -166.13 -27.16
CA LEU B 79 4.57 -164.05 -30.26
CA PHE B 80 6.60 -160.81 -30.22
CA LEU B 81 6.83 -157.70 -32.39
CA GLN B 82 9.91 -155.51 -31.78
CA MET B 83 9.16 -152.17 -33.33
CA ASP B 84 12.16 -149.89 -33.79
CA SER B 85 12.50 -146.34 -35.18
CA LEU B 86 8.77 -145.90 -35.19
CA ARG B 87 7.10 -143.47 -37.61
CA PRO B 88 3.78 -141.60 -37.35
CA GLU B 89 2.50 -143.75 -40.20
CA ASP B 90 2.84 -146.74 -37.95
CA THR B 91 -0.04 -145.55 -35.82
CA GLY B 92 -2.75 -148.22 -35.68
CA VAL B 93 -4.37 -151.09 -33.84
CA TYR B 94 -2.14 -154.18 -33.93
CA PHE B 95 -3.64 -157.65 -34.15
CA CYS B 96 -1.98 -160.98 -33.93
CA ALA B 97 -3.57 -163.87 -35.77
CA ARG B 98 -3.07 -167.59 -36.21
CA ASP B 99 -2.43 -169.07 -39.66
CA GLY B 100 -4.95 -171.86 -40.04
CA GLY B 101 -2.79 -174.17 -42.14
CA SER B 102 -2.11 -172.07 -45.03
CA SER B 103 -2.73 -168.69 -46.67
CA ALA B 104 -4.44 -167.82 -43.40
CA PRO B 105 -5.51 -165.85 -40.67
CA ASP B 106 -8.14 -167.89 -38.94
CA TYR B 107 -8.41 -166.71 -35.41
CA TRP B 108 -7.57 -163.13 -34.41
CA GLY B 109 -6.76 -161.32 -31.16
CA GLN B 110 -8.46 -158.18 -29.86
CA GLY B 111 -5.86 -155.58 -30.87
CA THR B 112 -3.41 -153.35 -29.04
CA PRO B 113 -3.30 -149.64 -30.09
CA VAL B 114 -0.09 -147.91 -31.12
CA THR B 115 0.12 -144.12 -31.41
CA VAL B 116 3.24 -142.46 -32.84
CA SER B 117 3.03 -138.67 -32.88
CA SER B 118 5.21 -135.58 -32.94
CA ALA B 119 3.00 -134.24 -30.15
CA SER B 120 3.91 -134.51 -26.51
CA THR B 121 1.60 -135.05 -23.58
CA LYS B 122 -0.46 -131.92 -22.96
CA GLY B 123 -3.19 -131.59 -20.32
CA PRO B 124 -6.43 -129.89 -21.47
CA SER B 125 -7.67 -126.39 -21.03
CA VAL B 126 -11.20 -126.57 -19.62
CA PHE B 127 -13.85 -123.95 -20.51
CA PRO B 128 -17.45 -123.85 -19.41
CA LEU B 129 -20.10 -123.63 -22.16
CA ALA B 130 -22.69 -121.60 -20.30
CA PRO B 131 -26.43 -122.16 -20.72
CA SER B 132 -27.92 -119.46 -22.96
CA SER B 133 -30.68 -117.06 -21.82
CA LYS B 134 -32.11 -117.31 -25.30
CA SER B 135 -35.05 -119.62 -25.01
CA THR B 136 -35.63 -122.62 -27.23
CA SER B 137 -38.89 -124.25 -28.33
CA GLY B 138 -39.27 -127.06 -25.79
CA GLY B 139 -38.15 -127.96 -22.26
CA THR B 140 -34.48 -127.68 -23.18
CA ALA B 141 -31.50 -125.79 -21.90
CA ALA B 142 -28.09 -126.93 -23.04
CA LEU B 143 -24.90 -126.46 -21.10
CA GLY B 144 -21.46 -128.11 -21.40
CA CYS B 145 -17.68 -128.12 -21.14
CA LEU B 146 -15.02 -127.56 -23.77
CA VAL B 147 -11.99 -129.76 -23.28
CA LYS B 148 -9.53 -128.14 -25.47
CA ASP B 149 -6.07 -129.02 -26.93
CA TYR B 150 -5.01 -132.19 -25.08
CA PHE B 151 -2.71 -135.14 -25.94
CA PRO B 152 -3.12 -137.98 -26.00
CA GLN B 153 -6.58 -139.51 -25.87
CA PRO B 154 -8.50 -140.30 -23.95
CA VAL B 155 -10.06 -137.94 -21.43
CA THR B 156 -12.72 -138.75 -18.88
CA VAL B 157 -15.58 -136.30 -18.35
CA SER B 158 -18.35 -136.80 -15.84
CA TRP B 159 -20.97 -134.38 -14.37
CA ASN B 160 -21.65 -133.56 -10.76
CA SER B 161 -19.09 -136.12 -9.95
CA GLY B 162 -20.91 -138.69 -12.01
CA ALA B 163 -24.04 -138.20 -9.93
CA LEU B 164 -25.51 -136.83 -13.18
CA THR B 165 -25.90 -139.16 -16.07
CA SER B 166 -29.28 -138.11 -17.34
CA GLY B 167 -29.06 -136.22 -20.64
CA VAL B 168 -25.33 -136.02 -20.87
CA HIS B 169 -23.86 -136.25 -24.35
CA THR B 170 -20.05 -136.27 -24.72
CA PHE B 171 -19.03 -136.01 -28.35
CA PRO B 172 -16.17 -137.64 -30.16
CA ALA B 173 -13.06 -135.51 -30.00
CA VAL B 174 -11.68 -133.56 -33.00
CA LEU B 175 -8.00 -134.13 -33.99
CA GLN B 176 -6.84 -130.71 -34.92
CA SER B 177 -4.06 -129.76 -37.34
CA SER B 178 -1.97 -129.12 -34.22
CA GLY B 179 -1.80 -132.74 -33.42
CA LEU B 180 -3.88 -131.96 -30.35
CA TYR B 181 -7.45 -133.01 -29.53
CA SER B 182 -10.52 -131.15 -28.36
CA LEU B 183 -13.89 -132.49 -27.24
CA SER B 184 -17.24 -131.22 -25.99
CA SER B 185 -19.58 -132.69 -23.41
CA VAL B 186 -23.12 -131.29 -23.12
CA VAL B 187 -26.04 -131.73 -20.79
CA THR B 188 -29.51 -130.94 -21.99
CA VAL B 189 -31.53 -130.00 -18.90
CA PRO B 190 -35.13 -128.74 -18.40
CA SER B 191 -34.76 -125.00 -18.36
CA SER B 192 -36.68 -124.76 -15.07
CA SER B 193 -33.70 -126.26 -13.18
CA LEU B 194 -31.13 -123.96 -14.65
CA GLY B 195 -30.38 -121.71 -11.78
CA THR B 196 -32.27 -123.91 -9.28
CA GLN B 197 -29.33 -126.38 -9.50
CA THR B 198 -25.51 -126.59 -9.84
CA TYR B 199 -23.58 -128.21 -12.68
CA ILE B 200 -19.88 -128.96 -12.61
CA CYS B 201 -18.01 -131.05 -15.14
CA ASN B 202 -15.16 -133.17 -13.74
CA VAL B 203 -12.36 -133.61 -16.25
CA ASN B 204 -9.65 -136.19 -15.80
CA HIS B 205 -6.75 -136.50 -18.16
CA LYS B 206 -4.85 -139.51 -16.81
CA PRO B 207 -1.78 -139.30 -19.14
CA SER B 208 -0.91 -135.82 -17.83
CA ASN B 209 -2.52 -136.26 -14.46
CA THR B 210 -4.57 -133.11 -15.14
CA LYS B 211 -7.76 -133.11 -13.03
CA VAL B 212 -10.06 -130.09 -13.44
CA ASP B 213 -13.58 -129.30 -12.20
CA LYS B 214 -15.33 -126.51 -13.98
CA ARG B 215 -18.53 -124.98 -12.50
CA VAL B 216 -20.98 -122.69 -13.71
CA GLU B 217 -24.17 -120.71 -14.42
CA PRO B 218 -26.62 -118.17 -16.19
CA GLU C 1 2.75 -155.59 -55.51
CA SER C 2 0.79 -154.17 -52.66
CA VAL C 3 -3.04 -154.23 -52.72
CA LEU C 4 -6.20 -156.13 -53.71
CA THR C 5 -8.87 -153.84 -55.14
CA GLN C 6 -12.41 -153.73 -53.73
CA PRO C 7 -15.26 -151.30 -54.41
CA PRO C 8 -15.46 -148.85 -51.45
CA SER C 9 -19.12 -149.52 -50.97
CA ALA C 10 -21.93 -151.86 -51.78
CA SER C 11 -25.57 -151.30 -50.90
CA GLY C 12 -29.01 -152.72 -51.18
CA THR C 13 -32.37 -153.15 -49.51
CA PRO C 14 -32.96 -155.93 -46.97
CA GLY C 15 -33.46 -159.29 -48.68
CA GLN C 16 -31.72 -158.33 -51.90
CA ARG C 17 -28.67 -160.10 -53.23
CA VAL C 18 -25.55 -158.02 -52.75
CA THR C 19 -22.16 -159.08 -54.06
CA ILE C 20 -18.69 -157.65 -53.48
CA SER C 21 -15.81 -157.96 -55.95
CA CYS C 22 -12.04 -158.20 -55.31
CA THR C 23 -9.68 -157.67 -58.19
CA GLY C 24 -6.12 -158.93 -58.03
CA THR C 25 -3.20 -160.07 -60.21
CA SER C 26 -1.64 -163.28 -61.45
CA SER C 27 -2.23 -166.26 -62.84
CA GLY C 28 -4.32 -165.87 -59.84
CA SER C 29 -1.95 -168.08 -57.86
CA ILE C 30 -3.40 -168.63 -54.41
CA THR C 31 -6.77 -169.05 -52.57
CA VAL C 32 -8.88 -166.12 -51.28
CA ASN C 33 -10.30 -165.50 -47.80
CA TRP C 34 -13.03 -163.02 -46.83
CA TYR C 35 -13.25 -161.23 -43.48
CA GLN C 36 -16.07 -159.32 -41.91
CA GLN C 37 -15.03 -156.49 -39.62
CA LEU C 38 -16.41 -153.69 -37.50
CA PRO C 39 -13.74 -150.92 -37.71
CA GLY C 40 -10.89 -151.16 -35.19
CA MET C 41 -12.35 -154.35 -33.79
CA ALA C 42 -11.17 -157.91 -34.48
CA PRO C 43 -12.15 -159.25 -37.88
CA LYS C 44 -13.79 -162.62 -38.25
CA LEU C 45 -13.14 -165.21 -41.02
CA LEU C 46 -16.27 -165.59 -43.20
CA ILE C 47 -14.91 -167.53 -46.17
CA TYR C 48 -11.65 -169.50 -46.51
CA ARG C 49 -9.99 -171.12 -49.48
CA ASP C 50 -12.19 -169.33 -52.08
CA ALA C 51 -15.50 -170.90 -51.20
CA MET C 52 -15.43 -172.64 -47.85
CA ARG C 53 -17.34 -171.49 -44.80
CA PRO C 54 -16.42 -171.96 -41.14
CA SER C 55 -19.14 -173.34 -38.91
CA GLY C 56 -21.30 -170.59 -37.46
CA VAL C 57 -21.22 -168.58 -40.65
CA PRO C 58 -24.68 -168.29 -42.24
CA THR C 59 -25.52 -170.15 -45.44
CA ARG C 60 -26.29 -166.85 -47.21
CA PHE C 61 -22.60 -166.11 -47.60
CA SER C 62 -20.92 -167.67 -50.58
CA GLY C 63 -17.57 -167.24 -52.25
CA SER C 64 -16.33 -167.52 -55.77
CA LYS C 65 -13.00 -167.23 -57.59
CA SER C 66 -11.85 -167.21 -61.20
CA GLY C 67 -8.60 -166.10 -62.76
CA THR C 68 -7.36 -163.09 -60.89
CA SER C 69 -10.76 -162.12 -59.55
CA ALA C 70 -12.92 -163.20 -56.65
CA SER C 71 -16.24 -162.29 -55.19
CA LEU C 72 -18.31 -162.50 -52.02
CA ALA C 73 -22.12 -163.02 -52.33
CA ILE C 74 -24.62 -162.06 -49.62
CA SER C 75 -27.79 -163.71 -50.56
CA GLY C 76 -30.53 -161.90 -48.78
CA LEU C 77 -29.05 -158.82 -47.13
CA GLU C 78 -29.90 -158.31 -43.47
CA ALA C 79 -29.44 -155.55 -40.97
CA GLU C 80 -26.58 -157.48 -39.33
CA ASP C 81 -24.66 -157.36 -42.59
CA GLU C 82 -23.81 -153.72 -42.25
CA SER C 83 -20.06 -153.94 -41.79
CA ASP C 84 -16.70 -153.79 -43.54
CA TYR C 85 -15.59 -156.70 -45.70
CA TYR C 86 -12.01 -157.56 -46.74
CA CYS C 87 -10.74 -160.15 -49.19
CA ALA C 88 -7.21 -161.53 -48.73
CA SER C 89 -4.56 -163.69 -50.42
CA TRP C 90 -0.90 -164.65 -50.37
CA ASN C 91 1.26 -163.22 -53.11
CA SER C 92 3.82 -165.64 -54.53
CA SER C 93 6.31 -163.18 -56.01
CA ASP C 94 6.29 -160.77 -53.08
CA ASN C 95 6.10 -163.36 -50.36
CA SER C 96 3.44 -161.32 -48.62
CA TYR C 97 -0.08 -161.68 -47.34
CA VAL C 98 -2.18 -159.06 -49.10
CA PHE C 99 -5.45 -157.46 -47.91
CA GLY C 100 -8.10 -155.94 -50.09
CA THR C 101 -8.79 -152.18 -49.75
CA GLY C 102 -12.15 -153.14 -48.31
CA THR C 103 -15.89 -152.56 -48.77
CA LYS C 104 -18.51 -150.98 -46.61
CA VAL C 105 -22.07 -152.29 -46.90
CA THR C 106 -25.12 -150.26 -46.10
CA VAL C 107 -28.60 -151.73 -45.65
CA LEU C 108 -30.63 -149.26 -47.59
CA GLY C 109 -33.61 -147.40 -46.35
CA GLN C 110 -33.76 -146.44 -42.69
CA PRO C 111 -35.70 -143.28 -41.99
CA LYS C 112 -33.93 -140.01 -42.54
CA ALA C 113 -33.45 -138.20 -39.22
CA ASN C 114 -33.01 -134.37 -39.11
CA PRO C 115 -30.11 -133.06 -37.04
CA THR C 116 -30.23 -131.22 -33.69
CA VAL C 117 -27.97 -128.17 -33.84
CA THR C 118 -26.55 -126.72 -30.64
CA LEU C 119 -24.34 -123.63 -30.85
CA PHE C 120 -22.02 -122.15 -28.15
CA PRO C 121 -20.23 -118.79 -28.36
CA PRO C 122 -16.78 -118.27 -26.78
CA SER C 123 -16.43 -118.49 -23.05
CA SER C 124 -15.49 -115.29 -21.17
CA GLU C 125 -12.61 -117.16 -19.57
CA GLU C 126 -11.31 -118.22 -22.93
CA LEU C 127 -11.64 -114.65 -24.22
CA GLN C 128 -9.39 -113.62 -21.33
CA ALA C 129 -6.85 -116.11 -22.54
CA ASN C 130 -7.00 -114.12 -25.78
CA LYS C 131 -8.56 -116.95 -27.80
CA ALA C 132 -12.09 -117.77 -29.10
CA THR C 133 -13.77 -120.97 -30.02
CA LEU C 134 -17.29 -121.27 -31.31
CA VAL C 135 -18.74 -124.77 -31.01
CA CYS C 136 -21.47 -126.24 -33.22
CA LEU C 137 -22.71 -129.61 -32.05
CA ILE C 138 -24.85 -131.72 -34.41
CA SER C 139 -26.66 -134.85 -33.11
CA ASP C 140 -29.22 -137.54 -33.89
CA PHE C 141 -29.00 -137.45 -37.67
CA TYR C 142 -29.36 -140.12 -40.33
CA PRO C 143 -27.81 -140.55 -42.82
CA GLY C 144 -24.30 -139.56 -41.71
CA ALA C 145 -23.71 -136.92 -44.38
CA VAL C 146 -23.77 -133.24 -43.39
CA THR C 147 -22.40 -129.97 -44.60
CA VAL C 148 -21.49 -127.39 -42.03
CA ALA C 149 -20.92 -123.74 -42.90
CA TRP C 150 -19.97 -120.83 -40.71
CA LYS C 151 -21.26 -117.36 -41.38
CA ALA C 152 -20.49 -113.99 -39.79
CA ASP C 153 -23.15 -111.31 -40.24
CA GLY C 154 -24.09 -111.72 -43.89
CA SER C 155 -20.96 -113.61 -44.92
CA PRO C 156 -19.16 -116.96 -45.12
CA VAL C 157 -16.38 -117.52 -42.57
CA LYS C 158 -13.01 -118.17 -44.28
CA ALA C 159 -10.73 -120.28 -42.15
CA GLY C 160 -10.33 -121.58 -38.63
CA VAL C 161 -12.99 -124.26 -39.02
CA GLU C 162 -12.36 -127.84 -37.76
CA THR C 163 -15.18 -130.32 -38.49
CA THR C 164 -15.30 -133.97 -37.34
CA LYS C 165 -16.38 -136.79 -39.57
CA PRO C 166 -19.72 -138.06 -38.40
CA SER C 167 -19.70 -141.04 -36.12
CA LYS C 168 -22.40 -143.50 -35.45
CA GLN C 169 -23.91 -143.74 -32.00
CA SER C 170 -25.43 -146.85 -30.39
CA ASN C 171 -28.56 -145.01 -31.44
CA ASN C 172 -27.88 -145.94 -35.08
CA LYS C 173 -27.85 -142.21 -35.65
CA TYR C 174 -24.84 -139.96 -36.13
CA ALA C 175 -23.02 -137.13 -34.34
CA ALA C 176 -20.56 -134.48 -35.42
CA SER C 177 -18.89 -131.35 -34.07
CA SER C 178 -17.56 -128.24 -35.73
CA TYR C 179 -15.18 -125.73 -34.17
CA LEU C 180 -14.50 -122.23 -35.32
CA SER C 181 -11.36 -120.56 -34.10
CA LEU C 182 -11.11 -116.80 -33.95
CA THR C 183 -9.56 -113.95 -32.16
CA PRO C 184 -11.60 -112.16 -29.54
CA GLU C 185 -11.37 -109.16 -31.82
CA GLN C 186 -12.83 -110.94 -34.86
CA TRP C 187 -15.49 -112.30 -32.53
CA LYS C 188 -16.31 -108.87 -31.27
CA SER C 189 -16.12 -107.12 -34.59
CA HIS C 190 -19.34 -108.74 -35.91
CA ARG C 191 -22.93 -108.57 -34.74
CA SER C 192 -23.73 -112.23 -35.28
CA TYR C 193 -22.25 -115.63 -35.92
CA SER C 194 -24.08 -118.59 -37.50
CA CYS C 195 -23.58 -122.28 -37.81
CA GLN C 196 -25.52 -123.66 -40.71
CA VAL C 197 -26.02 -127.36 -41.23
CA THR C 198 -27.34 -128.84 -44.45
CA HIS C 199 -28.64 -132.38 -44.35
CA GLU C 200 -30.48 -134.02 -47.21
CA GLY C 201 -31.61 -130.75 -48.81
CA SER C 202 -32.70 -129.30 -45.48
CA THR C 203 -30.66 -126.42 -43.85
CA VAL C 204 -30.82 -125.55 -40.16
CA GLU C 205 -29.18 -122.41 -38.82
CA LYS C 206 -28.37 -121.38 -35.26
CA THR C 207 -27.15 -117.89 -34.33
CA VAL C 208 -25.09 -116.46 -31.38
CA ALA C 209 -24.01 -112.85 -30.61
CA PRO C 210 -21.40 -111.32 -28.35
CA THR C 211 -24.49 -110.04 -26.38
CA GLU C 212 -25.32 -113.04 -24.26
CA CYS C 213 -27.93 -114.47 -26.62
CA SER C 214 -13.64 -108.26 -14.32
CA ALA C 215 -13.96 -105.74 -11.50
CA SER C 216 -12.92 -106.47 -7.98
CA THR C 217 -14.53 -105.26 -4.77
CA LYS C 218 -13.91 -101.53 -4.33
CA GLY C 219 -15.30 -99.41 -1.49
CA PRO C 220 -16.72 -96.01 -2.51
CA SER C 221 -15.27 -92.57 -2.36
CA VAL C 222 -17.77 -90.31 -0.59
CA PHE C 223 -18.13 -86.61 -1.51
CA PRO C 224 -20.55 -84.10 -0.08
CA LEU C 225 -22.77 -82.23 -2.56
CA ALA C 226 -23.06 -78.95 -0.71
CA PRO C 227 -26.25 -76.88 -0.69
CA SER C 228 -25.90 -73.91 -3.08
CA SER C 229 -26.19 -70.26 -1.95
CA LYS C 230 -27.93 -69.56 -5.23
CA SER C 231 -31.58 -69.31 -4.36
CA THR C 232 -34.32 -71.19 -6.16
CA SER C 233 -37.97 -70.25 -6.73
CA GLY C 234 -39.72 -72.02 -3.85
CA GLY C 235 -38.94 -73.37 -0.37
CA THR C 236 -36.19 -75.64 -1.68
CA ALA C 237 -32.55 -76.19 -0.93
CA ALA C 238 -30.97 -79.35 -2.26
CA LEU C 239 -28.02 -81.10 -0.71
CA GLY C 240 -26.62 -84.63 -1.16
CA CYS C 241 -23.80 -87.16 -1.27
CA LEU C 242 -21.87 -88.57 -4.20
CA VAL C 243 -21.01 -92.23 -3.75
CA LYS C 244 -18.47 -92.72 -6.37
CA ASP C 245 -16.72 -95.71 -8.03
CA TYR C 246 -17.74 -98.75 -5.94
CA PHE C 247 -18.13 -102.49 -6.67
CA PRO C 248 -20.31 -104.33 -6.36
CA GLN C 249 -23.85 -103.14 -5.71
CA PRO C 250 -25.50 -102.41 -3.53
CA VAL C 251 -24.71 -99.56 -1.17
CA THR C 252 -26.81 -98.33 1.71
CA VAL C 253 -27.22 -94.59 2.25
CA SER C 254 -29.21 -93.04 5.04
CA TRP C 255 -29.32 -89.47 6.47
CA ASN C 256 -28.73 -88.32 10.02
CA SER C 257 -28.41 -91.92 10.86
CA GLY C 258 -31.75 -92.66 9.31
CA ALA C 259 -33.43 -90.16 11.63
CA LEU C 260 -34.10 -88.23 8.40
CA THR C 261 -36.36 -89.75 5.84
CA SER C 262 -38.35 -86.75 4.80
CA GLY C 263 -37.44 -85.55 1.29
CA VAL C 264 -34.58 -87.91 0.67
CA HIS C 265 -34.19 -89.13 -2.88
CA THR C 266 -31.46 -91.71 -3.62
CA PHE C 267 -31.09 -92.27 -7.34
CA PRO C 268 -30.34 -95.44 -9.21
CA ALA C 269 -26.61 -95.92 -9.62
CA VAL C 270 -24.77 -95.47 -12.95
CA LEU C 271 -22.58 -98.39 -14.22
CA GLN C 272 -19.62 -96.62 -15.65
CA SER C 273 -17.32 -97.84 -18.43
CA SER C 274 -14.88 -98.69 -15.63
CA GLY C 275 -17.02 -101.48 -14.43
CA LEU C 276 -17.56 -99.43 -11.29
CA TYR C 277 -20.76 -97.81 -10.00
CA SER C 278 -21.62 -94.35 -8.77
CA LEU C 279 -24.81 -93.06 -7.16
CA SER C 280 -26.24 -89.86 -5.75
CA SER C 281 -28.55 -89.33 -2.79
CA VAL C 282 -30.19 -85.92 -2.32
CA VAL C 283 -32.28 -84.24 0.32
CA THR C 284 -34.50 -81.36 -0.61
CA VAL C 285 -34.89 -79.24 2.53
CA PRO C 286 -36.64 -75.89 3.22
CA SER C 287 -33.90 -73.35 2.80
CA SER C 288 -34.65 -71.82 6.21
CA SER C 289 -33.16 -74.90 7.96
CA LEU C 290 -29.98 -74.93 6.00
CA GLY C 291 -27.50 -73.71 8.49
CA THR C 292 -29.97 -74.02 11.40
CA GLN C 293 -29.46 -77.82 11.18
CA THR C 294 -26.84 -80.56 10.49
CA TYR C 295 -26.91 -83.11 7.69
CA ILE C 296 -24.68 -86.13 7.48
CA CYS C 297 -25.06 -88.98 5.03
CA ASN C 298 -24.15 -92.44 6.39
CA VAL C 299 -22.76 -94.69 3.67
CA ASN C 300 -22.39 -98.42 4.15
CA HIS C 301 -20.81 -100.64 1.56
CA LYS C 302 -21.20 -104.11 3.07
CA PRO C 303 -19.15 -106.07 0.44
CA SER C 304 -16.02 -104.02 1.24
CA ASN C 305 -16.98 -103.21 4.78
CA THR C 306 -16.52 -99.50 3.94
CA LYS C 307 -18.55 -97.33 6.34
CA VAL C 308 -18.31 -93.56 5.81
CA ASP C 309 -20.20 -90.60 7.29
CA LYS C 310 -19.91 -87.38 5.38
CA ARG C 311 -21.05 -84.08 6.99
CA VAL C 312 -21.36 -81.79 3.79
CA GLU C 313 -20.97 -78.09 4.05
CA PRO C 314 -20.47 -75.08 1.74
CA LEU C 315 -31.97 -71.91 -5.96
CA SER C 316 -30.55 -68.46 -6.58
CA LEU C 317 -31.37 -64.75 -6.56
CA PRO C 318 -30.39 -61.16 -6.27
CA SER C 319 -29.14 -58.26 -4.20
CA VAL C 320 -30.93 -55.30 -2.56
CA PHE C 321 -29.44 -51.78 -2.11
CA LEU C 322 -31.19 -49.03 -0.13
CA PHE C 323 -30.12 -45.46 -0.83
CA PRO C 324 -30.89 -42.38 1.34
CA PRO C 325 -31.92 -38.87 0.24
CA LYS C 326 -29.42 -36.16 -0.60
CA PRO C 327 -29.02 -33.59 2.16
CA LYS C 328 -29.97 -30.51 0.17
CA ASP C 329 -33.27 -32.10 -0.73
CA THR C 330 -34.24 -32.79 2.87
CA LEU C 331 -33.01 -29.45 4.25
CA MET C 332 -34.98 -27.61 1.61
CA ILE C 333 -38.76 -27.67 2.10
CA SER C 334 -38.94 -26.81 -1.55
CA ARG C 335 -37.35 -30.15 -2.58
CA THR C 336 -37.94 -33.89 -2.88
CA PRO C 337 -36.25 -36.47 -0.60
CA GLU C 338 -36.63 -40.03 -1.79
CA VAL C 339 -35.28 -43.25 -0.36
CA THR C 340 -34.40 -45.44 -3.34
CA CYS C 341 -34.46 -49.24 -3.47
CA VAL C 342 -32.45 -51.02 -6.17
CA VAL C 343 -32.51 -54.77 -6.91
CA VAL C 344 -29.66 -56.30 -8.94
CA ASP C 345 -28.97 -59.88 -10.22
CA VAL C 346 -32.75 -60.42 -10.32
CA SER C 347 -32.62 -62.75 -13.37
CA HIS C 348 -34.58 -63.69 -16.53
CA GLU C 349 -36.12 -66.81 -15.09
CA ASP C 350 -37.49 -65.10 -11.97
CA PRO C 351 -37.89 -61.35 -12.85
CA GLN C 352 -40.77 -61.17 -10.37
CA VAL C 353 -39.79 -58.65 -7.74
CA LYS C 354 -42.30 -57.54 -5.12
CA PHE C 355 -41.63 -54.53 -2.89
CA ASN C 356 -42.81 -53.86 0.70
CA TRP C 357 -42.04 -50.31 1.99
CA TYR C 358 -42.38 -49.81 5.76
CA VAL C 359 -41.98 -46.43 7.41
CA ASP C 360 -40.84 -46.70 10.96
CA GLY C 361 -43.02 -49.67 11.47
CA VAL C 362 -46.05 -48.95 9.39
CA GLN C 363 -46.24 -50.33 5.91
CA VAL C 364 -46.75 -47.09 4.05
CA HIS C 365 -48.05 -49.49 1.48
CA ASN C 366 -48.29 -47.32 -1.53
CA ALA C 367 -47.49 -43.88 -0.21
CA LYS C 368 -46.19 -43.00 -3.60
CA THR C 369 -43.79 -45.87 -4.24
CA LYS C 370 -42.80 -46.32 -7.86
CA PRO C 371 -40.91 -49.31 -9.50
CA ARG C 372 -39.85 -50.36 -13.12
CA GLU C 373 -37.87 -53.23 -14.89
CA GLN C 374 -34.51 -52.76 -16.75
CA GLN C 375 -32.87 -55.44 -18.91
CA TYR C 376 -29.18 -55.38 -18.04
CA ASN C 377 -25.94 -57.32 -18.13
CA SER C 378 -27.37 -60.74 -18.78
CA THR C 379 -30.00 -60.11 -16.09
CA TYR C 380 -32.62 -57.63 -14.78
CA ARG C 381 -32.56 -54.44 -12.67
CA VAL C 382 -35.61 -53.31 -10.70
CA VAL C 383 -35.79 -49.98 -8.87
CA SER C 384 -38.53 -48.58 -6.69
CA VAL C 385 -38.70 -45.18 -4.98
CA LEU C 386 -40.41 -43.97 -1.81
CA THR C 387 -40.80 -40.20 -1.52
CA VAL C 388 -39.61 -39.25 1.98
CA LEU C 389 -41.35 -36.67 4.10
CA HIS C 390 -38.77 -34.12 5.22
CA GLN C 391 -39.83 -34.05 8.86
CA ASN C 392 -40.02 -37.84 9.17
CA TRP C 393 -36.49 -37.95 7.84
CA LEU C 394 -35.14 -35.29 10.14
CA ASP C 395 -36.73 -36.91 13.23
CA GLY C 396 -35.02 -40.19 12.37
CA LYS C 397 -37.66 -42.68 11.17
CA GLU C 398 -36.78 -46.11 9.97
CA TYR C 399 -37.29 -46.90 6.31
CA LYS C 400 -37.53 -50.57 5.42
CA CYS C 401 -37.43 -51.90 1.87
CA LYS C 402 -38.47 -55.55 1.99
CA VAL C 403 -38.24 -57.34 -1.32
CA SER C 404 -39.87 -60.64 -2.28
CA ASN C 405 -38.84 -62.67 -5.39
CA LYS C 406 -39.47 -66.45 -5.85
CA ALA C 407 -35.79 -67.10 -6.69
CA LEU C 408 -34.54 -65.53 -3.50
CA PRO C 409 -35.51 -68.01 -0.72
CA ALA C 410 -36.32 -65.49 2.02
CA PRO C 411 -37.23 -61.86 1.29
CA ILE C 412 -34.45 -59.34 1.73
CA GLU C 413 -35.09 -56.54 4.15
CA LYS C 414 -32.96 -53.38 4.20
CA THR C 415 -33.64 -50.59 6.68
CA ILE C 416 -32.37 -47.01 6.73
CA SER C 417 -32.39 -43.74 8.77
CA LYS C 418 -30.08 -40.92 9.65
CA ALA C 419 -27.09 -41.10 11.97
CA LYS C 420 -26.34 -42.00 15.53
CA GLY C 421 -24.91 -39.73 18.08
CA GLN C 422 -25.38 -36.21 19.32
CA PRO C 423 -25.25 -33.64 16.52
CA ARG C 424 -22.56 -30.95 16.34
CA GLU C 425 -22.70 -27.49 14.65
CA PRO C 426 -20.39 -27.11 11.65
CA GLN C 427 -17.74 -24.42 11.89
CA VAL C 428 -17.45 -22.75 8.44
CA TYR C 429 -14.28 -20.74 7.56
CA THR C 430 -13.61 -19.37 4.08
CA LEU C 431 -10.00 -19.24 2.89
CA PRO C 432 -8.69 -16.96 0.12
CA PRO C 433 -6.02 -18.22 -2.36
CA SER C 434 -2.30 -18.48 -1.56
CA ARG C 435 -0.03 -15.68 -2.74
CA GLU C 436 1.74 -18.06 -5.03
CA GLU C 437 -1.42 -19.19 -6.73
CA MET C 438 -1.84 -15.67 -7.97
CA THR C 439 1.07 -16.52 -10.25
CA LYS C 440 -1.46 -18.84 -11.86
CA ASN C 441 -4.18 -18.05 -14.34
CA GLN C 442 -6.90 -19.47 -12.13
CA VAL C 443 -7.17 -19.35 -8.35
CA SER C 444 -8.65 -21.67 -5.73
CA LEU C 445 -11.30 -20.56 -3.23
CA THR C 446 -11.53 -22.82 -0.18
CA CYS C 447 -14.03 -23.28 2.53
CA LEU C 448 -13.43 -25.54 5.55
CA VAL C 449 -16.39 -27.13 7.31
CA LYS C 450 -15.11 -28.67 10.51
CA GLY C 451 -16.18 -30.29 13.78
CA PHE C 452 -19.64 -31.38 12.47
CA TYR C 453 -21.74 -34.48 13.19
CA PRO C 454 -23.36 -36.57 11.74
CA SER C 455 -21.67 -36.58 8.39
CA ASP C 456 -24.83 -35.71 6.51
CA ILE C 457 -24.23 -32.28 5.02
CA ALA C 458 -24.72 -30.26 1.82
CA VAL C 459 -22.13 -27.61 0.69
CA GLU C 460 -22.63 -25.29 -2.31
CA TRP C 461 -21.10 -22.13 -3.84
CA GLU C 462 -22.63 -18.83 -5.05
CA SER C 463 -21.35 -15.67 -6.69
CA ASN C 464 -24.64 -13.78 -6.12
CA GLY C 465 -28.21 -14.87 -6.54
CA GLN C 466 -26.25 -16.95 -9.03
CA PRO C 467 -25.05 -20.46 -8.30
CA GLU C 468 -21.59 -21.51 -9.49
CA ASN C 469 -20.18 -24.41 -11.44
CA ASN C 470 -16.53 -25.04 -11.06
CA TYR C 471 -16.37 -26.54 -7.59
CA LYS C 472 -15.50 -29.84 -5.97
CA THR C 473 -16.07 -31.16 -2.44
CA THR C 474 -14.00 -33.81 -0.59
CA PRO C 475 -15.69 -36.62 1.26
CA PRO C 476 -16.32 -35.98 4.96
CA VAL C 477 -13.23 -37.09 6.81
CA LEU C 478 -13.45 -38.27 10.37
CA ASP C 479 -11.17 -36.02 12.35
CA SER C 480 -9.59 -36.78 15.70
CA ASP C 481 -12.46 -35.34 17.81
CA GLY C 482 -14.72 -37.98 16.45
CA SER C 483 -16.12 -35.08 14.51
CA PHE C 484 -16.04 -34.63 10.73
CA PHE C 485 -14.26 -32.26 8.32
CA LEU C 486 -14.36 -31.35 4.68
CA TYR C 487 -12.92 -28.83 2.30
CA SER C 488 -14.65 -27.49 -0.73
CA LYS C 489 -12.80 -25.95 -3.66
CA LEU C 490 -14.23 -23.28 -5.97
CA THR C 491 -11.94 -22.51 -8.89
CA VAL C 492 -12.19 -19.04 -10.44
CA ASP C 493 -10.47 -16.85 -13.05
CA LYS C 494 -7.76 -14.74 -11.34
CA SER C 495 -9.47 -11.67 -12.72
CA ARG C 496 -12.93 -11.98 -11.10
CA TRP C 497 -11.41 -12.27 -7.67
CA GLN C 498 -9.47 -9.12 -8.38
CA GLN C 499 -12.57 -7.44 -9.77
CA GLY C 500 -13.63 -7.66 -6.12
CA ASN C 501 -16.34 -10.29 -6.39
CA VAL C 502 -17.99 -11.90 -3.39
CA PHE C 503 -18.20 -15.66 -3.38
CA SER C 504 -20.11 -17.49 -0.66
CA CYS C 505 -20.03 -20.98 0.63
CA SER C 506 -23.41 -22.23 1.74
CA VAL C 507 -23.51 -25.06 4.30
CA MET C 508 -26.63 -27.08 5.24
CA HIS C 509 -26.62 -29.30 8.31
CA GLU C 510 -28.87 -30.75 11.03
CA ALA C 511 -27.25 -28.57 13.68
CA LEU C 512 -27.25 -25.23 11.94
CA HIS C 513 -29.55 -22.42 13.14
CA ASN C 514 -31.94 -22.47 10.29
CA HIS C 515 -30.41 -25.64 8.85
CA TYR C 516 -28.43 -23.20 6.80
CA THR C 517 -25.40 -20.94 7.06
CA GLN C 518 -23.38 -19.04 4.57
CA LYS C 519 -19.87 -17.63 4.88
CA SER C 520 -18.44 -15.16 2.32
CA LEU C 521 -15.15 -14.50 0.44
CA SER C 522 -13.88 -11.46 -1.45
CA LEU C 523 -10.75 -9.51 -2.38
CA GLU D 1 -99.37 -133.29 -8.00
CA SER D 2 -96.32 -132.07 -9.80
CA VAL D 3 -93.50 -134.50 -10.70
CA LEU D 4 -92.54 -138.01 -11.83
CA THR D 5 -89.48 -139.34 -10.01
CA GLN D 6 -86.41 -140.62 -11.86
CA PRO D 7 -82.97 -141.55 -10.55
CA PRO D 8 -80.58 -138.64 -11.39
CA SER D 9 -78.12 -140.94 -13.03
CA ALA D 10 -77.65 -144.39 -14.48
CA SER D 11 -74.36 -145.82 -15.69
CA GLY D 12 -72.72 -148.83 -17.14
CA THR D 13 -70.05 -150.14 -19.48
CA PRO D 14 -70.67 -150.41 -23.23
CA GLY D 15 -72.79 -153.47 -24.05
CA GLN D 16 -74.30 -153.81 -20.60
CA ARG D 17 -78.00 -153.64 -19.92
CA VAL D 18 -78.95 -150.35 -18.30
CA THR D 19 -82.47 -149.59 -17.13
CA ILE D 20 -84.06 -146.37 -15.90
CA SER D 21 -87.01 -146.22 -13.50
CA CYS D 22 -89.82 -143.63 -13.24
CA THR D 23 -91.99 -143.63 -10.16
CA GLY D 24 -95.39 -141.98 -10.20
CA THR D 25 -98.81 -142.07 -8.51
CA SER D 26 -102.27 -143.49 -9.11
CA SER D 27 -103.27 -147.06 -9.58
CA GLY D 28 -101.44 -145.51 -12.54
CA SER D 29 -104.09 -144.01 -14.81
CA ILE D 30 -102.48 -143.14 -18.12
CA THR D 31 -99.75 -144.33 -20.59
CA VAL D 32 -96.06 -143.36 -20.32
CA ASN D 33 -93.75 -141.85 -22.95
CA TRP D 34 -89.94 -141.67 -22.84
CA TYR D 35 -87.85 -138.90 -24.38
CA GLN D 36 -84.18 -138.71 -25.11
CA GLN D 37 -82.65 -135.26 -24.91
CA LEU D 38 -79.38 -133.41 -25.17
CA PRO D 39 -79.73 -130.46 -22.73
CA GLY D 40 -81.38 -127.32 -24.12
CA MET D 41 -81.90 -129.02 -27.45
CA ALA D 42 -85.14 -130.54 -28.77
CA PRO D 43 -86.07 -133.87 -27.22
CA LYS D 44 -86.99 -136.83 -29.33
CA LEU D 45 -89.75 -139.41 -28.62
CA LEU D 46 -88.18 -142.82 -27.93
CA ILE D 47 -91.13 -144.76 -26.50
CA TYR D 48 -94.87 -143.97 -26.65
CA ARG D 49 -97.85 -145.55 -24.95
CA ASP D 50 -95.74 -147.54 -22.41
CA ALA D 51 -94.01 -149.85 -24.82
CA MET D 52 -94.30 -148.71 -28.40
CA ARG D 53 -91.40 -147.48 -30.49
CA PRO D 54 -91.46 -144.98 -33.35
CA SER D 55 -89.71 -146.04 -36.53
CA GLY D 56 -86.05 -145.09 -36.51
CA VAL D 57 -85.67 -145.91 -32.85
CA PRO D 58 -83.30 -148.84 -32.28
CA THR D 59 -84.59 -152.22 -31.15
CA ARG D 60 -82.43 -152.06 -28.01
CA PHE D 61 -84.84 -149.63 -26.40
CA SER D 62 -87.80 -151.17 -24.64
CA GLY D 63 -90.45 -149.86 -22.31
CA SER D 64 -92.44 -151.35 -19.50
CA LYS D 65 -95.20 -150.23 -17.14
CA SER D 66 -96.96 -151.66 -14.09
CA GLY D 67 -99.09 -150.01 -11.47
CA THR D 68 -97.71 -146.59 -10.80
CA SER D 69 -94.25 -147.38 -12.05
CA ALA D 70 -92.56 -147.55 -15.43
CA SER D 71 -89.15 -148.27 -16.78
CA LEU D 72 -86.94 -147.76 -19.83
CA ALA D 73 -84.48 -150.57 -20.81
CA ILE D 74 -81.35 -149.99 -22.89
CA SER D 75 -80.22 -153.36 -23.92
CA GLY D 76 -76.61 -153.05 -24.84
CA LEU D 77 -75.42 -149.58 -23.90
CA GLU D 78 -73.56 -147.67 -26.60
CA ALA D 79 -71.59 -144.46 -26.74
CA GLU D 80 -74.52 -142.73 -28.47
CA ASP D 81 -76.70 -143.41 -25.46
CA GLU D 82 -75.01 -140.81 -23.34
CA SER D 83 -77.85 -138.35 -22.92
CA ASP D 84 -80.71 -137.24 -20.69
CA TYR D 85 -83.87 -139.33 -20.52
CA TYR D 86 -87.33 -138.19 -19.40
CA CYS D 87 -90.48 -140.19 -18.78
CA ALA D 88 -93.86 -138.45 -19.12
CA SER D 89 -97.59 -138.93 -18.50
CA TRP D 90 -100.91 -137.13 -18.23
CA ASN D 91 -102.33 -136.71 -14.77
CA SER D 92 -106.09 -137.21 -14.52
CA SER D 93 -106.82 -135.28 -11.33
CA ASP D 94 -104.60 -132.33 -12.13
CA ASN D 95 -105.37 -132.15 -15.80
CA SER D 96 -101.70 -131.70 -16.54
CA TYR D 97 -98.95 -133.30 -18.57
CA VAL D 98 -96.21 -134.30 -16.16
CA PHE D 99 -92.48 -134.78 -16.89
CA GLY D 100 -90.11 -136.94 -14.93
CA THR D 101 -87.19 -135.22 -13.11
CA GLY D 102 -84.91 -136.93 -15.58
CA THR D 103 -81.86 -139.21 -15.76
CA LYS D 104 -78.39 -138.73 -17.11
CA VAL D 105 -76.60 -141.78 -18.51
CA THR D 106 -72.87 -142.14 -18.62
CA VAL D 107 -71.04 -144.77 -20.67
CA LEU D 108 -68.49 -145.91 -18.20
CA GLY D 109 -64.81 -146.05 -18.74
CA GLN D 110 -63.19 -143.47 -20.99
CA PRO D 111 -59.63 -142.63 -20.09
CA LYS D 112 -59.08 -140.19 -17.30
CA ALA D 113 -57.52 -136.98 -18.62
CA ASN D 114 -55.47 -134.67 -16.30
CA PRO D 115 -56.34 -130.98 -16.41
CA THR D 116 -54.28 -128.11 -17.90
CA VAL D 117 -54.15 -125.24 -15.42
CA THR D 118 -53.53 -121.71 -16.65
CA LEU D 119 -53.35 -118.88 -14.12
CA PHE D 120 -53.51 -115.08 -14.74
CA PRO D 121 -52.85 -112.37 -12.14
CA PRO D 122 -54.71 -109.04 -12.22
CA SER D 123 -54.19 -106.70 -15.11
CA SER D 124 -52.47 -103.36 -14.41
CA GLU D 125 -55.38 -101.59 -16.06
CA GLU D 126 -57.83 -103.35 -13.82
CA LEU D 127 -55.72 -102.48 -10.79
CA GLN D 128 -56.06 -98.85 -11.82
CA ALA D 129 -59.80 -99.28 -11.80
CA ASN D 130 -59.26 -100.27 -8.16
CA LYS D 131 -60.32 -103.89 -8.69
CA ALA D 132 -58.51 -107.27 -9.02
CA THR D 133 -59.44 -110.48 -10.64
CA LEU D 134 -57.29 -113.60 -10.68
CA VAL D 135 -58.28 -116.11 -13.36
CA CYS D 136 -57.69 -119.86 -13.20
CA LEU D 137 -58.54 -121.66 -16.40
CA ILE D 138 -58.80 -125.47 -16.38
CA SER D 139 -59.04 -127.42 -19.67
CA ASP D 140 -58.96 -130.86 -21.29
CA PHE D 141 -60.01 -132.93 -18.30
CA TYR D 142 -62.04 -136.11 -17.96
CA PRO D 143 -64.07 -136.86 -15.95
CA GLY D 144 -65.82 -133.52 -15.36
CA ALA D 145 -65.32 -133.38 -11.60
CA VAL D 146 -62.77 -130.94 -10.17
CA THR D 147 -62.09 -129.14 -6.94
CA VAL D 148 -60.56 -125.71 -7.15
CA ALA D 149 -58.97 -124.01 -4.17
CA TRP D 150 -57.35 -120.62 -3.86
CA LYS D 151 -54.43 -120.04 -1.58
CA ALA D 152 -52.52 -116.87 -0.59
CA ASP D 153 -49.00 -117.41 0.73
CA GLY D 154 -49.45 -120.37 3.04
CA SER D 155 -53.22 -120.03 3.45
CA PRO D 156 -56.67 -120.75 2.02
CA VAL D 157 -58.47 -117.82 0.39
CA LYS D 158 -61.81 -117.08 2.11
CA ALA D 159 -64.29 -115.50 -0.23
CA GLY D 160 -64.52 -113.82 -3.61
CA VAL D 161 -64.27 -117.08 -5.55
CA GLU D 162 -66.62 -117.77 -8.51
CA THR D 163 -66.21 -121.22 -10.12
CA THR D 164 -68.07 -122.48 -13.21
CA LYS D 165 -69.54 -125.92 -13.45
CA PRO D 166 -67.53 -127.96 -15.91
CA SER D 167 -68.81 -128.11 -19.43
CA LYS D 168 -68.12 -130.65 -22.07
CA GLN D 169 -66.28 -129.64 -25.20
CA SER D 170 -66.64 -131.22 -28.65
CA ASN D 171 -63.44 -132.83 -27.49
CA ASN D 172 -65.41 -135.05 -25.12
CA LYS D 173 -63.29 -133.46 -22.43
CA TYR D 174 -64.30 -130.73 -19.99
CA ALA D 175 -63.48 -127.08 -19.24
CA ALA D 176 -63.97 -124.85 -16.24
CA SER D 177 -62.97 -121.40 -14.99
CA SER D 178 -62.47 -119.97 -11.54
CA TYR D 179 -62.32 -116.28 -10.66
CA LEU D 180 -60.97 -114.75 -7.52
CA SER D 181 -62.00 -111.23 -6.70
CA LEU D 182 -59.86 -109.06 -4.50
CA THR D 183 -58.83 -105.57 -3.80
CA PRO D 184 -55.55 -104.34 -5.21
CA GLU D 185 -54.44 -104.02 -1.61
CA GLN D 186 -55.19 -107.65 -0.71
CA TRP D 187 -53.45 -108.60 -3.92
CA LYS D 188 -50.42 -106.59 -3.04
CA SER D 189 -50.31 -107.55 0.60
CA HIS D 190 -49.22 -111.16 -0.12
CA ARG D 191 -46.13 -112.58 -1.78
CA SER D 192 -47.91 -115.28 -3.75
CA TYR D 193 -51.27 -116.50 -4.95
CA SER D 194 -52.11 -120.08 -5.95
CA CYS D 195 -54.81 -121.86 -7.81
CA GLN D 196 -54.92 -125.49 -6.89
CA VAL D 197 -56.94 -128.03 -8.83
CA THR D 198 -57.66 -131.52 -7.56
CA HIS D 199 -58.84 -134.07 -10.07
CA GLU D 200 -59.16 -137.75 -9.31
CA GLY D 201 -56.70 -137.73 -6.40
CA SER D 202 -54.17 -135.66 -8.32
CA THR D 203 -53.53 -131.96 -7.36
CA VAL D 204 -51.97 -129.42 -9.69
CA GLU D 205 -50.95 -125.99 -8.44
CA LYS D 206 -50.04 -122.84 -10.36
CA THR D 207 -48.58 -119.74 -8.68
CA VAL D 208 -48.51 -115.97 -9.59
CA ALA D 209 -46.91 -112.99 -7.76
CA PRO D 210 -47.39 -109.26 -7.95
CA THR D 211 -43.81 -109.32 -9.43
CA GLU D 212 -44.48 -110.14 -13.03
CA CYS D 213 -43.97 -113.89 -12.68
CA SER D 214 -51.58 -94.78 -14.83
CA ALA D 215 -49.09 -91.91 -14.81
CA SER D 216 -49.66 -88.70 -16.67
CA THR D 217 -47.09 -86.52 -18.39
CA LYS D 218 -44.89 -84.81 -15.82
CA GLY D 219 -41.91 -82.56 -16.63
CA PRO D 220 -38.76 -83.17 -14.55
CA SER D 221 -37.38 -81.37 -11.58
CA VAL D 222 -33.75 -80.51 -12.29
CA PHE D 223 -31.13 -80.42 -9.51
CA PRO D 224 -27.43 -79.75 -9.84
CA LEU D 225 -25.04 -82.36 -8.39
CA ALA D 226 -22.24 -80.07 -7.34
CA PRO D 227 -18.57 -81.05 -7.61
CA SER D 228 -17.23 -82.02 -4.16
CA SER D 229 -14.30 -80.22 -2.47
CA LYS D 230 -13.22 -83.58 -1.14
CA SER D 231 -10.32 -84.60 -3.31
CA THR D 232 -10.03 -87.96 -5.01
CA SER D 233 -6.95 -89.98 -5.96
CA GLY D 234 -6.40 -88.96 -9.58
CA GLY D 235 -7.21 -86.10 -11.95
CA THR D 236 -10.95 -86.45 -11.36
CA ALA D 237 -13.74 -84.19 -10.26
CA ALA D 238 -17.28 -85.37 -10.85
CA LEU D 239 -20.25 -83.12 -11.33
CA GLY D 240 -23.74 -83.77 -12.74
CA CYS D 241 -27.48 -83.19 -12.91
CA LEU D 242 -30.36 -85.03 -11.30
CA VAL D 243 -33.39 -85.26 -13.54
CA LYS D 244 -36.01 -86.28 -11.17
CA ASP D 245 -39.61 -87.62 -11.38
CA TYR D 246 -40.58 -87.26 -15.06
CA PHE D 247 -43.03 -89.09 -17.37
CA PRO D 248 -42.71 -90.42 -19.89
CA GLN D 249 -39.29 -91.32 -21.26
CA PRO D 250 -37.22 -90.13 -22.80
CA VAL D 251 -35.37 -86.99 -21.75
CA THR D 252 -32.50 -85.33 -23.55
CA VAL D 253 -29.54 -84.05 -21.53
CA SER D 254 -26.56 -82.30 -23.03
CA TRP D 255 -23.75 -80.19 -21.46
CA ASN D 256 -22.71 -76.66 -22.29
CA SER D 257 -25.25 -76.81 -24.98
CA GLY D 258 -23.70 -79.95 -26.37
CA ALA D 259 -20.37 -78.18 -26.78
CA LEU D 260 -19.18 -80.63 -24.11
CA THR D 261 -19.13 -84.27 -24.93
CA SER D 262 -15.86 -85.29 -23.38
CA GLY D 263 -16.34 -87.38 -20.23
CA VAL D 264 -20.07 -87.13 -20.01
CA HIS D 265 -21.87 -90.20 -18.71
CA THR D 266 -25.69 -90.18 -18.63
CA PHE D 267 -27.04 -93.22 -16.82
CA PRO D 268 -30.09 -95.26 -17.56
CA ALA D 269 -33.12 -93.89 -15.76
CA VAL D 270 -34.72 -95.59 -12.71
CA LEU D 271 -38.51 -96.37 -12.87
CA GLN D 272 -39.65 -95.58 -9.40
CA SER D 273 -42.61 -97.07 -7.54
CA SER D 274 -44.38 -93.80 -8.35
CA GLY D 275 -44.58 -94.64 -11.96
CA LEU D 276 -42.19 -91.75 -12.57
CA TYR D 277 -38.59 -91.83 -13.81
CA SER D 278 -35.37 -90.28 -12.60
CA LEU D 279 -31.95 -90.18 -14.24
CA SER D 280 -28.47 -88.83 -13.58
CA SER D 281 -25.94 -87.39 -16.00
CA VAL D 282 -22.35 -86.87 -14.81
CA VAL D 283 -19.23 -85.26 -16.18
CA THR D 284 -15.86 -86.32 -14.88
CA VAL D 285 -13.55 -83.34 -15.37
CA PRO D 286 -9.88 -82.70 -14.38
CA SER D 287 -10.13 -81.00 -11.05
CA SER D 288 -7.92 -78.12 -12.24
CA SER D 289 -10.74 -76.81 -14.48
CA LEU D 290 -13.37 -76.86 -11.81
CA GLY D 291 -13.78 -73.24 -11.05
CA THR D 292 -11.73 -72.15 -14.09
CA GLN D 293 -14.74 -73.14 -16.25
CA THR D 294 -18.59 -73.17 -16.36
CA TYR D 295 -20.83 -76.22 -16.61
CA ILE D 296 -24.51 -76.13 -17.37
CA CYS D 297 -26.67 -79.13 -18.17
CA ASN D 298 -29.44 -78.54 -20.74
CA VAL D 299 -32.46 -80.69 -20.08
CA ASN D 300 -35.20 -81.16 -22.64
CA HIS D 301 -38.32 -83.12 -21.93
CA LYS D 302 -40.15 -83.05 -25.27
CA PRO D 303 -43.44 -84.75 -24.10
CA SER D 304 -44.07 -81.97 -21.56
CA ASN D 305 -42.16 -79.30 -23.41
CA THR D 306 -40.10 -78.72 -20.24
CA LYS D 307 -36.73 -77.16 -21.11
CA VAL D 308 -34.39 -76.42 -18.19
CA ASP D 309 -30.76 -75.31 -17.96
CA LYS D 310 -29.10 -75.85 -14.64
CA ARG D 311 -25.73 -74.16 -13.87
CA VAL D 312 -24.74 -74.51 -10.23
CA GLU D 313 -22.22 -72.73 -8.12
CA PRO D 314 -21.37 -72.30 -4.42
CA LEU D 315 -14.57 -76.75 -3.08
CA SER D 316 -14.58 -73.34 -1.38
CA LEU D 317 -12.01 -70.62 -0.95
CA PRO D 318 -10.57 -67.22 -0.23
CA SER D 319 -8.73 -64.40 -1.95
CA VAL D 320 -5.58 -62.38 -1.59
CA PHE D 321 -4.78 -58.64 -1.10
CA LEU D 322 -1.29 -57.10 -1.65
CA PHE D 323 -0.19 -54.28 0.64
CA PRO D 324 2.58 -51.76 -0.19
CA PRO D 325 5.39 -50.42 2.09
CA LYS D 326 4.83 -47.33 4.20
CA PRO D 327 6.09 -44.19 2.67
CA LYS D 328 8.31 -43.41 5.62
CA ASP D 329 9.82 -46.91 5.56
CA THR D 330 10.92 -46.44 2.01
CA LEU D 331 12.08 -42.91 2.12
CA MET D 332 14.39 -43.74 5.02
CA ILE D 333 17.22 -46.22 4.57
CA SER D 334 17.39 -46.65 8.36
CA ARG D 335 14.05 -48.35 8.16
CA THR D 336 13.09 -51.66 6.58
CA PRO D 337 10.21 -51.61 4.12
CA GLU D 338 8.05 -54.63 3.43
CA VAL D 339 5.32 -55.88 1.12
CA THR D 340 2.54 -57.77 2.89
CA CYS D 341 0.49 -60.52 1.28
CA VAL D 342 -2.75 -61.20 3.15
CA VAL D 343 -4.81 -64.29 2.38
CA VAL D 344 -8.26 -64.33 3.91
CA ASP D 345 -11.30 -66.71 3.91
CA VAL D 346 -9.01 -69.74 4.28
CA SER D 347 -11.51 -72.50 5.05
CA HIS D 348 -10.76 -75.19 7.67
CA GLU D 349 -10.50 -78.34 5.64
CA ASP D 350 -7.89 -76.86 3.30
CA PRO D 351 -5.61 -74.82 5.67
CA GLN D 352 -2.49 -75.38 3.50
CA VAL D 353 -1.42 -72.00 2.12
CA LYS D 354 1.62 -71.76 -0.14
CA PHE D 355 2.99 -68.28 -0.76
CA ASN D 356 5.32 -67.94 -3.75
CA TRP D 357 7.29 -64.66 -3.99
CA TYR D 358 8.62 -63.29 -7.25
CA VAL D 359 10.45 -59.98 -7.62
CA ASP D 360 9.52 -58.44 -10.90
CA GLY D 361 10.74 -61.14 -13.21
CA VAL D 362 12.58 -63.42 -10.82
CA GLN D 363 11.40 -65.55 -7.91
CA VAL D 364 13.15 -64.27 -4.80
CA HIS D 365 12.03 -67.64 -3.45
CA ASN D 366 12.97 -67.25 0.19
CA ALA D 367 14.60 -63.79 0.25
CA LYS D 368 13.21 -63.23 3.64
CA THR D 369 9.56 -64.27 3.29
CA LYS D 370 7.82 -65.02 6.63
CA PRO D 371 4.20 -66.28 7.11
CA ARG D 372 2.21 -67.87 10.11
CA GLU D 373 -1.37 -69.21 10.63
CA GLN D 374 -4.08 -67.38 12.63
CA GLN D 375 -7.41 -69.02 13.54
CA TYR D 376 -10.16 -66.40 13.09
CA ASN D 377 -13.88 -65.90 12.53
CA SER D 378 -14.86 -69.48 11.58
CA THR D 379 -11.83 -69.62 9.30
CA TYR D 380 -8.11 -68.94 8.91
CA ARG D 381 -5.89 -65.93 8.27
CA VAL D 382 -2.41 -66.42 6.88
CA VAL D 383 -0.14 -63.49 6.07
CA SER D 384 3.29 -63.48 4.48
CA VAL D 385 5.65 -60.51 4.64
CA LEU D 386 8.50 -59.88 2.18
CA THR D 387 11.24 -57.27 2.77
CA VAL D 388 11.92 -54.70 0.04
CA LEU D 389 15.05 -52.85 -1.03
CA HIS D 390 14.15 -49.16 -1.20
CA GLN D 391 15.87 -48.77 -4.51
CA ASN D 392 13.83 -51.44 -6.16
CA TRP D 393 10.61 -50.05 -4.86
CA LEU D 394 11.50 -46.59 -5.98
CA ASP D 395 12.64 -47.85 -9.38
CA GLY D 396 9.21 -49.16 -9.85
CA LYS D 397 9.79 -52.93 -9.89
CA GLU D 398 6.77 -55.24 -9.68
CA TYR D 399 6.23 -57.40 -6.59
CA LYS D 400 4.37 -60.66 -7.16
CA CYS D 401 2.65 -62.85 -4.55
CA LYS D 402 1.41 -66.27 -5.76
CA VAL D 403 -0.86 -68.04 -3.32
CA SER D 404 -1.54 -71.78 -3.22
CA ASN D 405 -4.16 -73.76 -1.24
CA LYS D 406 -5.50 -77.17 -2.42
CA ALA D 407 -9.16 -76.06 -2.46
CA LEU D 408 -8.39 -73.01 -4.59
CA PRO D 409 -8.40 -74.60 -8.05
CA ALA D 410 -6.14 -72.14 -9.81
CA PRO D 411 -3.32 -70.32 -7.93
CA ILE D 412 -3.79 -66.64 -7.05
CA GLU D 413 -1.10 -64.46 -8.68
CA LYS D 414 -1.40 -60.92 -7.38
CA THR D 415 1.09 -58.22 -8.27
CA ILE D 416 1.80 -54.76 -6.87
CA SER D 417 4.23 -51.82 -7.40
CA LYS D 418 4.23 -48.05 -7.07
CA ALA D 419 3.08 -45.65 -9.80
CA LYS D 420 1.72 -44.10 -13.11
CA GLY D 421 0.58 -42.86 -16.61
CA GLN D 422 1.76 -39.45 -17.49
CA PRO D 423 2.50 -37.83 -14.15
CA ARG D 424 1.54 -34.31 -13.25
CA GLU D 425 3.60 -32.48 -10.67
CA PRO D 426 1.55 -31.58 -7.56
CA GLN D 427 1.05 -27.89 -6.75
CA VAL D 428 1.68 -27.52 -3.03
CA TYR D 429 0.22 -24.33 -1.57
CA THR D 430 -0.10 -23.68 2.17
CA LEU D 431 -2.87 -21.70 3.81
CA PRO D 432 -2.88 -20.00 7.17
CA PRO D 433 -5.63 -20.11 9.82
CA SER D 434 -8.58 -17.82 9.40
CA ARG D 435 -9.20 -14.79 11.55
CA GLU D 436 -12.59 -16.22 12.34
CA GLU D 437 -10.76 -19.22 13.70
CA MET D 438 -8.36 -17.21 15.87
CA THR D 439 -11.27 -17.07 18.31
CA LYS D 440 -10.48 -20.72 19.17
CA ASN D 441 -7.79 -22.11 21.51
CA GLN D 442 -6.81 -24.19 18.51
CA VAL D 443 -6.28 -23.16 14.94
CA SER D 444 -6.06 -25.04 11.65
CA LEU D 445 -3.13 -24.97 9.19
CA THR D 446 -3.81 -26.33 5.71
CA CYS D 447 -1.98 -27.34 2.59
CA LEU D 448 -3.97 -27.55 -0.61
CA VAL D 449 -2.18 -29.98 -2.89
CA LYS D 450 -3.63 -29.66 -6.41
CA GLY D 451 -3.23 -30.58 -10.07
CA PHE D 452 -1.34 -33.90 -9.69
CA TYR D 453 -1.45 -37.34 -11.32
CA PRO D 454 -1.65 -40.27 -10.59
CA SER D 455 -3.56 -40.19 -7.25
CA ASP D 456 -0.68 -41.85 -5.39
CA ILE D 457 0.83 -39.39 -3.07
CA ALA D 458 2.08 -38.90 0.50
CA VAL D 459 1.48 -35.70 2.48
CA GLU D 460 3.20 -35.50 5.91
CA TRP D 461 3.68 -32.67 8.46
CA GLU D 462 6.62 -31.23 10.42
CA SER D 463 7.32 -28.30 12.73
CA ASN D 464 11.13 -28.33 13.16
CA GLY D 465 13.45 -31.27 12.98
CA GLN D 466 10.50 -33.18 14.31
CA PRO D 467 7.24 -34.53 12.95
CA GLU D 468 3.73 -33.72 14.15
CA ASN D 469 0.64 -35.61 15.27
CA ASN D 470 -2.41 -33.51 14.85
CA TYR D 471 -2.88 -33.61 11.12
CA LYS D 472 -5.62 -35.26 9.01
CA THR D 473 -5.47 -35.44 5.24
CA THR D 474 -8.47 -36.01 2.89
CA PRO D 475 -8.57 -38.66 0.13
CA PRO D 476 -7.56 -37.67 -3.42
CA VAL D 477 -10.56 -36.19 -5.18
CA LEU D 478 -10.74 -36.19 -8.96
CA ASP D 479 -10.79 -32.63 -10.15
CA SER D 480 -11.98 -31.12 -13.41
CA ASP D 481 -8.54 -31.15 -15.17
CA GLY D 482 -8.62 -34.89 -14.99
CA SER D 483 -5.99 -34.28 -12.37
CA PHE D 484 -6.29 -34.63 -8.57
CA PHE D 485 -6.56 -32.61 -5.43
CA LEU D 486 -6.42 -33.22 -1.70
CA TYR D 487 -6.26 -30.96 1.30
CA SER D 488 -4.35 -31.68 4.50
CA LYS D 489 -5.32 -30.04 7.78
CA LEU D 490 -2.91 -29.67 10.72
CA THR D 491 -4.35 -28.55 14.09
CA VAL D 492 -2.12 -26.71 16.56
CA ASP D 493 -2.46 -24.50 19.65
CA LYS D 494 -3.31 -20.85 18.98
CA SER D 495 -0.32 -20.20 21.20
CA ARG D 496 2.31 -22.12 19.18
CA TRP D 497 1.14 -20.46 16.01
CA GLN D 498 1.34 -17.13 17.77
CA GLN D 499 4.76 -17.59 19.25
CA GLY D 500 5.80 -17.62 15.62
CA ASN D 501 6.74 -21.22 14.83
CA VAL D 502 7.39 -22.60 11.38
CA PHE D 503 5.23 -25.53 10.17
CA SER D 504 5.98 -27.59 7.07
CA CYS D 505 3.85 -29.45 4.58
CA SER D 506 5.91 -32.17 2.87
CA VAL D 507 4.43 -33.75 -0.26
CA MET D 508 6.05 -36.86 -1.77
CA HIS D 509 5.02 -37.64 -5.35
CA GLU D 510 6.40 -39.51 -8.41
CA ALA D 511 6.72 -36.35 -10.51
CA LEU D 512 8.62 -34.08 -8.09
CA HIS D 513 12.33 -33.25 -8.42
CA ASN D 514 13.60 -35.45 -5.71
CA HIS D 515 10.31 -37.21 -5.08
CA TYR D 516 9.89 -34.56 -2.47
CA THR D 517 8.78 -30.99 -2.03
CA GLN D 518 8.07 -29.03 1.11
CA LYS D 519 6.02 -25.82 1.51
CA SER D 520 6.24 -23.84 4.76
CA LEU D 521 4.13 -21.68 7.06
CA SER D 522 5.00 -19.34 9.92
CA LEU D 523 3.24 -16.44 11.57
CA GLU E 1 109.83 -128.30 -45.64
CA VAL E 2 107.27 -129.48 -43.14
CA GLN E 3 104.76 -126.72 -42.36
CA LEU E 4 102.04 -126.96 -39.65
CA VAL E 5 99.43 -124.12 -39.47
CA GLN E 6 96.91 -124.00 -36.58
CA SER E 7 93.53 -122.32 -36.88
CA GLY E 8 90.25 -121.93 -35.03
CA GLY E 9 91.25 -120.26 -31.79
CA GLY E 10 89.00 -117.81 -30.02
CA VAL E 11 87.49 -116.23 -26.93
CA VAL E 12 84.61 -118.12 -25.31
CA GLN E 13 82.76 -118.36 -22.04
CA PRO E 14 82.80 -121.45 -19.74
CA GLY E 15 80.92 -124.49 -20.94
CA ARG E 16 81.11 -123.51 -24.63
CA SER E 17 82.93 -125.19 -27.55
CA LEU E 18 85.65 -124.67 -30.11
CA ARG E 19 87.26 -126.66 -32.89
CA LEU E 20 90.90 -126.30 -33.82
CA SER E 21 92.42 -127.39 -37.08
CA CYS E 22 96.01 -127.98 -38.14
CA SER E 23 96.70 -128.04 -41.80
CA SER E 24 99.92 -129.57 -43.04
CA SER E 25 102.27 -129.72 -46.07
CA GLY E 26 105.83 -130.87 -46.95
CA PHE E 27 105.41 -134.51 -45.77
CA ILE E 28 103.36 -137.70 -46.13
CA PHE E 29 100.89 -136.80 -43.46
CA SER E 30 99.37 -140.27 -43.04
CA SER E 31 102.72 -141.70 -41.91
CA TYR E 32 103.18 -139.87 -38.69
CA ALA E 33 101.51 -139.53 -35.30
CA MET E 34 100.33 -135.98 -34.56
CA TYR E 35 100.17 -134.04 -31.27
CA TRP E 36 98.30 -131.20 -29.62
CA VAL E 37 100.25 -129.29 -26.93
CA ARG E 38 99.18 -126.16 -25.10
CA GLN E 39 100.73 -123.32 -23.13
CA ALA E 40 98.86 -121.30 -20.51
CA PRO E 41 100.08 -117.75 -20.17
CA GLY E 42 103.09 -117.65 -17.91
CA LYS E 43 103.22 -121.41 -17.62
CA GLY E 44 105.05 -124.32 -19.26
CA LEU E 45 104.27 -126.73 -22.14
CA GLU E 46 101.43 -129.18 -21.39
CA TRP E 47 100.73 -132.14 -23.73
CA VAL E 48 97.05 -132.51 -24.68
CA ALA E 49 96.71 -135.45 -27.04
CA ILE E 50 98.27 -137.80 -29.59
CA ILE E 51 96.71 -139.67 -32.50
CA TRP E 52 98.29 -142.56 -34.43
CA ASP E 53 99.16 -142.35 -38.11
CA ASP E 54 95.98 -144.23 -39.16
CA GLY E 55 93.88 -142.78 -36.31
CA SER E 56 93.36 -146.24 -34.88
CA ASP E 57 94.03 -145.00 -31.41
CA GLN E 58 94.25 -141.72 -29.53
CA HIS E 59 95.50 -140.79 -26.03
CA TYR E 60 94.65 -137.78 -23.87
CA ALA E 61 95.92 -135.80 -20.87
CA ASP E 62 93.85 -136.59 -17.75
CA SER E 63 92.61 -132.95 -17.52
CA VAL E 64 90.99 -133.13 -20.91
CA LYS E 65 89.76 -136.66 -21.31
CA GLY E 66 86.16 -136.76 -22.36
CA ARG E 67 85.88 -133.05 -23.19
CA PHE E 68 88.40 -133.05 -26.06
CA THR E 69 88.46 -135.23 -29.19
CA ILE E 70 91.49 -135.57 -31.47
CA SER E 71 90.85 -136.79 -34.97
CA ARG E 72 92.43 -136.52 -38.39
CA ASN E 73 91.69 -136.55 -42.06
CA ASP E 74 94.59 -138.16 -43.94
CA SER E 75 92.75 -137.37 -47.09
CA LYS E 76 92.97 -133.68 -46.46
CA ASN E 77 96.23 -133.76 -44.43
CA THR E 78 94.44 -132.06 -41.45
CA LEU E 79 94.38 -132.59 -37.73
CA PHE E 80 91.39 -131.54 -35.56
CA LEU E 81 90.80 -130.79 -31.91
CA GLN E 82 87.12 -130.68 -30.83
CA MET E 83 87.03 -128.91 -27.52
CA ASP E 84 83.80 -129.28 -25.58
CA SER E 85 82.65 -127.88 -22.20
CA LEU E 86 85.62 -125.59 -22.06
CA ARG E 87 86.98 -124.39 -18.70
CA PRO E 88 88.95 -121.23 -17.81
CA GLU E 89 91.94 -123.45 -17.09
CA ASP E 90 91.95 -124.41 -20.73
CA THR E 91 93.13 -120.95 -21.69
CA GLY E 92 96.40 -121.15 -23.62
CA VAL E 93 98.20 -121.19 -26.95
CA TYR E 94 97.55 -124.45 -28.79
CA PHE E 95 100.24 -126.03 -30.92
CA CYS E 96 100.07 -128.99 -33.19
CA ALA E 97 103.22 -131.00 -33.73
CA ARG E 98 104.41 -133.94 -35.78
CA ASP E 99 105.75 -137.09 -34.09
CA GLY E 100 109.10 -137.74 -35.71
CA GLY E 101 108.96 -141.55 -35.53
CA SER E 102 106.80 -140.98 -32.29
CA SER E 103 104.91 -140.40 -29.04
CA ALA E 104 105.85 -136.77 -29.54
CA PRO E 105 107.45 -133.85 -31.35
CA ASP E 106 109.83 -132.85 -34.10
CA TYR E 107 108.27 -130.07 -36.03
CA TRP E 108 105.79 -127.64 -34.44
CA GLY E 109 103.19 -125.18 -35.70
CA GLN E 110 102.90 -121.51 -34.73
CA GLY E 111 100.09 -121.75 -32.17
CA THR E 112 96.47 -120.65 -32.02
CA PRO E 113 95.32 -118.84 -28.81
CA VAL E 114 92.33 -119.97 -26.78
CA THR E 115 90.78 -117.76 -24.10
CA VAL E 116 88.05 -119.11 -21.81
CA SER E 117 86.76 -116.55 -19.34
CA SER E 118 83.75 -115.72 -17.21
CA ALA E 119 84.04 -112.18 -18.55
CA SER E 120 82.02 -110.92 -21.45
CA THR E 121 83.08 -108.47 -24.12
CA LYS E 122 83.37 -104.97 -22.65
CA GLY E 123 84.55 -101.89 -24.54
CA PRO E 124 87.03 -99.65 -22.69
CA SER E 125 86.55 -96.45 -20.80
CA VAL E 126 89.05 -93.91 -22.13
CA PHE E 127 90.60 -91.25 -19.86
CA PRO E 128 93.18 -88.66 -20.76
CA LEU E 129 96.36 -88.54 -18.64
CA ALA E 130 97.05 -84.84 -18.84
CA PRO E 131 100.57 -83.41 -19.02
CA SER E 132 101.60 -82.03 -15.62
CA SER E 133 102.57 -78.36 -15.05
CA LYS E 134 105.18 -79.60 -12.61
CA SER E 135 108.44 -79.37 -14.45
CA THR E 136 110.93 -82.20 -14.72
CA SER E 137 114.72 -82.10 -15.06
CA GLY E 138 115.19 -82.38 -18.84
CA GLY E 139 113.27 -81.70 -22.06
CA THR E 140 110.41 -83.99 -21.04
CA ALA E 141 106.69 -83.67 -20.67
CA ALA E 142 104.69 -86.86 -20.41
CA LEU E 143 101.10 -87.25 -21.46
CA GLY E 144 98.96 -90.34 -22.17
CA CYS E 145 95.69 -92.25 -22.23
CA LEU E 146 94.22 -94.70 -19.76
CA VAL E 147 92.33 -97.51 -21.44
CA LYS E 148 90.46 -98.95 -18.63
CA ASP E 149 88.43 -102.16 -17.97
CA TYR E 150 88.08 -103.83 -21.38
CA PHE E 151 87.63 -107.45 -22.55
CA PRO E 152 89.10 -109.12 -24.36
CA GLN E 153 92.56 -108.19 -25.58
CA PRO E 154 93.77 -106.66 -27.64
CA VAL E 155 93.21 -102.93 -28.08
CA THR E 156 94.81 -100.68 -30.65
CA VAL E 157 96.06 -97.25 -29.57
CA SER E 158 97.65 -94.75 -31.90
CA TRP E 159 98.36 -90.98 -31.56
CA ASN E 160 97.27 -88.16 -33.81
CA SER E 161 95.80 -90.79 -35.98
CA GLY E 162 99.10 -92.58 -36.15
CA ALA E 163 100.77 -89.47 -37.54
CA LEU E 164 102.69 -89.50 -34.23
CA THR E 165 105.01 -92.35 -33.55
CA SER E 166 107.92 -90.52 -32.04
CA GLY E 167 108.23 -91.15 -28.29
CA VAL E 168 105.10 -93.15 -27.84
CA HIS E 169 105.25 -95.94 -25.29
CA THR E 170 102.20 -98.21 -24.87
CA PHE E 171 102.59 -100.50 -21.89
CA PRO E 172 101.51 -104.08 -21.49
CA ALA E 173 97.99 -104.27 -20.10
CA VAL E 174 97.19 -105.33 -16.50
CA LEU E 175 94.69 -108.21 -15.99
CA GLN E 176 92.73 -107.09 -13.01
CA SER E 177 90.94 -109.26 -10.45
CA SER E 178 87.75 -108.31 -12.32
CA GLY E 179 88.72 -110.34 -15.28
CA LEU E 180 89.03 -107.07 -17.18
CA TYR E 181 92.13 -105.41 -18.62
CA SER E 182 93.55 -101.92 -18.43
CA LEU E 183 96.48 -100.38 -20.27
CA SER E 184 98.33 -97.08 -20.53
CA SER E 185 99.91 -95.42 -23.54
CA VAL E 186 102.23 -92.45 -22.99
CA VAL E 187 103.99 -89.92 -25.15
CA THR E 188 107.05 -88.16 -23.86
CA VAL E 189 107.22 -84.82 -25.68
CA PRO E 190 109.58 -81.79 -25.37
CA SER E 191 107.81 -79.52 -22.98
CA SER E 192 108.09 -76.59 -25.40
CA SER E 193 105.46 -78.18 -27.69
CA LEU E 194 102.95 -78.83 -24.99
CA GLY E 195 100.36 -76.24 -25.68
CA THR E 196 101.88 -75.34 -29.08
CA GLN E 197 100.45 -78.64 -30.40
CA THR E 198 97.44 -81.04 -30.13
CA TYR E 199 97.51 -84.64 -28.95
CA ILE E 200 94.67 -87.09 -29.35
CA CYS E 201 94.86 -90.81 -28.70
CA ASN E 202 92.77 -92.99 -31.03
CA VAL E 203 91.52 -96.11 -29.30
CA ASN E 204 90.07 -99.03 -31.22
CA HIS E 205 88.64 -102.05 -29.50
CA LYS E 206 87.72 -104.32 -32.41
CA PRO E 207 85.91 -107.08 -30.38
CA SER E 208 83.34 -104.56 -29.09
CA ASN E 209 83.60 -102.20 -32.01
CA THR E 210 84.35 -99.39 -29.52
CA LYS E 211 86.25 -96.56 -31.24
CA VAL E 212 87.16 -93.56 -29.07
CA ASP E 213 89.35 -90.49 -29.63
CA LYS E 214 90.41 -88.66 -26.54
CA ARG E 215 91.95 -85.15 -26.80
CA VAL E 216 93.58 -82.54 -24.70
CA GLU E 217 95.63 -79.95 -22.83
CA PRO E 218 97.19 -77.77 -20.00
CA GLU F 1 168.31 -66.44 -12.76
CA VAL F 2 167.66 -62.91 -13.96
CA GLN F 3 164.49 -61.51 -12.40
CA LEU F 4 162.90 -58.13 -13.33
CA VAL F 5 159.95 -56.87 -11.20
CA GLN F 6 158.01 -53.74 -12.26
CA SER F 7 156.14 -51.57 -9.80
CA GLY F 8 154.33 -48.24 -9.54
CA GLY F 9 151.50 -48.57 -12.04
CA GLY F 10 148.16 -46.92 -11.48
CA VAL F 11 145.04 -45.13 -12.67
CA VAL F 12 145.38 -41.39 -13.26
CA GLN F 13 143.68 -38.56 -15.08
CA PRO F 14 145.22 -36.65 -18.04
CA GLY F 15 148.08 -34.33 -17.26
CA ARG F 16 149.08 -36.14 -14.06
CA SER F 17 152.24 -38.10 -13.20
CA LEU F 18 153.51 -41.53 -12.27
CA ARG F 19 156.84 -43.16 -11.54
CA LEU F 20 157.60 -46.74 -12.41
CA SER F 21 160.38 -48.80 -10.93
CA CYS F 22 162.02 -52.04 -12.02
CA SER F 23 163.98 -53.89 -9.44
CA SER F 24 166.43 -56.53 -10.55
CA SER F 25 168.44 -59.56 -9.30
CA GLY F 26 170.47 -62.50 -10.71
CA PHE F 27 172.93 -60.37 -12.77
CA ILE F 28 175.50 -57.56 -12.64
CA PHE F 29 173.00 -54.83 -13.28
CA SER F 30 175.50 -52.09 -14.11
CA SER F 31 176.75 -54.05 -17.15
CA TYR F 32 173.69 -53.99 -19.29
CA ALA F 33 171.48 -51.48 -21.08
CA MET F 34 167.86 -51.53 -19.82
CA TYR F 35 164.57 -50.97 -21.69
CA TRP F 36 161.02 -49.82 -21.08
CA VAL F 37 158.41 -51.27 -23.50
CA ARG F 38 154.66 -50.86 -23.31
CA GLN F 39 151.53 -52.56 -24.62
CA ALA F 40 148.19 -50.79 -25.09
CA PRO F 41 145.19 -53.04 -24.68
CA GLY F 42 144.52 -54.86 -27.89
CA LYS F 43 147.63 -53.48 -29.53
CA GLY F 44 151.23 -54.54 -30.15
CA LEU F 45 154.56 -54.00 -28.34
CA GLU F 46 155.81 -50.39 -28.45
CA TRP F 47 159.37 -49.51 -27.30
CA VAL F 48 159.51 -46.53 -24.91
CA ALA F 49 163.13 -45.98 -23.91
CA ILE F 50 166.64 -47.35 -23.46
CA ILE F 51 169.39 -46.32 -21.06
CA TRP F 52 173.08 -47.29 -21.31
CA ASP F 53 174.85 -49.41 -18.71
CA ASP F 54 176.43 -46.35 -17.02
CA GLY F 55 173.45 -44.08 -17.76
CA SER F 56 175.63 -41.84 -19.90
CA ASP F 57 172.98 -41.67 -22.57
CA GLN F 58 169.30 -42.42 -22.99
CA HIS F 59 167.00 -42.61 -26.05
CA TYR F 60 163.23 -42.24 -26.30
CA ALA F 61 160.29 -43.01 -28.59
CA ASP F 62 159.09 -39.84 -30.38
CA SER F 63 155.65 -40.04 -28.67
CA VAL F 64 157.19 -39.76 -25.24
CA LYS F 65 160.19 -37.55 -25.60
CA GLY F 66 160.17 -34.78 -23.05
CA ARG F 67 157.35 -36.20 -20.92
CA PHE F 68 159.18 -39.38 -19.83
CA THR F 69 162.59 -39.73 -18.15
CA ILE F 70 164.51 -43.00 -17.90
CA SER F 71 167.14 -43.22 -15.23
CA ARG F 72 168.84 -45.88 -13.16
CA ASN F 73 170.53 -46.52 -9.88
CA ASP F 74 173.32 -49.08 -10.35
CA SER F 75 173.87 -48.89 -6.65
CA LYS F 76 170.43 -50.22 -5.94
CA ASN F 77 170.08 -52.29 -9.17
CA THR F 78 166.86 -50.33 -10.07
CA LEU F 79 165.50 -48.78 -13.22
CA PHE F 80 163.03 -45.84 -13.14
CA LEU F 81 160.50 -44.34 -15.50
CA GLN F 82 159.25 -40.82 -14.56
CA MET F 83 156.11 -40.24 -16.53
CA ASP F 84 154.93 -36.64 -16.66
CA SER F 85 151.89 -34.99 -18.31
CA LEU F 86 150.36 -38.35 -19.03
CA ARG F 87 147.93 -38.79 -21.94
CA PRO F 88 145.14 -41.34 -22.46
CA GLU F 89 147.20 -42.83 -25.27
CA ASP F 90 149.79 -43.77 -22.71
CA THR F 91 147.49 -46.40 -21.26
CA GLY F 92 149.16 -49.81 -21.35
CA VAL F 93 151.12 -52.52 -19.58
CA TYR F 94 154.70 -51.39 -18.96
CA PHE F 95 157.56 -53.87 -19.12
CA CYS F 96 161.17 -53.42 -18.29
CA ALA F 97 163.68 -55.58 -20.09
CA ARG F 98 167.42 -56.23 -20.08
CA ASP F 99 169.50 -55.62 -23.20
CA GLY F 100 171.44 -58.83 -23.75
CA GLY F 101 174.57 -57.23 -25.20
CA SER F 102 173.23 -55.52 -28.11
CA SER F 103 170.10 -54.80 -30.15
CA ALA F 104 168.28 -56.57 -27.33
CA PRO F 105 165.70 -57.32 -25.05
CA ASP F 106 166.57 -60.69 -23.63
CA TYR F 107 164.87 -61.07 -20.34
CA TRP F 108 161.60 -59.27 -19.55
CA GLY F 109 159.66 -58.40 -16.40
CA GLN F 110 156.00 -59.16 -15.73
CA GLY F 111 154.46 -55.75 -16.51
CA THR F 112 152.84 -53.00 -14.49
CA PRO F 113 149.53 -51.57 -15.85
CA VAL F 114 149.00 -47.86 -16.46
CA THR F 115 145.53 -46.41 -17.06
CA VAL F 116 145.12 -42.76 -18.06
CA SER F 117 141.49 -41.72 -18.50
CA SER F 118 139.24 -38.69 -18.46
CA ALA F 119 136.90 -40.73 -16.26
CA SER F 120 136.90 -40.47 -12.51
CA THR F 121 136.27 -43.23 -10.00
CA LYS F 122 132.61 -44.26 -10.07
CA GLY F 123 131.09 -47.08 -8.01
CA PRO F 124 128.69 -49.40 -9.88
CA SER F 125 124.96 -49.50 -10.01
CA VAL F 126 123.85 -53.06 -9.25
CA PHE F 127 120.73 -54.58 -10.84
CA PRO F 128 119.39 -58.08 -10.43
CA LEU F 129 118.80 -60.11 -13.61
CA ALA F 130 115.84 -62.15 -12.45
CA PRO F 131 115.31 -65.77 -13.49
CA SER F 132 112.63 -65.98 -16.22
CA SER F 133 109.39 -67.97 -15.82
CA LYS F 134 109.71 -68.89 -19.47
CA SER F 135 110.96 -72.44 -19.48
CA THR F 136 113.94 -73.62 -21.47
CA SER F 137 114.67 -77.05 -22.99
CA GLY F 138 116.83 -78.66 -20.29
CA GLY F 139 117.49 -78.39 -16.55
CA THR F 140 118.46 -74.73 -16.81
CA ALA F 141 117.38 -71.51 -15.21
CA ALA F 142 119.64 -68.52 -15.60
CA LEU F 143 119.88 -65.66 -13.16
CA GLY F 144 122.50 -62.93 -12.69
CA CYS F 145 123.61 -59.42 -11.76
CA LEU F 146 124.25 -56.38 -13.90
CA VAL F 147 127.17 -54.31 -12.66
CA LYS F 148 126.71 -51.18 -14.53
CA ASP F 149 128.79 -48.01 -15.24
CA TYR F 150 131.82 -48.30 -12.94
CA PHE F 151 135.41 -46.96 -13.08
CA PRO F 152 137.97 -48.24 -12.94
CA GLN F 153 138.36 -51.99 -13.29
CA PRO F 154 138.26 -54.33 -11.68
CA VAL F 155 135.18 -55.38 -9.71
CA THR F 156 134.78 -58.50 -7.62
CA VAL F 157 131.53 -60.46 -7.85
CA SER F 158 130.80 -63.56 -5.86
CA TRP F 159 127.52 -65.46 -5.12
CA ASN F 160 126.01 -66.34 -1.78
CA SER F 161 129.07 -64.87 -0.28
CA GLY F 162 131.25 -67.11 -2.37
CA ALA F 163 129.55 -70.18 -0.95
CA LEU F 164 128.29 -70.67 -4.53
CA THR F 165 130.80 -71.36 -7.21
CA SER F 166 129.00 -74.02 -9.16
CA GLY F 167 127.76 -72.74 -12.54
CA VAL F 168 128.72 -69.14 -12.11
CA HIS F 169 129.89 -67.36 -15.22
CA THR F 170 131.10 -63.74 -14.90
CA PHE F 171 131.69 -62.19 -18.30
CA PRO F 172 134.37 -59.78 -19.39
CA ALA F 173 133.26 -56.20 -18.89
CA VAL F 174 132.28 -53.86 -21.76
CA LEU F 175 134.07 -50.46 -22.01
CA GLN F 176 131.33 -48.15 -23.03
CA SER F 177 131.64 -44.90 -24.99
CA SER F 178 131.19 -43.18 -21.63
CA GLY F 179 134.53 -44.29 -20.46
CA LEU F 180 132.72 -46.42 -17.91
CA TYR F 181 132.52 -50.22 -17.65
CA SER F 182 129.67 -52.66 -17.25
CA LEU F 183 129.76 -56.40 -16.62
CA SER F 184 127.38 -59.31 -16.12
CA SER F 185 127.68 -62.34 -13.88
CA VAL F 186 125.26 -65.24 -14.36
CA VAL F 187 124.46 -68.45 -12.57
CA THR F 188 122.85 -71.29 -14.45
CA VAL F 189 120.89 -73.30 -11.86
CA PRO F 190 118.56 -76.34 -12.16
CA SER F 191 115.13 -74.82 -12.41
CA SER F 192 113.84 -77.00 -9.55
CA SER F 193 115.88 -74.95 -7.02
CA LEU F 194 114.70 -71.61 -8.22
CA GLY F 195 112.38 -70.59 -5.49
CA THR F 196 113.52 -73.40 -3.17
CA GLN F 197 116.74 -71.43 -2.61
CA THR F 198 118.15 -67.85 -2.25
CA TYR F 199 120.68 -66.16 -4.52
CA ILE F 200 122.48 -62.96 -3.72
CA CYS F 201 125.38 -61.51 -5.66
CA ASN F 202 128.03 -59.72 -3.57
CA VAL F 203 129.64 -56.89 -5.48
CA ASN F 204 132.83 -55.23 -4.30
CA HIS F 205 134.34 -52.27 -6.07
CA LYS F 206 137.55 -51.66 -4.10
CA PRO F 207 138.61 -48.37 -5.85
CA SER F 208 135.39 -46.64 -4.76
CA ASN F 209 134.83 -48.75 -1.70
CA THR F 210 131.35 -49.58 -3.04
CA LYS F 211 130.08 -52.86 -1.55
CA VAL F 212 126.61 -53.99 -2.65
CA ASP F 213 124.63 -57.21 -2.15
CA LYS F 214 121.74 -57.71 -4.47
CA ARG F 215 119.12 -60.43 -3.74
CA VAL F 216 116.40 -61.82 -5.60
CA GLU F 217 113.69 -64.07 -7.06
CA PRO F 218 110.82 -65.31 -9.48
CA GLU G 1 160.69 -44.22 -39.08
CA SER G 2 158.35 -46.01 -36.78
CA VAL G 3 157.27 -49.61 -37.52
CA LEU G 4 158.26 -53.03 -38.86
CA THR G 5 155.51 -54.60 -40.97
CA GLN G 6 154.13 -58.08 -40.24
CA PRO G 7 151.10 -59.88 -41.66
CA PRO G 8 148.30 -59.70 -39.02
CA SER G 9 147.75 -63.40 -39.15
CA ALA G 10 149.24 -66.68 -40.24
CA SER G 11 147.50 -70.03 -40.08
CA GLY G 12 147.84 -73.67 -40.83
CA THR G 13 147.00 -77.19 -39.77
CA PRO G 14 149.06 -79.00 -37.11
CA GLY G 15 152.33 -80.29 -38.55
CA GLN G 16 152.42 -77.89 -41.49
CA ARG G 17 155.20 -75.42 -42.06
CA VAL G 18 154.10 -71.89 -41.23
CA THR G 19 156.31 -68.89 -41.80
CA ILE G 20 155.92 -65.25 -40.74
CA SER G 21 157.43 -62.32 -42.62
CA CYS G 22 158.69 -58.94 -41.29
CA THR G 23 159.33 -56.15 -43.73
CA GLY G 24 161.56 -53.24 -42.82
CA THR G 25 163.83 -50.57 -44.33
CA SER G 26 167.50 -49.95 -44.95
CA SER G 27 170.35 -51.26 -46.12
CA GLY G 28 168.90 -53.52 -43.60
CA SER G 29 171.41 -52.28 -41.02
CA ILE G 30 170.98 -54.31 -37.85
CA THR G 31 170.10 -57.86 -36.62
CA VAL G 32 166.51 -59.08 -36.01
CA ASN G 33 164.99 -60.70 -32.92
CA TRP G 34 161.69 -62.60 -32.71
CA TYR G 35 159.43 -62.71 -29.64
CA GLN G 36 156.56 -64.96 -28.79
CA GLN G 37 153.87 -63.40 -26.64
CA LEU G 38 150.51 -64.10 -25.08
CA PRO G 39 148.73 -60.68 -25.07
CA GLY G 40 149.43 -58.45 -22.06
CA MET G 41 151.79 -61.04 -20.65
CA ALA G 42 155.61 -60.96 -20.77
CA PRO G 43 157.08 -61.85 -24.15
CA LYS G 44 159.82 -64.40 -24.48
CA LEU G 45 162.86 -64.23 -26.83
CA LEU G 46 162.60 -66.97 -29.49
CA ILE G 47 165.28 -65.90 -31.97
CA TYR G 48 168.16 -63.43 -31.52
CA ARG G 49 170.63 -61.97 -33.98
CA ASP G 50 168.67 -63.10 -37.09
CA ALA G 51 169.03 -66.81 -36.67
CA MET G 52 170.19 -67.78 -33.22
CA ARG G 53 168.09 -69.63 -30.69
CA PRO G 54 168.25 -69.44 -26.89
CA SER G 55 168.41 -72.75 -25.06
CA GLY G 56 164.96 -74.09 -24.29
CA VAL G 57 163.56 -72.93 -27.59
CA PRO G 58 162.49 -75.85 -29.80
CA THR G 59 164.46 -76.78 -32.91
CA ARG G 60 161.38 -76.21 -35.10
CA PHE G 61 161.85 -72.45 -34.88
CA SER G 62 164.26 -70.96 -37.35
CA GLY G 63 165.10 -67.44 -38.42
CA SER G 64 166.26 -65.88 -41.61
CA LYS G 65 167.25 -62.40 -42.83
CA SER G 66 168.12 -60.81 -46.17
CA GLY G 67 168.26 -57.21 -47.20
CA THR G 68 165.53 -55.33 -45.45
CA SER G 69 163.40 -58.39 -44.83
CA ALA G 70 163.34 -61.18 -42.27
CA SER G 71 161.28 -64.20 -41.54
CA LEU G 72 160.39 -66.66 -38.79
CA ALA G 73 159.78 -70.35 -39.73
CA ILE G 74 157.73 -72.76 -37.62
CA SER G 75 158.48 -76.12 -38.96
CA GLY G 76 155.68 -78.36 -37.88
CA LEU G 77 152.97 -76.23 -36.29
CA GLU G 78 151.70 -77.38 -32.90
CA ALA G 79 148.87 -76.42 -30.64
CA GLU G 80 151.30 -74.58 -28.35
CA ASP G 81 152.25 -72.29 -31.19
CA GLU G 82 149.02 -70.38 -31.05
CA SER G 83 150.29 -67.00 -29.91
CA ASP G 84 151.40 -63.56 -31.03
CA TYR G 85 154.81 -63.14 -32.67
CA TYR G 86 156.84 -59.92 -32.96
CA CYS G 87 160.02 -59.21 -34.87
CA ALA G 88 162.31 -56.40 -33.66
CA SER G 89 165.39 -54.37 -34.62
CA TRP G 90 167.38 -51.26 -33.83
CA ASN G 91 167.09 -48.40 -36.27
CA SER G 92 170.34 -46.57 -36.97
CA SER G 93 168.99 -43.23 -38.19
CA ASP G 94 166.28 -42.91 -35.56
CA ASN G 95 168.26 -44.29 -32.69
CA SER G 96 165.28 -46.38 -31.64
CA TYR G 97 164.38 -49.97 -31.00
CA VAL G 98 161.55 -50.86 -33.35
CA PHE G 99 158.88 -53.57 -32.93
CA GLY G 100 156.98 -55.26 -35.69
CA THR G 101 153.18 -54.76 -35.84
CA GLY G 102 152.86 -58.41 -34.94
CA THR G 103 151.26 -61.65 -36.12
CA LYS G 104 148.67 -63.92 -34.63
CA VAL G 105 148.89 -67.63 -35.44
CA THR G 106 145.93 -69.95 -35.40
CA VAL G 107 146.20 -73.74 -35.44
CA LEU G 108 143.56 -74.58 -37.94
CA GLY G 109 140.74 -76.95 -37.44
CA GLN G 110 139.24 -77.31 -33.98
CA PRO G 111 135.57 -78.20 -33.95
CA LYS G 112 133.11 -75.44 -34.48
CA ALA G 113 131.05 -74.86 -31.32
CA ASN G 114 127.56 -73.25 -31.50
CA PRO G 115 126.90 -70.40 -29.09
CA THR G 116 124.63 -70.40 -26.00
CA VAL G 117 122.45 -67.29 -26.03
CA THR G 118 121.03 -65.94 -22.79
CA LEU G 119 118.82 -62.85 -22.89
CA PHE G 120 117.70 -60.59 -19.97
CA PRO G 121 115.12 -57.80 -20.17
CA PRO G 122 115.43 -54.63 -18.06
CA SER G 123 115.18 -54.89 -14.32
CA SER G 124 112.17 -53.26 -12.62
CA GLU G 125 114.56 -51.37 -10.35
CA GLU G 126 116.44 -50.03 -13.32
CA LEU G 127 113.18 -49.02 -14.98
CA GLN G 128 112.45 -46.99 -11.85
CA ALA G 129 115.74 -45.24 -12.34
CA ASN G 130 114.30 -44.29 -15.72
CA LYS G 131 116.78 -46.37 -17.70
CA ALA G 132 116.70 -49.74 -19.54
CA THR G 133 119.34 -52.21 -20.42
CA LEU G 134 118.77 -55.43 -22.30
CA VAL G 135 121.59 -57.95 -21.93
CA CYS G 136 122.49 -60.66 -24.44
CA LEU G 137 125.12 -63.06 -23.19
CA ILE G 138 126.81 -65.42 -25.69
CA SER G 139 129.03 -68.30 -24.44
CA ASP G 140 130.91 -71.45 -25.41
CA PHE G 141 131.46 -70.68 -29.08
CA TYR G 142 134.26 -71.50 -31.49
CA PRO G 143 135.49 -69.83 -33.61
CA GLY G 144 135.43 -66.39 -31.98
CA ALA G 145 133.53 -64.60 -34.73
CA VAL G 146 129.89 -63.64 -34.14
CA THR G 147 127.40 -61.13 -35.40
CA VAL G 148 124.86 -59.81 -32.95
CA ALA G 149 121.72 -57.99 -34.06
CA TRP G 150 118.94 -56.48 -32.03
CA LYS G 151 115.39 -56.48 -33.25
CA ALA G 152 112.19 -54.91 -31.87
CA ASP G 153 108.94 -56.48 -33.06
CA GLY G 154 109.58 -56.98 -36.76
CA SER G 155 112.45 -54.51 -37.02
CA PRO G 156 116.18 -53.85 -36.56
CA VAL G 157 117.17 -51.79 -33.52
CA LYS G 158 119.04 -48.60 -34.51
CA ALA G 159 121.39 -47.44 -31.82
CA GLY G 160 122.22 -47.98 -28.18
CA VAL G 161 124.02 -51.28 -28.79
CA GLU G 162 127.38 -52.00 -27.09
CA THR G 163 128.99 -55.34 -28.06
CA THR G 164 132.22 -56.77 -26.61
CA LYS G 165 134.88 -58.36 -28.73
CA PRO G 166 134.92 -62.08 -28.06
CA SER G 167 137.39 -63.33 -25.54
CA LYS G 168 138.81 -66.74 -25.12
CA GLN G 169 138.07 -68.73 -22.00
CA SER G 170 140.30 -71.37 -20.40
CA ASN G 171 137.79 -73.57 -22.17
CA ASN G 172 139.40 -72.71 -25.52
CA LYS G 173 135.98 -71.42 -26.43
CA TYR G 174 134.84 -67.79 -26.58
CA ALA G 175 132.45 -65.43 -24.77
CA ALA G 176 130.85 -62.14 -25.63
CA SER G 177 128.21 -59.75 -24.31
CA SER G 178 125.91 -57.28 -26.00
CA TYR G 179 124.02 -54.47 -24.29
CA LEU G 180 121.11 -52.55 -25.63
CA SER G 181 120.29 -49.25 -24.03
CA LEU G 182 116.80 -47.83 -24.20
CA THR G 183 114.32 -45.72 -22.45
CA PRO G 184 111.62 -47.43 -20.42
CA GLU G 185 109.20 -45.93 -22.90
CA GLN G 186 110.90 -47.45 -25.96
CA TRP G 187 111.04 -50.70 -24.04
CA LYS G 188 107.37 -50.56 -23.27
CA SER G 189 106.27 -49.35 -26.66
CA HIS G 190 107.02 -52.69 -28.37
CA ARG G 191 105.61 -56.17 -27.89
CA SER G 192 108.91 -58.01 -28.21
CA TYR G 193 112.65 -57.63 -28.25
CA SER G 194 115.12 -60.05 -29.83
CA CYS G 195 118.79 -60.74 -29.69
CA GLN G 196 119.94 -62.58 -32.74
CA VAL G 197 123.36 -64.16 -32.99
CA THR G 198 124.84 -65.41 -36.24
CA HIS G 199 127.77 -67.77 -36.04
CA GLU G 200 129.18 -69.62 -39.02
CA GLY G 201 126.00 -69.42 -41.09
CA SER G 202 123.81 -70.43 -38.17
CA THR G 203 121.47 -67.83 -36.49
CA VAL G 204 120.06 -68.23 -32.99
CA GLU G 205 117.39 -65.88 -31.68
CA LYS G 206 116.14 -65.29 -28.15
CA THR G 207 113.07 -63.15 -27.36
CA VAL G 208 111.90 -61.19 -24.23
CA ALA G 209 108.71 -59.14 -23.64
CA PRO G 210 107.73 -56.52 -21.10
CA THR G 211 105.31 -59.28 -19.84
CA GLU G 212 107.56 -61.32 -17.63
CA CYS G 213 108.48 -63.88 -20.28
CA SER G 214 105.10 -50.26 -6.26
CA ALA G 215 102.19 -50.14 -3.81
CA SER G 216 102.68 -49.90 -0.09
CA THR G 217 100.58 -51.46 2.63
CA LYS G 218 97.20 -49.75 2.82
CA GLY G 219 94.36 -50.78 5.15
CA PRO G 220 90.87 -50.88 3.57
CA SER G 221 88.05 -48.44 3.65
CA VAL G 222 84.91 -50.30 4.71
CA PHE G 223 81.45 -49.33 3.38
CA PRO G 224 78.14 -51.00 4.11
CA LEU G 225 76.08 -52.13 1.10
CA ALA G 226 72.63 -51.61 2.55
CA PRO G 227 69.71 -53.94 1.80
CA SER G 228 67.38 -52.33 -0.76
CA SER G 229 63.68 -51.59 -0.07
CA LYS G 230 62.98 -52.53 -3.65
CA SER G 231 61.52 -56.00 -3.49
CA THR G 232 62.75 -58.92 -5.56
CA SER G 233 60.85 -61.95 -6.87
CA GLY G 234 61.57 -64.56 -4.19
CA GLY G 235 62.56 -64.75 -0.52
CA THR G 236 65.72 -62.73 -1.09
CA ALA G 237 67.23 -59.60 0.36
CA ALA G 238 70.87 -58.93 -0.36
CA LEU G 239 73.17 -56.94 1.87
CA GLY G 240 76.98 -56.71 2.02
CA CYS G 241 80.23 -54.85 2.65
CA LEU G 242 82.57 -53.08 0.27
CA VAL G 243 86.20 -53.51 1.21
CA LYS G 244 87.82 -50.91 -0.84
CA ASP G 245 91.42 -50.00 -1.86
CA TYR G 246 93.65 -52.23 0.28
CA PHE G 247 97.17 -53.68 -0.13
CA PRO G 248 98.20 -56.36 -0.05
CA GLN G 249 95.94 -59.39 -0.17
CA PRO G 250 94.43 -61.01 1.60
CA VAL G 251 91.63 -59.68 3.80
CA THR G 252 89.41 -61.66 6.11
CA VAL G 253 85.68 -60.92 6.20
CA SER G 254 83.22 -62.69 8.42
CA TRP G 255 79.61 -61.85 9.46
CA ASN G 256 78.19 -61.44 12.93
CA SER G 257 81.55 -62.40 14.16
CA GLY G 258 81.47 -65.55 12.11
CA ALA G 259 78.27 -66.65 13.83
CA LEU G 260 76.72 -66.20 10.37
CA THR G 261 77.86 -68.45 7.61
CA SER G 262 74.59 -69.21 5.93
CA GLY G 263 74.25 -67.49 2.56
CA VAL G 264 77.42 -65.47 2.69
CA HIS G 265 79.21 -65.00 -0.60
CA THR G 266 82.56 -63.15 -0.59
CA PHE G 267 83.76 -62.45 -4.11
CA PRO G 268 87.25 -62.51 -5.50
CA ALA G 269 88.88 -59.11 -5.18
CA VAL G 270 89.50 -56.77 -8.15
CA LEU G 271 93.08 -55.47 -8.73
CA GLN G 272 92.53 -51.93 -9.76
CA SER G 273 94.77 -49.77 -11.94
CA SER G 274 95.89 -48.16 -8.69
CA GLY G 275 97.70 -51.21 -7.62
CA LEU G 276 95.14 -51.53 -4.85
CA TYR G 277 92.47 -54.18 -4.32
CA SER G 278 88.77 -54.06 -3.60
CA LEU G 279 86.36 -56.85 -2.73
CA SER G 280 82.70 -57.38 -1.90
CA SER G 281 81.08 -59.79 0.52
CA VAL G 282 77.30 -60.30 0.36
CA VAL G 283 74.71 -62.09 2.40
CA THR G 284 71.45 -63.11 0.82
CA VAL G 285 68.88 -63.25 3.63
CA PRO G 286 65.09 -63.91 3.67
CA SER G 287 63.59 -60.48 3.49
CA SER G 288 61.42 -61.17 6.56
CA SER G 289 64.50 -61.01 8.82
CA LEU G 290 65.78 -57.75 7.48
CA GLY G 291 64.99 -55.40 10.25
CA THR G 292 64.13 -58.21 12.69
CA GLN G 293 67.88 -58.92 12.93
CA THR G 294 71.36 -57.25 12.99
CA TYR G 295 74.15 -57.74 10.47
CA ILE G 296 77.70 -56.58 10.96
CA CYS G 297 80.65 -57.50 8.77
CA ASN G 298 83.97 -57.95 10.59
CA VAL G 299 86.90 -56.98 8.41
CA ASN G 300 90.46 -57.90 9.30
CA HIS G 301 93.41 -56.76 7.27
CA LYS G 302 96.35 -58.45 9.01
CA PRO G 303 99.19 -56.78 6.98
CA SER G 304 98.09 -53.31 8.14
CA ASN G 305 96.51 -54.45 11.36
CA THR G 306 93.27 -52.72 10.26
CA LYS G 307 90.26 -54.25 12.03
CA VAL G 308 86.86 -52.76 11.20
CA ASP G 309 83.28 -53.78 12.01
CA LYS G 310 80.62 -52.23 9.89
CA ARG G 311 76.93 -52.45 10.94
CA VAL G 312 75.16 -51.56 7.54
CA GLU G 313 71.74 -50.05 7.51
CA PRO G 314 69.40 -48.29 5.04
CA LEU G 315 65.09 -56.71 -5.84
CA SER G 316 62.37 -54.15 -6.52
CA LEU G 317 58.64 -53.69 -7.00
CA PRO G 318 55.53 -51.64 -6.89
CA SER G 319 52.88 -49.80 -4.92
CA VAL G 320 49.30 -50.71 -3.91
CA PHE G 321 46.40 -48.22 -3.55
CA LEU G 322 42.97 -49.24 -2.18
CA PHE G 323 40.06 -46.95 -3.03
CA PRO G 324 36.61 -46.96 -1.33
CA PRO G 325 33.17 -46.60 -2.94
CA LYS G 326 31.51 -43.25 -3.57
CA PRO G 327 28.82 -42.41 -1.04
CA LYS G 328 25.92 -42.01 -3.45
CA ASP G 329 26.53 -45.49 -4.79
CA THR G 330 26.33 -47.11 -1.37
CA LEU G 331 23.38 -45.07 -0.12
CA MET G 332 21.43 -45.92 -3.23
CA ILE G 333 20.24 -49.53 -3.43
CA SER G 334 19.93 -48.91 -7.13
CA ARG G 335 23.71 -48.38 -7.53
CA THR G 336 27.09 -50.14 -7.56
CA PRO G 337 29.67 -49.73 -4.77
CA GLU G 338 33.09 -51.10 -5.67
CA VAL G 339 36.32 -51.10 -3.71
CA THR G 340 39.10 -50.58 -6.26
CA CYS G 341 42.66 -51.88 -6.03
CA VAL G 342 45.36 -50.22 -8.13
CA VAL G 343 48.97 -51.41 -8.51
CA VAL G 344 51.60 -48.97 -9.84
CA ASP G 345 55.36 -49.33 -10.63
CA VAL G 346 54.71 -53.03 -11.35
CA SER G 347 57.39 -53.25 -14.09
CA HIS G 348 58.14 -54.94 -17.45
CA GLU G 349 60.38 -57.61 -16.02
CA ASP G 350 57.88 -58.78 -13.37
CA PRO G 351 54.37 -57.77 -14.67
CA GLN G 352 52.93 -60.75 -12.78
CA VAL G 353 50.48 -59.37 -10.27
CA LYS G 354 48.27 -61.71 -8.26
CA PHE G 355 45.32 -60.40 -6.26
CA ASN G 356 43.78 -61.79 -3.01
CA TRP G 357 40.49 -60.07 -1.95
CA TYR G 358 39.36 -60.75 1.61
CA VAL G 359 36.06 -59.50 2.99
CA ASP G 360 36.13 -59.02 6.69
CA GLY G 361 38.17 -62.11 7.09
CA VAL G 362 36.86 -64.40 4.44
CA GLN G 363 38.63 -64.55 1.12
CA VAL G 364 35.71 -63.70 -1.11
CA HIS G 365 37.94 -65.35 -3.63
CA ASN G 366 36.28 -64.42 -6.83
CA ALA G 367 33.10 -62.72 -5.72
CA LYS G 368 33.19 -60.74 -8.88
CA THR G 369 36.72 -59.37 -8.81
CA LYS G 370 37.99 -58.08 -12.12
CA PRO G 371 41.63 -57.08 -13.09
CA ARG G 372 43.49 -55.94 -16.34
CA GLU G 373 47.05 -54.79 -17.45
CA GLN G 374 47.94 -51.23 -18.70
CA GLN G 375 51.28 -50.29 -20.26
CA TYR G 376 52.24 -46.94 -18.74
CA ASN G 377 55.09 -44.56 -18.06
CA SER G 378 57.95 -46.93 -18.62
CA THR G 379 56.13 -49.54 -16.53
CA TYR G 380 52.80 -51.35 -15.97
CA ARG G 381 49.50 -50.54 -14.19
CA VAL G 382 47.21 -53.28 -12.93
CA VAL G 383 43.75 -52.61 -11.50
CA SER G 384 41.25 -55.01 -9.97
CA VAL G 385 37.76 -54.27 -8.67
CA LEU G 386 35.62 -55.93 -5.99
CA THR G 387 31.90 -55.08 -6.15
CA VAL G 388 30.87 -54.15 -2.60
CA LEU G 389 27.59 -55.21 -1.08
CA HIS G 390 25.83 -52.13 0.24
CA GLN G 391 24.89 -53.60 3.60
CA ASN G 392 28.34 -55.07 4.24
CA TRP G 393 29.74 -51.62 3.59
CA LEU G 394 27.32 -49.80 5.83
CA ASP G 395 27.88 -52.27 8.71
CA GLY G 396 31.62 -51.63 8.50
CA LYS G 397 33.31 -54.75 7.08
CA GLU G 398 37.00 -54.91 6.40
CA TYR G 399 38.11 -55.12 2.80
CA LYS G 400 41.63 -56.43 2.25
CA CYS G 401 43.43 -56.28 -1.07
CA LYS G 402 46.52 -58.47 -0.81
CA VAL G 403 48.77 -58.39 -3.84
CA SER G 404 51.52 -60.86 -4.75
CA ASN G 405 54.20 -60.14 -7.40
CA LYS G 406 57.62 -61.92 -7.61
CA ALA G 407 59.50 -58.58 -7.71
CA LEU G 408 57.93 -57.35 -4.50
CA PRO G 409 59.54 -59.46 -1.73
CA ALA G 410 56.52 -59.76 0.57
CA PRO G 411 52.94 -59.31 -0.65
CA ILE G 412 51.37 -55.94 0.04
CA GLU G 413 48.17 -55.96 2.01
CA LYS G 414 45.86 -52.92 2.16
CA THR G 415 42.66 -52.99 4.18
CA ILE G 416 39.68 -50.62 4.11
CA SER G 417 36.31 -49.85 5.78
CA LYS G 418 34.24 -46.88 6.80
CA ALA G 419 35.00 -44.48 9.63
CA LYS G 420 35.53 -44.57 13.33
CA GLY G 421 33.47 -42.84 15.88
CA GLN G 422 29.84 -42.29 16.67
CA PRO G 423 27.87 -40.92 13.70
CA ARG G 424 26.21 -37.50 13.75
CA GLU G 425 23.17 -36.26 11.74
CA PRO G 426 23.99 -33.55 9.19
CA GLN G 427 22.24 -30.22 9.65
CA VAL G 428 21.29 -28.91 6.16
CA TYR G 429 20.51 -25.16 5.68
CA THR G 430 19.95 -23.59 2.26
CA LEU G 431 21.14 -20.02 1.74
CA PRO G 432 19.82 -17.67 -0.96
CA PRO G 433 22.20 -15.24 -2.78
CA SER G 434 23.47 -11.96 -1.30
CA ARG G 435 21.73 -8.75 -2.31
CA GLU G 436 24.85 -7.55 -4.01
CA GLU G 437 25.19 -10.64 -6.13
CA MET G 438 21.94 -9.70 -7.77
CA THR G 439 23.99 -6.95 -9.38
CA LYS G 440 25.61 -9.85 -11.20
CA ASN G 441 24.41 -11.78 -14.19
CA GLN G 442 24.55 -15.10 -12.38
CA VAL G 443 23.80 -15.83 -8.75
CA SER G 444 25.13 -18.35 -6.23
CA LEU G 445 22.89 -20.82 -4.37
CA THR G 446 24.48 -22.20 -1.20
CA CYS G 447 23.72 -25.07 1.04
CA LEU G 448 25.60 -25.68 4.31
CA VAL G 449 25.90 -29.22 5.67
CA LYS G 450 27.25 -28.98 9.17
CA GLY G 451 27.95 -30.98 12.33
CA PHE G 452 28.10 -34.37 10.53
CA TYR G 453 30.26 -37.46 11.15
CA PRO G 454 31.93 -39.46 9.64
CA SER G 455 32.97 -37.42 6.67
CA ASP G 456 31.45 -39.81 4.18
CA ILE G 457 28.65 -37.92 2.49
CA ALA G 458 27.06 -37.25 -0.92
CA VAL G 459 25.55 -33.81 -1.80
CA GLU G 460 23.68 -33.08 -5.06
CA TRP G 461 21.41 -30.39 -6.58
CA GLU G 462 18.02 -30.56 -8.36
CA SER G 463 15.68 -28.09 -10.05
CA ASN G 464 12.81 -30.60 -10.25
CA GLY G 465 12.79 -34.25 -11.22
CA GLN G 466 15.73 -32.77 -13.09
CA PRO G 467 19.28 -32.90 -11.82
CA GLU G 468 21.52 -29.86 -12.26
CA ASN G 469 24.98 -29.22 -13.63
CA ASN G 470 26.64 -26.08 -12.55
CA TYR G 471 27.58 -26.91 -8.98
CA LYS G 472 30.72 -27.42 -6.92
CA THR G 473 31.24 -28.89 -3.44
CA THR G 474 34.09 -28.08 -0.99
CA PRO G 475 35.92 -30.86 0.77
CA PRO G 476 34.57 -31.75 4.22
CA VAL G 477 36.29 -29.49 6.70
CA LEU G 478 36.81 -30.57 10.26
CA ASP G 479 35.10 -27.99 12.40
CA SER G 480 35.81 -27.23 16.03
CA ASP G 481 33.26 -29.73 17.44
CA GLY G 482 35.23 -32.52 15.96
CA SER G 483 32.36 -32.61 13.52
CA PHE G 484 32.54 -31.84 9.79
CA PHE G 485 31.22 -29.06 7.53
CA LEU G 486 30.88 -28.34 3.86
CA TYR G 487 29.31 -25.84 1.56
CA SER G 488 27.97 -26.58 -1.86
CA LYS G 489 27.54 -23.93 -4.54
CA LEU G 490 24.94 -24.06 -7.32
CA THR G 491 25.36 -21.27 -9.83
CA VAL G 492 22.26 -20.14 -11.73
CA ASP G 493 21.12 -17.44 -14.17
CA LYS G 494 19.73 -14.44 -12.22
CA SER G 495 16.53 -14.83 -14.17
CA ARG G 496 15.49 -18.39 -13.19
CA TRP G 497 15.74 -17.54 -9.52
CA GLN G 498 13.49 -14.60 -10.17
CA GLN G 499 11.15 -16.74 -12.25
CA GLY G 500 10.49 -18.32 -8.85
CA ASN G 501 12.16 -21.68 -9.36
CA VAL G 502 12.71 -24.17 -6.57
CA PHE G 503 16.17 -25.62 -6.23
CA SER G 504 16.89 -28.38 -3.74
CA CYS G 505 20.00 -29.64 -2.13
CA SER G 506 19.95 -33.36 -1.53
CA VAL G 507 22.19 -34.76 1.23
CA MET G 508 22.98 -38.46 1.77
CA HIS G 509 24.62 -39.61 5.00
CA GLU G 510 24.87 -42.56 7.39
CA ALA G 511 22.93 -40.72 10.08
CA LEU G 512 20.04 -39.37 8.06
CA HIS G 513 16.52 -40.75 8.54
CA ASN G 514 16.25 -42.61 5.32
CA HIS G 515 19.92 -42.02 4.49
CA TYR G 516 18.54 -39.07 2.61
CA THR G 517 17.33 -35.53 3.20
CA GLN G 518 16.53 -32.68 0.94
CA LYS G 519 16.26 -28.98 1.75
CA SER G 520 14.77 -26.47 -0.74
CA LEU G 521 15.44 -22.91 -2.05
CA SER G 522 13.28 -20.46 -3.96
CA LEU G 523 12.55 -16.77 -4.50
CA GLU H 1 102.07 -139.46 -13.10
CA SER H 2 102.10 -135.96 -14.43
CA VAL H 3 105.37 -133.97 -14.57
CA LEU H 4 109.12 -134.04 -15.16
CA THR H 5 111.03 -131.85 -12.70
CA GLN H 6 113.43 -129.12 -13.84
CA PRO H 7 115.14 -126.38 -11.86
CA PRO H 8 113.24 -123.08 -12.52
CA SER H 9 116.39 -121.29 -13.47
CA ALA H 10 119.99 -121.74 -14.47
CA SER H 11 122.50 -118.95 -14.93
CA GLY H 12 126.05 -118.17 -15.76
CA THR H 13 128.43 -115.76 -17.43
CA PRO H 14 129.06 -115.91 -21.19
CA GLY H 15 131.43 -118.75 -22.09
CA GLN H 16 130.78 -120.77 -18.94
CA ARG H 17 129.42 -124.27 -18.98
CA VAL H 18 125.79 -124.34 -17.86
CA THR H 19 123.85 -127.56 -17.43
CA ILE H 20 120.15 -128.18 -16.81
CA SER H 21 118.78 -131.24 -15.02
CA CYS H 22 115.45 -133.09 -15.51
CA THR H 23 114.34 -135.55 -12.90
CA GLY H 24 111.78 -138.20 -13.69
CA THR H 25 110.58 -141.67 -12.66
CA SER H 26 110.99 -145.29 -13.74
CA SER H 27 114.11 -147.30 -14.03
CA GLY H 28 113.64 -144.67 -16.74
CA SER H 29 111.77 -146.35 -19.59
CA ILE H 30 111.91 -144.10 -22.63
CA THR H 31 114.23 -141.58 -24.43
CA VAL H 32 114.37 -137.84 -23.60
CA ASN H 33 114.03 -134.82 -25.89
CA TRP H 34 114.99 -131.22 -25.13
CA TYR H 35 113.23 -128.15 -26.52
CA GLN H 36 114.25 -124.55 -26.59
CA GLN H 37 111.43 -122.04 -26.46
CA LEU H 38 110.70 -118.35 -26.30
CA PRO H 39 107.46 -118.08 -24.25
CA GLY H 40 104.20 -118.43 -26.21
CA MET H 41 106.16 -118.99 -29.41
CA ALA H 42 106.81 -122.32 -31.14
CA PRO H 43 109.43 -124.47 -29.46
CA LYS H 44 112.27 -126.00 -31.42
CA LEU H 45 113.76 -129.50 -30.96
CA LEU H 46 117.36 -129.22 -29.67
CA ILE H 47 118.08 -132.80 -28.63
CA TYR H 48 116.24 -136.03 -29.52
CA ARG H 49 116.58 -139.57 -28.24
CA ASP H 50 118.71 -138.59 -25.18
CA ALA H 51 121.77 -137.36 -27.00
CA MET H 52 121.15 -136.77 -30.67
CA ARG H 53 121.15 -133.36 -32.32
CA PRO H 54 119.19 -132.21 -35.37
CA SER H 55 121.19 -130.47 -38.07
CA GLY H 56 121.39 -126.74 -37.48
CA VAL H 57 121.74 -127.16 -33.75
CA PRO H 58 125.13 -125.95 -32.48
CA THR H 59 127.76 -128.41 -31.28
CA ARG H 60 127.79 -126.78 -27.83
CA PHE H 61 124.54 -128.49 -26.92
CA SER H 62 124.84 -131.99 -25.59
CA GLY H 63 122.47 -134.40 -23.91
CA SER H 64 122.87 -137.12 -21.38
CA LYS H 65 120.64 -139.69 -19.67
CA SER H 66 121.01 -142.22 -16.86
CA GLY H 67 118.43 -144.05 -14.84
CA THR H 68 115.52 -141.77 -14.25
CA SER H 69 117.49 -138.59 -14.78
CA ALA H 70 118.65 -136.60 -17.78
CA SER H 71 120.54 -133.45 -18.41
CA LEU H 72 121.18 -130.78 -21.05
CA ALA H 73 124.70 -129.24 -21.30
CA ILE H 74 125.41 -125.82 -22.83
CA SER H 75 129.08 -125.69 -23.30
CA GLY H 76 130.00 -122.09 -23.58
CA LEU H 77 126.94 -119.99 -22.79
CA GLU H 78 126.10 -117.26 -25.28
CA ALA H 79 123.69 -114.37 -25.37
CA GLU H 80 121.43 -116.32 -27.75
CA ASP H 81 120.97 -119.00 -25.14
CA GLU H 82 118.72 -116.88 -23.00
CA SER H 83 115.48 -118.81 -23.35
CA ASP H 84 113.25 -121.46 -21.78
CA TYR H 85 114.26 -125.10 -21.99
CA TYR H 86 111.98 -128.15 -21.62
CA CYS H 87 112.83 -131.82 -21.39
CA ALA H 88 110.22 -134.38 -22.50
CA SER H 89 109.47 -138.13 -22.52
CA TRP H 90 106.74 -140.70 -23.02
CA ASN H 91 105.41 -142.38 -19.93
CA SER H 92 104.72 -146.10 -20.31
CA SER H 93 102.21 -146.62 -17.51
CA ASP H 94 100.20 -143.47 -18.17
CA ASN H 95 100.35 -143.62 -21.92
CA SER H 96 101.14 -139.93 -22.04
CA TYR H 97 103.76 -137.59 -23.38
CA VAL H 98 105.17 -135.67 -20.42
CA PHE H 99 106.85 -132.24 -20.41
CA GLY H 100 109.30 -130.97 -17.87
CA THR H 101 108.29 -127.96 -15.72
CA GLY H 102 110.95 -126.01 -17.57
CA THR H 103 114.04 -123.86 -16.97
CA LYS H 104 114.83 -120.27 -17.71
CA VAL H 105 118.44 -119.37 -18.47
CA THR H 106 119.92 -115.96 -17.88
CA VAL H 107 123.25 -114.81 -19.30
CA LEU H 108 124.72 -113.13 -16.31
CA GLY H 109 126.04 -109.65 -16.16
CA GLN H 110 124.42 -106.99 -18.33
CA PRO H 111 124.56 -103.51 -16.88
CA LYS H 112 122.01 -102.62 -14.28
CA ALA H 113 119.65 -99.93 -15.61
CA ASN H 114 117.76 -97.60 -13.20
CA PRO H 115 114.02 -97.21 -13.81
CA THR H 116 112.16 -94.16 -15.17
CA VAL H 117 109.12 -93.48 -12.99
CA THR H 118 106.16 -91.59 -14.43
CA LEU H 119 103.18 -90.88 -12.19
CA PHE H 120 99.63 -89.71 -13.19
CA PRO H 121 96.90 -88.59 -10.79
CA PRO H 122 93.21 -89.27 -11.52
CA SER H 123 91.60 -87.63 -14.48
CA SER H 124 88.86 -85.05 -13.81
CA GLU H 125 86.56 -86.97 -16.12
CA GLU H 126 87.14 -90.14 -14.20
CA LEU H 127 86.52 -88.32 -10.93
CA GLN H 128 83.14 -87.32 -12.36
CA ALA H 129 82.42 -90.97 -12.97
CA ASN H 130 82.99 -91.30 -9.22
CA LYS H 131 86.15 -93.37 -9.57
CA ALA H 132 89.92 -92.71 -9.25
CA THR H 133 92.93 -94.38 -10.70
CA LEU H 134 96.50 -93.37 -10.04
CA VAL H 135 98.97 -94.72 -12.60
CA CYS H 136 102.67 -95.38 -11.97
CA LEU H 137 104.58 -96.30 -15.08
CA ILE H 138 108.10 -97.78 -14.74
CA SER H 139 110.35 -98.16 -17.83
CA ASP H 140 113.84 -98.94 -19.07
CA PHE H 141 115.04 -101.01 -16.14
CA TYR H 142 117.38 -103.98 -15.86
CA PRO H 143 117.17 -106.42 -14.18
CA GLY H 144 113.42 -107.07 -14.25
CA ALA H 145 112.88 -107.08 -10.49
CA VAL H 146 111.14 -104.12 -8.86
CA THR H 147 109.16 -103.35 -5.75
CA VAL H 148 106.42 -100.79 -6.01
CA ALA H 149 104.85 -99.18 -2.96
CA TRP H 150 102.10 -96.62 -2.70
CA LYS H 151 102.09 -94.02 0.01
CA ALA H 152 99.53 -91.37 1.00
CA ASP H 153 100.89 -88.42 2.98
CA GLY H 154 103.21 -90.12 5.46
CA SER H 155 101.70 -93.59 5.14
CA PRO H 156 101.56 -96.86 3.19
CA VAL H 157 98.50 -97.37 0.99
CA LYS H 158 96.55 -100.52 2.01
CA ALA H 159 94.66 -102.00 -0.90
CA GLY H 160 93.50 -101.20 -4.41
CA VAL H 161 96.94 -101.74 -5.95
CA GLU H 162 97.32 -103.74 -9.19
CA THR H 163 100.94 -104.23 -10.37
CA THR H 164 102.03 -105.94 -13.61
CA LYS H 165 104.86 -108.39 -13.78
CA PRO H 166 107.75 -106.80 -15.61
CA SER H 167 108.03 -107.56 -19.28
CA LYS H 168 111.01 -107.36 -21.49
CA GLN H 169 111.08 -104.87 -24.34
CA SER H 170 112.97 -105.23 -27.62
CA ASN H 171 115.28 -102.90 -25.75
CA ASN H 172 116.42 -105.80 -23.58
CA LYS H 173 115.17 -103.69 -20.72
CA TYR H 174 111.93 -104.10 -18.77
CA ALA H 175 108.62 -102.27 -18.23
CA ALA H 176 105.93 -102.43 -15.61
CA SER H 177 102.80 -100.57 -14.54
CA SER H 178 101.09 -100.14 -11.20
CA TYR H 179 97.52 -98.94 -10.68
CA LEU H 180 96.02 -97.63 -7.51
CA SER H 181 92.28 -97.58 -7.22
CA LEU H 182 90.55 -95.19 -4.89
CA THR H 183 87.46 -93.21 -4.34
CA PRO H 184 87.50 -89.54 -5.26
CA GLU H 185 86.99 -88.90 -1.57
CA GLN H 186 90.06 -90.90 -0.47
CA TRP H 187 91.95 -89.12 -3.22
CA LYS H 188 90.83 -85.76 -2.00
CA SER H 189 91.23 -86.48 1.67
CA HIS H 190 95.06 -86.50 1.51
CA ARG H 191 97.58 -83.84 0.59
CA SER H 192 99.88 -86.08 -1.41
CA TYR H 193 100.20 -89.46 -3.06
CA SER H 194 103.48 -91.24 -3.86
CA CYS H 195 104.62 -94.07 -5.99
CA GLN H 196 107.86 -95.48 -4.75
CA VAL H 197 109.93 -97.91 -6.78
CA THR H 198 112.82 -99.88 -5.34
CA HIS H 199 115.25 -101.44 -7.76
CA GLU H 200 118.52 -103.03 -6.71
CA GLY H 201 118.80 -101.13 -3.42
CA SER H 202 117.89 -97.83 -5.05
CA THR H 203 114.44 -96.18 -4.35
CA VAL H 204 112.87 -93.58 -6.59
CA GLU H 205 109.76 -91.69 -5.52
CA LYS H 206 107.34 -89.57 -7.53
CA THR H 207 104.61 -87.44 -5.93
CA VAL H 208 101.22 -86.05 -7.17
CA ALA H 209 98.62 -83.86 -5.37
CA PRO H 210 94.98 -83.07 -6.00
CA THR H 211 96.33 -79.53 -6.79
CA GLU H 212 97.43 -79.91 -10.37
CA CYS H 213 101.07 -80.69 -9.57
CA SER H 214 81.09 -81.40 -14.90
CA ALA H 215 79.14 -78.16 -14.70
CA SER H 216 76.21 -77.41 -16.93
CA THR H 217 75.19 -74.06 -18.37
CA LYS H 218 73.84 -71.80 -15.61
CA GLY H 219 72.74 -68.19 -16.09
CA PRO H 220 73.95 -65.72 -13.42
CA SER H 221 72.22 -64.28 -10.43
CA VAL H 222 72.62 -60.50 -10.56
CA PHE H 223 72.90 -58.40 -7.38
CA PRO H 224 73.42 -54.68 -7.10
CA LEU H 225 76.39 -53.48 -5.01
CA ALA H 226 74.91 -50.26 -3.69
CA PRO H 227 76.97 -47.11 -3.19
CA SER H 228 77.78 -46.64 0.52
CA SER H 229 76.70 -43.56 2.52
CA LYS H 230 80.01 -43.81 4.35
CA SER H 231 82.16 -41.12 2.84
CA THR H 232 85.67 -41.69 1.55
CA SER H 233 88.63 -39.30 1.37
CA GLY H 234 88.37 -37.96 -2.17
CA GLY H 235 85.78 -37.46 -4.92
CA THR H 236 84.90 -41.16 -4.97
CA ALA H 237 81.76 -43.20 -4.62
CA ALA H 238 81.91 -46.82 -5.71
CA LEU H 239 78.96 -48.82 -6.94
CA GLY H 240 78.75 -52.09 -8.88
CA CYS H 241 77.10 -55.39 -9.79
CA LEU H 242 77.74 -58.90 -8.55
CA VAL H 243 77.38 -61.50 -11.27
CA LYS H 244 77.21 -64.62 -9.32
CA ASP H 245 77.42 -68.39 -10.05
CA TYR H 246 77.33 -68.66 -13.86
CA PHE H 247 78.67 -71.22 -16.38
CA PRO H 248 80.39 -70.99 -18.66
CA GLN H 249 82.46 -67.88 -19.31
CA PRO H 250 82.20 -65.34 -20.54
CA VAL H 251 79.63 -62.76 -19.49
CA THR H 252 79.19 -59.28 -20.89
CA VAL H 253 78.57 -56.38 -18.52
CA SER H 254 78.04 -52.82 -19.60
CA TRP H 255 76.66 -49.73 -17.77
CA ASN H 256 73.77 -47.50 -18.73
CA SER H 257 73.54 -49.56 -21.81
CA GLY H 258 77.17 -48.92 -22.59
CA ALA H 259 76.56 -45.17 -22.57
CA LEU H 260 78.83 -45.22 -19.50
CA THR H 261 82.40 -46.22 -19.94
CA SER H 262 84.10 -43.70 -17.73
CA GLY H 263 85.47 -45.25 -14.55
CA VAL H 264 84.08 -48.71 -15.02
CA HIS H 265 86.25 -51.55 -13.78
CA THR H 266 85.07 -55.15 -14.40
CA PHE H 267 87.26 -57.63 -12.57
CA PRO H 268 88.39 -61.04 -13.65
CA ALA H 269 85.92 -63.69 -12.55
CA VAL H 270 86.59 -66.18 -9.71
CA LEU H 271 86.22 -69.94 -10.45
CA GLN H 272 84.62 -71.24 -7.35
CA SER H 273 84.86 -74.76 -5.91
CA SER H 274 81.37 -75.25 -7.35
CA GLY H 275 82.64 -75.21 -10.83
CA LEU H 276 80.72 -71.96 -11.27
CA TYR H 277 82.05 -68.44 -11.83
CA SER H 278 81.37 -65.09 -10.22
CA LEU H 279 82.54 -61.63 -11.22
CA SER H 280 82.22 -58.03 -10.08
CA SER H 281 81.98 -54.85 -12.13
CA VAL H 282 82.38 -51.49 -10.38
CA VAL H 283 82.01 -47.87 -11.30
CA THR H 284 83.82 -45.24 -9.33
CA VAL H 285 81.78 -42.04 -9.66
CA PRO H 286 82.13 -38.53 -8.11
CA SER H 287 79.95 -38.70 -5.05
CA SER H 288 78.09 -35.53 -6.09
CA SER H 289 76.33 -37.44 -8.91
CA LEU H 290 75.20 -40.30 -6.77
CA GLY H 291 71.54 -39.64 -6.46
CA THR H 292 71.59 -36.94 -9.16
CA GLN H 293 71.93 -39.77 -11.73
CA THR H 294 70.83 -43.37 -12.53
CA TYR H 295 73.07 -46.40 -12.88
CA ILE H 296 72.00 -49.72 -14.29
CA CYS H 297 74.30 -52.59 -15.18
CA ASN H 298 73.29 -54.62 -18.25
CA VAL H 299 74.32 -58.25 -17.94
CA ASN H 300 74.32 -60.60 -20.89
CA HIS H 301 75.13 -64.26 -20.57
CA LYS H 302 75.00 -65.48 -24.17
CA PRO H 303 75.44 -69.26 -23.47
CA SER H 304 72.26 -69.32 -21.36
CA ASN H 305 70.59 -66.43 -23.07
CA THR H 306 70.20 -64.75 -19.66
CA LYS H 307 69.85 -60.97 -20.05
CA VAL H 308 69.43 -58.97 -16.85
CA ASP H 309 69.44 -55.23 -16.08
CA LYS H 310 69.95 -54.32 -12.47
CA ARG H 311 69.26 -50.74 -11.28
CA VAL H 312 69.34 -50.43 -7.50
CA GLU H 313 68.11 -47.79 -5.16
CA PRO H 314 67.41 -47.37 -1.42
CA LEU H 315 74.59 -42.48 0.60
CA SER H 316 71.15 -41.59 1.93
CA LEU H 317 69.33 -38.35 2.56
CA PRO H 318 66.47 -35.99 3.20
CA SER H 319 64.64 -33.10 1.58
CA VAL H 320 63.67 -29.54 2.30
CA PHE H 321 60.34 -27.63 2.56
CA LEU H 322 60.06 -23.78 2.51
CA PHE H 323 57.41 -22.13 4.68
CA PRO H 324 56.02 -18.61 4.13
CA PRO H 325 55.29 -15.86 6.74
CA LYS H 326 51.92 -15.66 8.40
CA PRO H 327 49.58 -13.23 6.82
CA LYS H 328 49.09 -11.31 10.05
CA ASP H 329 52.87 -11.05 10.60
CA THR H 330 53.30 -9.37 7.27
CA LEU H 331 50.32 -7.13 7.25
CA MET H 332 51.37 -5.66 10.59
CA ILE H 333 54.66 -3.77 10.90
CA SER H 334 54.55 -4.29 14.69
CA ARG H 335 55.14 -7.94 14.05
CA THR H 336 58.18 -9.72 12.65
CA PRO H 337 57.60 -12.04 9.72
CA GLU H 338 59.87 -14.95 8.94
CA VAL H 339 60.55 -17.60 6.30
CA THR H 340 61.20 -21.06 7.71
CA CYS H 341 63.38 -23.66 6.04
CA VAL H 342 62.74 -27.17 7.34
CA VAL H 343 65.10 -30.02 6.51
CA VAL H 344 63.85 -33.47 7.40
CA ASP H 345 65.14 -37.08 7.07
CA VAL H 346 68.64 -35.99 8.13
CA SER H 347 70.33 -39.35 8.70
CA HIS H 348 72.70 -39.91 11.66
CA GLU H 349 76.05 -40.42 10.02
CA ASP H 350 75.82 -37.17 8.07
CA PRO H 351 74.25 -34.69 10.60
CA GLN H 352 76.07 -31.67 9.09
CA VAL H 353 73.44 -29.37 7.62
CA LYS H 354 74.50 -26.12 5.92
CA PHE H 355 71.74 -23.61 5.23
CA ASN H 356 72.61 -20.90 2.69
CA TRP H 357 70.17 -17.95 2.50
CA TYR H 358 69.78 -15.80 -0.58
CA VAL H 359 67.29 -12.94 -0.93
CA ASP H 360 66.06 -12.84 -4.46
CA GLY H 361 69.32 -12.27 -6.24
CA VAL H 362 71.67 -11.65 -3.36
CA GLN H 363 72.87 -13.86 -0.51
CA VAL H 364 71.74 -12.23 2.74
CA HIS H 365 74.34 -14.58 4.17
CA ASN H 366 73.73 -14.09 7.88
CA ALA H 367 70.98 -11.42 7.89
CA LYS H 368 69.51 -13.02 10.90
CA THR H 369 69.41 -16.71 10.01
CA LYS H 370 69.08 -19.05 13.03
CA PRO H 371 69.07 -22.92 12.97
CA ARG H 372 69.49 -25.73 15.68
CA GLU H 373 69.57 -29.58 15.68
CA GLN H 374 66.70 -31.79 16.97
CA GLN H 375 67.08 -35.57 17.42
CA TYR H 376 63.83 -37.20 16.23
CA ASN H 377 62.28 -40.43 14.95
CA SER H 378 65.49 -42.39 14.19
CA THR H 379 66.90 -39.29 12.52
CA TYR H 380 67.47 -35.54 12.75
CA ARG H 381 65.42 -32.38 12.24
CA VAL H 382 67.19 -29.10 11.55
CA VAL H 383 65.25 -25.90 10.88
CA SER H 384 66.55 -22.47 9.95
CA VAL H 385 64.47 -19.30 10.25
CA LEU H 386 65.13 -16.10 8.30
CA THR H 387 63.45 -12.77 9.12
CA VAL H 388 61.65 -10.90 6.33
CA LEU H 389 61.04 -7.21 5.66
CA HIS H 390 57.33 -6.81 4.99
CA GLN H 391 57.99 -4.61 2.02
CA ASN H 392 60.12 -7.17 0.28
CA TRP H 393 57.61 -9.90 0.85
CA LEU H 394 54.80 -7.76 -0.43
CA ASP H 395 56.85 -6.63 -3.42
CA GLY H 396 57.09 -10.21 -4.37
CA LYS H 397 60.82 -10.91 -3.95
CA GLU H 398 62.01 -14.52 -4.06
CA TYR H 399 63.42 -16.17 -0.94
CA LYS H 400 65.98 -18.90 -1.51
CA CYS H 401 67.11 -21.59 0.94
CA LYS H 402 70.11 -23.72 -0.15
CA VAL H 403 70.71 -26.76 2.01
CA SER H 404 74.00 -28.65 2.35
CA ASN H 405 74.74 -32.03 3.99
CA LYS H 406 77.71 -34.25 2.93
CA ALA H 407 75.53 -37.28 2.12
CA LEU H 408 73.23 -35.25 -0.12
CA PRO H 409 75.24 -35.31 -3.35
CA ALA H 410 73.89 -32.13 -4.90
CA PRO H 411 72.77 -29.17 -2.73
CA ILE H 412 69.04 -28.52 -2.31
CA GLU H 413 68.08 -25.05 -3.63
CA LYS H 414 64.46 -24.34 -2.74
CA THR H 415 62.84 -21.00 -3.43
CA ILE H 416 59.60 -19.40 -2.26
CA SER H 417 57.68 -16.08 -2.64
CA LYS H 418 54.09 -14.88 -2.67
CA ALA H 419 51.88 -14.76 -5.79
CA LYS H 420 50.51 -15.07 -9.41
CA GLY H 421 49.51 -15.23 -13.17
CA GLN H 422 46.81 -12.88 -14.13
CA PRO H 423 45.01 -12.11 -10.89
CA ARG H 424 41.28 -11.97 -10.52
CA GLU H 425 39.81 -9.81 -7.80
CA PRO H 426 37.86 -11.86 -5.22
CA GLN H 427 34.12 -11.21 -4.87
CA VAL H 428 33.42 -11.04 -1.15
CA TYR H 429 29.75 -11.54 -0.29
CA THR H 430 28.48 -12.15 3.25
CA LEU H 431 25.51 -14.31 4.16
CA PRO H 432 23.41 -14.22 7.29
CA PRO H 433 22.28 -17.20 9.40
CA SER H 434 19.26 -19.14 8.23
CA ARG H 435 15.90 -19.01 9.93
CA GLU H 436 16.09 -22.76 10.23
CA GLU H 437 19.26 -22.24 12.18
CA MET H 438 17.78 -19.64 14.54
CA THR H 439 16.40 -22.64 16.39
CA LYS H 440 19.94 -23.24 17.73
CA ASN H 441 21.72 -21.51 20.63
CA GLN H 442 24.43 -20.87 18.08
CA VAL H 443 24.16 -19.54 14.58
CA SER H 444 26.49 -19.49 11.58
CA LEU H 445 27.70 -16.39 9.70
CA THR H 446 29.29 -16.98 6.30
CA CYS H 447 31.26 -15.17 3.67
CA LEU H 448 31.33 -16.65 0.21
CA VAL H 449 34.50 -15.47 -1.47
CA LYS H 450 34.28 -16.22 -5.20
CA GLY H 451 35.82 -15.64 -8.64
CA PHE H 452 39.47 -15.03 -7.60
CA TYR H 453 42.91 -16.04 -8.88
CA PRO H 454 45.49 -17.29 -7.92
CA SER H 455 44.32 -19.52 -5.02
CA ASP H 456 46.50 -17.64 -2.51
CA ILE H 457 44.30 -15.74 -0.20
CA ALA H 458 43.70 -14.91 3.48
CA VAL H 459 40.22 -14.69 4.99
CA GLU H 460 40.05 -13.49 8.64
CA TRP H 461 37.15 -12.48 10.95
CA GLU H 462 36.42 -9.53 13.27
CA SER H 463 33.54 -8.23 15.38
CA ASN H 464 34.68 -4.75 16.49
CA GLY H 465 38.19 -3.52 17.02
CA GLN H 466 38.87 -7.10 17.96
CA PRO H 467 39.33 -10.40 16.17
CA GLU H 468 37.30 -13.57 16.64
CA ASN H 469 37.95 -17.24 17.36
CA ASN H 470 35.09 -19.33 16.19
CA TYR H 471 35.61 -19.28 12.47
CA LYS H 472 36.62 -22.09 10.05
CA THR H 473 37.39 -21.49 6.41
CA THR H 474 37.35 -24.14 3.63
CA PRO H 475 40.23 -24.72 1.16
CA PRO H 476 40.13 -22.96 -2.22
CA VAL H 477 38.08 -25.02 -4.64
CA LEU H 478 38.59 -24.65 -8.37
CA ASP H 479 35.41 -23.36 -9.89
CA SER H 480 34.12 -23.52 -13.43
CA ASP H 481 35.47 -20.06 -14.53
CA GLY H 482 38.93 -21.41 -14.00
CA SER H 483 38.78 -19.12 -11.04
CA PHE H 484 38.45 -20.05 -7.32
CA PHE H 485 36.00 -20.07 -4.50
CA LEU H 486 36.06 -20.67 -0.77
CA TYR H 487 33.54 -20.19 1.98
CA SER H 488 34.32 -19.09 5.53
CA LYS H 489 31.99 -19.91 8.41
CA LEU H 490 31.96 -17.95 11.68
CA THR H 491 29.95 -19.39 14.62
CA VAL H 492 28.55 -17.06 17.26
CA ASP H 493 25.90 -17.08 20.01
CA LYS H 494 22.31 -16.56 18.85
CA SER H 495 22.30 -13.87 21.51
CA ARG H 496 25.21 -11.76 20.19
CA TRP H 497 23.77 -11.87 16.71
CA GLN H 498 20.45 -10.83 18.15
CA GLN H 499 21.72 -7.99 20.26
CA GLY H 500 22.60 -6.53 16.90
CA ASN H 501 26.40 -6.73 16.65
CA VAL H 502 28.41 -6.09 13.51
CA PHE H 503 30.67 -8.91 12.21
CA SER H 504 33.30 -8.46 9.52
CA CYS H 505 34.76 -10.71 6.88
CA SER H 506 38.22 -9.45 5.84
CA VAL H 507 39.71 -10.92 2.66
CA MET H 508 43.36 -10.22 1.78
CA HIS H 509 44.30 -10.93 -1.84
CA GLU H 510 46.95 -9.83 -4.40
CA ALA H 511 44.39 -8.20 -6.71
CA LEU H 512 42.49 -6.02 -4.22
CA HIS H 513 42.91 -2.24 -3.95
CA ASN H 514 44.97 -2.16 -0.85
CA HIS H 515 45.49 -5.89 -0.66
CA TYR H 516 42.48 -5.77 1.57
CA THR H 517 38.73 -5.69 1.45
CA GLN H 518 36.20 -6.15 4.21
CA LYS H 519 32.49 -7.05 3.92
CA SER H 520 30.21 -6.65 6.95
CA LEU H 521 27.19 -8.22 8.61
CA SER H 522 24.82 -7.03 11.34
CA LEU H 523 21.31 -7.96 12.36
CA GLU I 1 163.78 64.38 -15.43
CA VAL I 2 163.87 61.29 -13.26
CA GLN I 3 160.45 59.62 -13.14
CA LEU I 4 159.57 56.63 -10.89
CA VAL I 5 156.13 54.95 -11.39
CA GLN I 6 154.94 52.24 -8.95
CA SER I 7 152.46 49.56 -9.94
CA GLY I 8 150.94 46.32 -8.68
CA GLY I 9 149.20 47.34 -5.48
CA GLY I 10 146.00 45.70 -4.33
CA VAL I 11 143.67 44.35 -1.66
CA VAL I 12 144.47 40.86 -0.35
CA GLN I 13 143.77 38.63 2.60
CA PRO I 14 146.40 37.49 5.14
CA GLY I 15 148.95 34.98 3.96
CA ARG I 16 148.56 35.90 0.28
CA SER I 17 151.05 37.50 -2.16
CA LEU I 18 151.64 40.56 -4.29
CA ARG I 19 154.35 41.85 -6.58
CA LEU I 20 155.12 45.52 -6.96
CA SER I 21 157.01 47.06 -9.83
CA CYS I 22 158.70 50.43 -10.25
CA SER I 23 159.44 51.52 -13.74
CA SER I 24 161.94 54.29 -14.30
CA SER I 25 163.13 56.84 -16.91
CA GLY I 26 165.32 60.00 -17.11
CA PHE I 27 168.51 58.41 -15.66
CA ILE I 28 171.04 55.58 -16.04
CA PHE I 29 169.15 53.16 -13.89
CA SER I 30 171.97 50.67 -13.40
CA SER I 31 174.11 53.29 -11.61
CA TYR I 32 172.05 53.85 -8.55
CA ALA I 33 170.83 51.94 -5.51
CA MET I 34 167.02 51.75 -5.30
CA TYR I 35 164.69 51.77 -2.27
CA TRP I 36 161.25 50.61 -1.21
CA VAL I 37 159.60 52.69 1.57
CA ARG I 38 156.09 52.33 2.89
CA GLN I 39 153.54 54.38 4.80
CA ALA I 40 150.74 52.88 6.91
CA PRO I 41 147.65 55.02 7.10
CA GLY I 42 148.07 57.63 9.78
CA LYS I 43 151.65 56.62 10.44
CA GLY I 44 155.15 57.72 9.39
CA LEU I 45 157.61 56.64 6.66
CA GLU I 46 159.06 53.14 7.18
CA TRP I 47 162.02 51.91 5.04
CA VAL I 48 161.49 48.43 3.57
CA ALA I 49 164.52 47.55 1.46
CA ILE I 50 167.51 48.67 -0.58
CA ILE I 51 169.26 47.00 -3.49
CA TRP I 52 172.71 47.91 -4.88
CA ASP I 53 173.24 49.25 -8.38
CA ASP I 54 174.31 45.83 -9.74
CA GLY I 55 171.97 43.89 -7.41
CA SER I 56 174.94 42.22 -5.76
CA ASP I 57 173.47 42.78 -2.35
CA GLN I 58 170.16 43.71 -0.78
CA HIS I 59 169.13 44.73 2.76
CA TYR I 60 165.75 44.53 4.48
CA ALA I 61 163.81 45.93 7.44
CA ASP I 62 163.58 43.35 10.26
CA SER I 63 159.73 43.20 9.96
CA VAL I 64 159.93 42.03 6.38
CA LYS I 65 163.00 39.89 6.13
CA GLY I 66 162.25 36.57 4.53
CA ARG I 67 158.76 37.48 3.32
CA PHE I 68 159.83 40.23 0.90
CA THR I 69 162.35 40.06 -1.97
CA ILE I 70 163.80 43.11 -3.70
CA SER I 71 165.25 42.58 -7.12
CA ARG I 72 165.89 44.59 -10.26
CA ASN I 73 166.21 44.33 -13.98
CA ASP I 74 168.79 46.86 -15.23
CA SER I 75 167.96 45.73 -18.69
CA LYS I 76 164.41 46.93 -18.38
CA ASN I 77 165.11 49.75 -15.86
CA THR I 78 162.60 48.16 -13.38
CA LEU I 79 162.60 47.48 -9.67
CA PHE I 80 160.49 44.69 -8.11
CA LEU I 81 159.12 43.90 -4.67
CA GLN I 82 157.86 40.30 -4.20
CA MET I 83 155.71 40.31 -1.13
CA ASP I 84 154.92 36.89 0.30
CA SER I 85 152.82 35.79 3.31
CA LEU I 86 151.43 39.26 3.71
CA ARG I 87 150.21 40.48 7.11
CA PRO I 88 147.62 43.14 7.99
CA GLU I 89 150.45 45.25 9.38
CA ASP I 90 151.86 45.45 5.90
CA THR I 91 149.01 47.68 4.81
CA GLY I 92 150.35 50.96 3.44
CA VAL I 93 151.32 53.08 0.46
CA TYR I 94 154.51 51.74 -1.15
CA PHE I 95 157.02 54.11 -2.68
CA CYS I 96 160.11 53.36 -4.65
CA ALA I 97 162.95 55.84 -4.50
CA ARG I 98 166.36 56.39 -6.06
CA ASP I 99 169.48 56.53 -3.89
CA GLY I 100 171.25 59.72 -4.90
CA GLY I 101 174.80 58.47 -4.38
CA SER I 102 173.24 56.18 -1.59
CA SER I 103 171.74 54.13 1.26
CA ALA I 104 168.59 56.15 0.57
CA PRO I 105 166.50 58.75 -1.24
CA ASP I 106 166.56 61.62 -3.65
CA TYR I 107 163.75 61.19 -6.06
CA TRP I 108 160.55 59.34 -5.10
CA GLY I 109 157.66 57.75 -6.99
CA GLN I 110 153.96 58.41 -6.42
CA GLY I 111 153.06 55.36 -4.33
CA THR I 112 151.02 52.23 -4.85
CA PRO I 113 148.54 51.26 -2.05
CA VAL I 114 148.54 47.83 -0.41
CA THR I 115 145.65 46.68 1.77
CA VAL I 116 145.89 43.41 3.72
CA SER I 117 142.75 42.62 5.70
CA SER I 118 140.86 39.73 7.25
CA ALA I 119 137.75 41.20 5.65
CA SER I 120 136.39 40.01 2.36
CA THR I 121 134.69 42.05 -0.33
CA LYS I 122 131.25 43.16 0.85
CA GLY I 123 128.90 45.41 -1.13
CA PRO I 124 127.19 48.19 0.88
CA SER I 125 123.76 48.41 2.36
CA VAL I 126 122.20 51.69 1.21
CA PHE I 127 119.77 53.64 3.43
CA PRO I 128 118.13 56.96 2.70
CA LEU I 129 118.61 59.74 5.28
CA ALA I 130 115.29 61.49 4.86
CA PRO I 131 114.92 65.27 5.09
CA SER I 132 113.42 66.23 8.47
CA SER I 133 110.11 68.13 8.85
CA LYS I 134 111.68 69.95 11.77
CA SER I 135 112.61 73.34 10.44
CA THR I 136 116.01 74.92 10.84
CA SER I 137 116.99 78.60 11.08
CA GLY I 138 117.89 79.42 7.48
CA GLY I 139 117.17 78.19 3.95
CA THR I 140 118.43 74.70 4.71
CA ALA I 141 117.07 71.21 4.46
CA ALA I 142 119.52 68.35 4.70
CA LEU I 143 119.05 64.96 3.13
CA GLY I 144 121.50 62.14 2.39
CA CYS I 145 122.44 58.48 2.00
CA LEU I 146 124.03 56.07 4.42
CA VAL I 147 126.43 53.67 2.74
CA LYS I 148 126.91 51.13 5.35
CA ASP I 149 129.33 48.19 5.97
CA TYR I 150 131.28 47.81 2.72
CA PHE I 151 134.76 46.46 1.84
CA PRO I 152 137.00 47.60 0.44
CA GLN I 153 137.22 51.31 -0.30
CA PRO I 154 136.37 53.16 -2.27
CA VAL I 155 132.72 53.76 -3.15
CA THR I 156 131.36 56.26 -5.62
CA VAL I 157 128.29 58.29 -4.70
CA SER I 158 126.65 60.82 -6.97
CA TRP I 159 123.21 62.54 -6.87
CA ASN I 160 120.53 62.60 -9.51
CA SER I 161 122.92 60.71 -11.64
CA GLY I 162 125.55 63.35 -11.12
CA ALA I 163 123.22 66.01 -12.52
CA LEU I 164 123.34 67.41 -8.95
CA THR I 165 126.59 68.70 -7.66
CA SER I 166 125.45 71.81 -5.89
CA GLY I 167 125.62 71.45 -2.09
CA VAL I 168 126.62 67.84 -1.96
CA HIS I 169 128.97 66.87 0.84
CA THR I 170 130.24 63.26 0.98
CA PHE I 171 132.14 62.61 4.18
CA PRO I 172 135.20 60.49 4.75
CA ALA I 173 134.23 56.92 5.58
CA VAL I 174 134.55 55.41 9.10
CA LEU I 175 136.54 52.13 9.47
CA GLN I 176 134.53 50.24 11.98
CA SER I 177 135.76 47.58 14.41
CA SER I 178 134.23 45.08 11.99
CA GLY I 179 136.84 45.76 9.43
CA LEU I 180 134.06 47.23 7.30
CA TYR I 181 133.52 50.84 6.21
CA SER I 182 130.56 53.18 6.30
CA LEU I 183 130.14 56.64 4.80
CA SER I 184 127.53 59.39 4.54
CA SER I 185 126.79 61.74 1.67
CA VAL I 186 124.51 64.73 2.30
CA VAL I 187 122.87 67.40 0.22
CA THR I 188 121.86 70.66 1.80
CA VAL I 189 118.97 72.00 -0.27
CA PRO I 190 116.68 75.08 0.12
CA SER I 191 113.72 73.76 1.98
CA SER I 192 111.32 75.18 -0.63
CA SER I 193 112.43 72.51 -3.16
CA LEU I 194 112.01 69.60 -0.84
CA GLY I 195 108.93 67.98 -2.16
CA THR I 196 108.94 70.09 -5.35
CA GLN I 197 111.87 67.96 -6.56
CA THR I 198 113.30 64.37 -6.54
CA TYR I 199 116.59 63.25 -5.03
CA ILE I 200 118.19 59.89 -5.64
CA CYS I 201 121.71 58.92 -4.63
CA ASN I 202 123.52 56.59 -7.04
CA VAL I 203 125.93 54.29 -5.25
CA ASN I 204 128.57 52.31 -7.08
CA HIS I 205 130.82 49.85 -5.34
CA LYS I 206 133.13 48.68 -8.13
CA PRO I 207 134.99 45.92 -6.17
CA SER I 208 131.72 44.05 -5.54
CA ASN I 209 129.93 45.34 -8.58
CA THR I 210 127.13 46.56 -6.28
CA LYS I 211 125.17 49.39 -7.94
CA VAL I 212 122.28 50.85 -5.94
CA ASP I 213 120.03 53.89 -6.45
CA LYS I 214 118.16 55.04 -3.41
CA ARG I 215 115.27 57.55 -3.75
CA VAL I 216 112.94 59.59 -1.68
CA GLU I 217 110.78 62.05 0.25
CA PRO I 218 108.76 63.81 3.07
CA GLU J 1 116.38 133.69 20.31
CA VAL J 2 113.01 134.24 18.70
CA GLN J 3 110.60 131.45 19.61
CA LEU J 4 107.08 131.04 18.13
CA VAL J 5 104.79 128.33 19.64
CA GLN J 6 101.41 127.53 17.99
CA SER J 7 98.50 126.08 19.92
CA GLY J 8 94.80 125.29 19.56
CA GLY J 9 94.69 122.83 16.71
CA GLY J 10 92.13 120.05 16.58
CA VAL J 11 89.73 117.77 14.75
CA VAL J 12 86.33 119.23 13.87
CA GLN J 13 83.41 118.68 11.55
CA PRO J 14 82.41 121.05 8.70
CA GLY J 15 80.88 124.35 9.70
CA ARG J 16 82.45 124.37 13.18
CA SER J 17 85.07 126.70 14.71
CA LEU J 18 88.56 126.79 16.14
CA ARG J 19 90.91 129.39 17.53
CA LEU J 20 94.66 129.19 17.13
CA SER J 21 97.17 131.05 19.23
CA CYS J 22 100.85 131.80 18.71
CA SER J 23 102.81 132.80 21.72
CA SER J 24 106.15 134.50 21.27
CA SER J 25 109.40 135.38 23.10
CA GLY J 26 112.95 136.62 22.29
CA PHE J 27 111.87 139.84 20.46
CA ILE J 28 109.86 143.07 20.73
CA PHE J 29 106.67 141.57 19.46
CA SER J 30 104.87 144.84 18.77
CA SER J 31 107.47 145.84 16.17
CA TYR J 32 106.87 143.21 13.57
CA ALA J 33 104.13 142.06 11.23
CA MET J 34 103.00 138.46 11.90
CA TYR J 35 101.83 135.74 9.51
CA TRP J 36 99.69 132.62 9.42
CA VAL J 37 100.68 130.01 6.79
CA ARG J 38 99.24 126.55 6.33
CA GLN J 39 100.18 123.26 4.72
CA ALA J 40 97.64 120.66 3.56
CA PRO J 41 98.92 117.11 3.71
CA GLY J 42 100.91 116.35 0.61
CA LYS J 43 100.65 119.91 -0.64
CA GLY J 44 102.74 123.09 -0.57
CA LEU J 45 102.87 126.18 1.67
CA GLU J 46 99.79 128.43 1.43
CA TRP J 47 99.77 131.92 3.03
CA VAL J 48 96.66 132.62 5.13
CA ALA J 49 96.98 136.09 6.62
CA ILE J 50 99.18 138.97 7.75
CA ILE J 51 98.63 141.57 10.44
CA TRP J 52 100.60 144.83 10.86
CA ASP J 53 102.74 145.57 13.90
CA ASP J 54 100.03 147.74 15.52
CA GLY J 55 97.16 145.66 14.11
CA SER J 56 95.92 148.64 12.14
CA ASP J 57 95.38 146.52 9.09
CA GLN J 58 95.14 142.86 8.17
CA HIS J 59 95.11 141.00 4.82
CA TYR J 60 93.76 137.56 3.93
CA ALA J 61 94.01 134.83 1.29
CA ASP J 62 90.90 134.83 -0.94
CA SER J 63 89.92 131.30 0.21
CA VAL J 64 89.62 132.41 3.80
CA LYS J 65 88.37 135.94 3.72
CA GLY J 66 85.38 136.41 5.96
CA ARG J 67 85.69 133.07 7.74
CA PHE J 68 89.06 133.74 9.39
CA THR J 69 90.11 136.66 11.62
CA ILE J 70 93.71 137.50 12.47
CA SER J 71 94.28 139.61 15.53
CA ARG J 72 97.00 140.20 18.08
CA ASN J 73 97.62 141.20 21.63
CA ASP J 74 100.89 143.18 21.85
CA SER J 75 100.36 143.28 25.55
CA LYS J 76 100.61 139.55 25.84
CA ASN J 77 102.91 139.02 22.80
CA THR J 78 100.28 136.64 21.23
CA LEU J 79 98.85 136.19 17.77
CA PHE J 80 95.38 134.69 17.19
CA LEU J 81 93.57 133.02 14.32
CA GLN J 82 89.76 132.73 14.72
CA MET J 83 88.61 130.16 12.23
CA ASP J 84 84.87 130.10 11.58
CA SER J 85 82.70 127.90 9.34
CA LEU J 86 85.58 125.57 8.70
CA ARG J 87 85.72 123.49 5.49
CA PRO J 88 87.45 120.17 4.78
CA GLU J 89 89.82 122.05 2.49
CA ASP J 90 91.08 123.92 5.50
CA THR J 91 92.76 120.79 6.80
CA GLY J 92 96.48 121.40 7.29
CA VAL J 93 99.35 122.25 9.60
CA TYR J 94 99.17 125.91 10.67
CA PHE J 95 102.34 127.92 11.19
CA CYS J 96 102.78 131.37 12.54
CA ALA J 97 105.76 133.37 11.37
CA ARG J 98 107.40 136.71 12.02
CA ASP J 99 107.81 139.25 9.22
CA GLY J 100 111.46 140.23 9.29
CA GLY J 101 110.99 143.85 8.21
CA SER J 102 109.39 143.43 4.97
CA SER J 103 108.11 140.93 2.41
CA ALA J 104 108.93 138.33 5.05
CA PRO J 105 108.65 135.38 6.97
CA ASP J 106 111.90 135.07 8.82
CA TYR J 107 111.35 132.93 11.81
CA TRP J 108 108.64 130.24 11.91
CA GLY J 109 106.85 128.27 14.62
CA GLN J 110 106.50 124.47 14.77
CA GLY J 111 102.94 124.11 13.45
CA THR J 112 99.60 123.11 14.92
CA PRO J 113 97.51 120.56 12.92
CA VAL J 114 93.91 121.20 11.90
CA THR J 115 91.67 118.41 10.63
CA VAL J 116 88.21 119.20 9.23
CA SER J 117 86.30 116.10 8.14
CA SER J 118 82.79 114.83 7.54
CA ALA J 119 83.79 111.76 9.52
CA SER J 120 83.05 111.36 13.19
CA THR J 121 85.16 109.66 15.81
CA LYS J 122 85.15 105.90 15.26
CA GLY J 123 87.15 103.39 17.32
CA PRO J 124 88.96 100.67 15.31
CA SER J 125 88.06 97.11 14.61
CA VAL J 126 91.04 94.94 15.53
CA PHE J 127 91.86 91.73 13.61
CA PRO J 128 94.77 89.39 14.13
CA LEU J 129 96.96 88.64 11.09
CA ALA J 130 97.93 85.10 11.95
CA PRO J 131 101.39 83.68 11.20
CA SER J 132 101.23 81.42 8.12
CA SER J 133 102.17 77.71 8.18
CA LYS J 134 103.63 78.19 4.74
CA SER J 135 107.36 78.37 5.25
CA THR J 136 109.56 81.09 3.87
CA SER J 137 113.23 80.99 2.82
CA GLY J 138 115.00 82.23 5.95
CA GLY J 139 114.42 82.48 9.71
CA THR J 140 111.24 84.49 9.26
CA ALA J 141 107.65 84.19 10.36
CA ALA J 142 105.48 87.25 10.06
CA LEU J 143 102.48 88.00 12.22
CA GLY J 144 100.53 91.23 12.85
CA CYS J 145 97.37 93.18 13.61
CA LEU J 146 94.94 94.94 11.31
CA VAL J 147 93.59 98.14 12.80
CA LYS J 148 90.74 98.85 10.60
CA ASP J 149 88.38 101.82 9.94
CA TYR J 150 89.18 104.34 12.70
CA PHE J 151 88.90 108.15 13.01
CA PRO J 152 90.80 110.20 13.66
CA GLN J 153 94.53 109.51 13.73
CA PRO J 154 96.50 108.54 15.52
CA VAL J 155 96.40 105.08 17.06
CA THR J 156 98.98 103.53 19.34
CA VAL J 157 100.00 99.91 18.80
CA SER J 158 102.49 98.07 20.93
CA TRP J 159 103.30 94.32 21.32
CA ASN J 160 103.28 92.21 24.44
CA SER J 161 102.52 95.36 26.26
CA GLY J 162 105.52 97.04 24.76
CA ALA J 163 107.79 94.36 26.18
CA LEU J 164 108.39 93.47 22.51
CA THR J 165 110.10 95.98 20.33
CA SER J 166 112.40 93.74 18.37
CA GLY J 167 111.30 93.35 14.75
CA VAL J 168 108.07 95.26 14.99
CA HIS J 169 107.11 97.27 11.93
CA THR J 170 103.95 99.43 12.11
CA PHE J 171 103.10 100.86 8.71
CA PRO J 172 101.68 104.23 7.84
CA ALA J 173 97.89 104.15 7.83
CA VAL J 174 95.79 104.26 4.62
CA LEU J 175 93.07 106.97 4.35
CA GLN J 176 90.26 105.16 2.69
CA SER J 177 87.51 106.64 0.50
CA SER J 178 85.29 106.29 3.58
CA GLY J 179 87.11 109.01 5.36
CA LEU J 180 88.30 106.34 7.78
CA TYR J 181 91.82 105.03 8.35
CA SER J 182 93.33 101.57 8.54
CA LEU J 183 96.83 100.48 9.52
CA SER J 184 98.88 97.32 9.90
CA SER J 185 101.55 96.45 12.44
CA VAL J 186 103.72 93.38 11.86
CA VAL J 187 106.32 91.47 13.79
CA THR J 188 108.82 89.35 11.96
CA VAL J 189 109.87 86.60 14.38
CA PRO J 190 112.18 83.53 14.01
CA SER J 191 109.82 80.76 13.07
CA SER J 192 111.16 78.55 15.89
CA SER J 193 109.43 80.76 18.51
CA LEU J 194 106.08 80.75 16.83
CA GLY J 195 104.10 78.51 19.05
CA THR J 196 106.80 78.48 21.77
CA GLN J 197 105.70 82.05 22.65
CA THR J 198 102.64 84.37 22.89
CA TYR J 199 102.02 87.54 20.90
CA ILE J 200 99.34 90.08 21.67
CA CYS J 201 99.02 93.49 20.08
CA ASN J 202 97.76 96.27 22.38
CA VAL J 203 95.76 98.87 20.49
CA ASN J 204 94.89 102.22 21.99
CA HIS J 205 92.72 104.72 20.23
CA LYS J 206 92.76 107.70 22.60
CA PRO J 207 90.15 109.88 20.74
CA SER J 208 87.47 107.18 21.16
CA ASN J 209 88.92 105.66 24.27
CA THR J 210 88.94 102.28 22.48
CA LYS J 211 91.51 99.94 24.04
CA VAL J 212 91.80 96.46 22.53
CA ASP J 213 94.25 93.59 23.02
CA LYS J 214 94.26 90.98 20.31
CA ARG J 215 96.03 87.62 20.88
CA VAL J 216 96.86 84.88 18.75
CA GLU J 217 98.47 81.82 17.11
CA PRO J 218 99.18 79.05 14.39
CA GLU K 1 96.68 136.17 -8.84
CA SER K 2 97.43 133.14 -6.77
CA VAL K 3 100.67 131.16 -7.33
CA LEU K 4 104.37 131.28 -8.19
CA THR K 5 105.41 128.48 -10.54
CA GLN K 6 108.24 126.07 -9.71
CA PRO K 7 109.33 122.85 -11.42
CA PRO K 8 108.03 119.91 -9.29
CA SER K 9 111.43 118.34 -9.14
CA ALA K 10 115.11 118.94 -9.68
CA SER K 11 117.80 116.30 -9.48
CA GLY K 12 121.46 115.67 -9.83
CA THR K 13 124.44 113.71 -8.58
CA PRO K 14 126.37 114.82 -5.49
CA GLY K 15 128.69 117.73 -6.26
CA GLN K 16 126.82 118.87 -9.36
CA ARG K 17 125.31 122.30 -9.72
CA VAL K 18 121.53 122.17 -9.41
CA THR K 19 119.34 125.21 -9.90
CA ILE K 20 115.63 125.76 -9.26
CA SER K 21 113.50 128.28 -11.14
CA CYS K 22 110.46 130.28 -9.95
CA THR K 23 108.30 132.00 -12.51
CA GLY K 24 106.02 134.84 -11.53
CA THR K 25 104.29 137.95 -12.91
CA SER K 26 104.79 141.70 -13.00
CA SER K 27 106.97 144.16 -13.58
CA GLY K 28 108.39 141.83 -11.11
CA SER K 29 107.54 144.24 -8.31
CA ILE K 30 108.93 142.86 -5.07
CA THR K 31 111.91 140.84 -3.66
CA VAL K 32 112.01 137.01 -3.52
CA ASN K 33 112.73 134.71 -0.57
CA TRP K 34 113.61 131.01 -0.69
CA TYR K 35 112.68 128.45 1.98
CA GLN K 36 113.92 124.96 2.56
CA GLN K 37 111.42 122.60 4.11
CA LEU K 38 110.96 119.01 5.17
CA PRO K 39 107.22 118.31 4.60
CA GLY K 40 104.87 119.25 7.46
CA MET K 41 107.80 120.57 9.45
CA ALA K 42 108.78 124.21 9.93
CA PRO K 43 110.47 125.79 6.92
CA LYS K 44 113.70 127.69 7.26
CA LEU K 45 114.68 130.91 5.41
CA LEU K 46 117.58 130.21 3.02
CA ILE K 47 117.62 133.37 0.90
CA TYR K 48 116.00 136.76 1.56
CA ARG K 49 115.62 139.82 -0.60
CA ASP K 50 116.57 138.03 -3.87
CA ALA K 51 120.15 137.24 -3.05
CA MET K 52 120.92 137.64 0.62
CA ARG K 53 121.77 134.79 2.96
CA PRO K 54 121.13 134.53 6.70
CA SER K 55 124.08 133.50 8.83
CA GLY K 56 124.31 129.74 9.16
CA VAL K 57 123.26 129.16 5.59
CA PRO K 58 126.05 127.56 3.52
CA THR K 59 127.90 129.56 0.87
CA ARG K 60 126.80 127.08 -1.82
CA PHE K 61 123.32 128.57 -1.89
CA SER K 62 122.89 131.60 -4.08
CA GLY K 63 119.91 133.55 -5.32
CA SER K 64 119.17 135.51 -8.43
CA LYS K 65 116.29 137.59 -9.79
CA SER K 66 115.45 139.30 -13.09
CA GLY K 67 112.20 140.60 -14.42
CA THR K 68 109.44 138.33 -13.29
CA SER K 69 111.69 135.35 -12.74
CA ALA K 70 113.99 134.18 -9.97
CA SER K 71 116.20 131.25 -9.30
CA LEU K 72 117.93 129.35 -6.49
CA ALA K 73 121.41 127.82 -7.18
CA ILE K 74 122.86 124.91 -5.20
CA SER K 75 126.45 124.82 -6.08
CA GLY K 76 127.67 121.38 -5.25
CA LEU K 77 124.69 119.23 -4.32
CA GLU K 78 124.99 117.27 -1.08
CA ALA K 79 122.99 114.57 0.61
CA GLU K 80 121.60 117.14 3.08
CA ASP K 81 120.05 119.04 0.22
CA GLU K 82 117.33 116.52 -0.33
CA SER K 83 114.30 118.56 0.66
CA ASP K 84 111.48 120.76 -0.58
CA TYR K 85 112.23 124.30 -1.70
CA TYR K 86 109.75 127.20 -1.97
CA CYS K 87 110.21 130.67 -3.41
CA ALA K 88 108.00 133.49 -2.11
CA SER K 89 107.03 137.14 -2.77
CA TRP K 90 104.50 139.82 -1.97
CA ASN K 91 102.03 140.67 -4.67
CA SER K 92 101.26 144.38 -5.03
CA SER K 93 97.88 144.21 -6.75
CA ASP K 94 96.48 141.41 -4.63
CA ASN K 95 97.95 142.53 -1.36
CA SER K 96 98.99 138.98 -0.60
CA TYR K 97 102.07 137.00 0.23
CA VAL K 98 102.46 134.35 -2.45
CA PHE K 99 104.27 130.98 -2.20
CA GLY K 100 105.72 129.02 -5.06
CA THR K 101 104.23 125.58 -5.85
CA GLY K 102 107.50 124.11 -4.67
CA THR K 103 110.32 121.81 -5.78
CA LYS K 104 111.57 118.50 -4.51
CA VAL K 105 115.27 117.73 -4.93
CA THR K 106 116.67 114.26 -5.14
CA VAL K 107 120.36 113.42 -4.78
CA LEU K 108 120.78 110.98 -7.57
CA GLY K 109 122.20 107.55 -7.30
CA GLN K 110 121.66 105.60 -4.10
CA PRO K 111 121.52 101.86 -4.56
CA LYS K 112 118.28 100.38 -5.74
CA ALA K 113 116.75 98.20 -3.01
CA ASN K 114 114.28 95.38 -3.89
CA PRO K 115 111.06 95.26 -1.88
CA THR K 116 110.02 92.73 0.80
CA VAL K 117 106.46 91.58 0.12
CA THR K 118 104.36 90.21 2.97
CA LEU K 119 100.83 89.02 2.24
CA PHE K 120 97.97 88.26 4.73
CA PRO K 121 94.65 86.63 3.85
CA PRO K 122 91.43 87.57 5.69
CA SER K 123 91.11 86.81 9.35
CA SER K 124 88.50 84.21 10.39
CA GLU K 125 87.05 86.74 12.81
CA GLU K 126 86.69 89.28 10.08
CA LEU K 127 85.06 86.68 7.84
CA GLN K 128 82.50 86.19 10.61
CA ALA K 129 81.79 89.88 10.48
CA ASN K 130 80.94 89.20 6.84
CA LYS K 131 83.87 91.22 5.47
CA ALA K 132 87.31 90.38 3.98
CA THR K 133 90.50 92.30 3.75
CA LEU K 134 93.67 91.04 2.12
CA VAL K 135 96.79 92.95 3.16
CA CYS K 136 99.95 93.32 1.09
CA LEU K 137 102.79 94.97 2.95
CA ILE K 138 105.83 96.21 0.99
CA SER K 139 109.01 97.32 2.83
CA ASP K 140 112.65 98.32 2.46
CA PHE K 141 112.56 99.51 -1.13
CA TYR K 142 114.43 102.24 -2.98
CA PRO K 143 113.47 104.15 -5.03
CA GLY K 144 109.94 104.90 -3.76
CA ALA K 145 108.10 103.94 -6.93
CA VAL K 146 106.11 100.71 -7.01
CA THR K 147 103.21 99.21 -8.88
CA VAL K 148 100.93 96.89 -6.99
CA ALA K 149 98.49 94.57 -8.74
CA TRP K 150 96.02 92.12 -7.33
CA LYS K 151 95.21 88.89 -9.09
CA ALA K 152 92.66 86.14 -8.38
CA ASP K 153 93.43 82.75 -9.90
CA GLY K 154 94.57 83.68 -13.39
CA SER K 155 93.04 87.15 -13.44
CA PRO K 156 93.37 90.82 -12.47
CA VAL K 157 91.27 91.98 -9.51
CA LYS K 158 88.88 94.80 -10.49
CA ALA K 159 88.05 97.04 -7.59
CA GLY K 160 88.30 97.22 -3.83
CA VAL K 161 92.01 98.04 -3.83
CA GLU K 162 93.39 100.81 -1.56
CA THR K 163 97.14 101.49 -1.96
CA THR K 164 99.20 103.96 0.11
CA LYS K 165 101.72 106.29 -1.39
CA PRO K 166 105.18 105.16 -0.39
CA SER K 167 106.71 106.84 2.60
CA LYS K 168 110.30 107.15 3.55
CA GLN K 169 111.56 105.48 6.69
CA SER K 170 114.47 106.64 8.86
CA ASN K 171 116.12 103.83 6.92
CA ASN K 172 116.19 106.04 3.82
CA LYS K 173 114.14 103.28 2.25
CA TYR K 174 110.40 103.25 1.59
CA ALA K 175 107.27 101.44 2.78
CA ALA K 176 103.80 100.98 1.36
CA SER K 177 100.63 99.00 2.02
CA SER K 178 97.87 97.75 -0.23
CA TYR K 179 94.46 96.55 0.91
CA LEU K 180 92.01 94.51 -1.06
CA SER K 181 88.43 94.49 0.07
CA LEU K 182 86.15 91.61 -0.77
CA THR K 183 83.22 89.65 0.36
CA PRO K 184 83.85 86.35 2.10
CA GLU K 185 82.09 84.78 -0.87
CA GLN K 186 84.40 86.33 -3.47
CA TRP K 187 87.28 85.29 -1.25
CA LYS K 188 86.04 81.76 -1.10
CA SER K 189 85.04 81.48 -4.71
CA HIS K 190 88.67 81.45 -5.96
CA ARG K 191 91.53 79.04 -5.38
CA SER K 192 94.22 81.67 -5.00
CA TYR K 193 94.89 85.35 -4.49
CA SER K 194 98.09 87.18 -5.43
CA CYS K 195 99.72 90.44 -4.66
CA GLN K 196 102.20 91.39 -7.31
CA VAL K 197 104.68 94.21 -6.86
CA THR K 198 106.71 95.65 -9.71
CA HIS K 199 109.73 97.72 -8.82
CA GLU K 200 112.28 98.90 -11.35
CA GLY K 201 111.49 96.19 -13.92
CA SER K 202 111.46 93.46 -11.29
CA THR K 203 108.12 91.78 -10.25
CA VAL K 204 107.64 89.89 -7.00
CA GLU K 205 104.50 87.89 -6.35
CA LYS K 206 103.12 86.43 -3.12
CA THR K 207 100.15 84.03 -3.03
CA VAL K 208 97.55 83.10 -0.33
CA ALA K 209 94.63 80.59 -0.43
CA PRO K 210 91.54 80.10 1.66
CA THR K 211 93.33 76.85 2.77
CA GLU K 212 95.59 78.13 5.49
CA CYS K 213 98.64 78.59 3.27
CA SER K 214 82.85 77.57 15.25
CA ALA K 215 81.62 74.55 17.19
CA SER K 216 81.03 74.61 20.90
CA THR K 217 81.58 71.83 23.40
CA LYS K 218 78.99 69.09 22.89
CA GLY K 219 78.88 65.81 24.82
CA PRO K 220 78.25 62.67 22.73
CA SER K 221 75.14 60.69 22.13
CA VAL K 222 75.91 57.03 22.85
CA PHE K 223 74.22 54.20 20.93
CA PRO K 224 74.82 50.49 21.28
CA LEU K 225 75.73 48.57 18.10
CA ALA K 226 74.10 45.27 18.93
CA PRO K 227 75.63 41.92 17.94
CA SER K 228 73.80 40.48 14.92
CA SER K 229 71.99 37.11 14.95
CA LYS K 230 73.19 36.61 11.40
CA SER K 231 76.06 34.22 11.66
CA THR K 232 79.45 34.78 10.09
CA SER K 233 82.01 32.27 8.79
CA GLY K 234 84.33 31.87 11.78
CA GLY K 235 84.29 32.29 15.56
CA THR K 236 83.29 35.94 15.31
CA ALA K 237 80.53 38.10 16.67
CA ALA K 238 80.98 41.85 16.49
CA LEU K 239 79.42 44.33 18.84
CA GLY K 240 80.22 47.99 19.57
CA CYS K 241 79.25 51.53 20.53
CA LEU K 242 78.52 54.56 18.39
CA VAL K 243 79.80 57.77 19.93
CA LYS K 244 78.04 60.31 17.93
CA ASP K 245 78.29 64.12 17.40
CA TYR K 246 80.74 65.33 20.06
CA PHE K 247 83.13 68.30 20.34
CA PRO K 248 85.95 68.50 20.84
CA GLN K 249 88.23 65.47 20.65
CA PRO K 250 89.13 63.37 22.30
CA VAL K 251 86.81 60.82 23.90
CA THR K 252 87.78 57.85 26.01
CA VAL K 253 86.05 54.52 25.44
CA SER K 254 86.76 51.39 27.42
CA TRP K 255 84.84 48.07 27.79
CA ASN K 256 83.59 46.41 30.93
CA SER K 257 85.26 49.17 32.76
CA GLY K 258 88.51 48.43 31.03
CA ALA K 259 88.45 44.87 32.31
CA LEU K 260 88.08 43.96 28.63
CA THR K 261 90.90 44.74 26.30
CA SER K 262 90.95 41.61 24.22
CA GLY K 263 89.66 42.22 20.68
CA VAL K 264 88.59 45.78 21.11
CA HIS K 265 89.07 48.04 18.12
CA THR K 266 88.23 51.75 18.49
CA PHE K 267 88.36 53.52 15.15
CA PRO K 268 89.55 56.99 14.33
CA ALA K 269 86.72 59.48 14.59
CA VAL K 270 85.06 61.12 11.54
CA LEU K 271 84.88 64.97 11.43
CA GLN K 272 81.49 65.60 9.99
CA SER K 273 80.34 68.63 7.99
CA SER K 274 78.67 69.75 11.22
CA GLY K 275 81.94 70.44 12.83
CA LEU K 276 81.16 67.58 15.19
CA TYR K 277 82.89 64.21 15.53
CA SER K 278 81.66 60.64 15.66
CA LEU K 279 83.56 57.45 16.40
CA SER K 280 82.95 53.71 16.68
CA SER K 281 84.47 51.17 19.03
CA VAL K 282 83.95 47.47 18.33
CA VAL K 283 84.67 44.23 20.10
CA THR K 284 84.97 41.04 18.12
CA VAL K 285 84.02 38.21 20.48
CA PRO K 286 83.61 34.42 19.99
CA SER K 287 79.96 34.01 19.26
CA SER K 288 79.62 31.35 22.00
CA SER K 289 79.99 34.05 24.70
CA LEU K 290 77.43 36.38 23.27
CA GLY K 291 74.60 35.98 25.65
CA THR K 292 76.71 34.03 28.18
CA GLN K 293 78.38 37.36 29.08
CA THR K 294 77.72 41.13 29.52
CA TYR K 295 79.29 43.95 27.53
CA ILE K 296 79.09 47.60 28.46
CA CYS K 297 81.07 50.40 26.86
CA ASN K 298 82.15 53.20 29.21
CA VAL K 299 82.33 56.54 27.44
CA ASN K 300 84.05 59.54 28.96
CA HIS K 301 84.05 62.92 27.31
CA LYS K 302 86.22 65.00 29.65
CA PRO K 303 85.68 68.43 27.96
CA SER K 304 81.92 68.24 28.59
CA ASN K 305 82.13 66.01 31.61
CA THR K 306 79.76 63.58 29.85
CA LYS K 307 80.16 60.07 31.28
CA VAL K 308 77.92 57.37 29.77
CA ASP K 309 77.81 53.58 30.12
CA LYS K 310 75.89 51.76 27.46
CA ARG K 311 74.95 48.07 27.93
CA VAL K 312 74.08 47.06 24.22
CA GLU K 313 71.71 44.26 23.52
CA PRO K 314 69.72 42.85 20.56
CA LEU K 315 78.53 37.23 10.32
CA SER K 316 75.39 35.62 8.91
CA LEU K 317 73.89 32.33 7.73
CA PRO K 318 70.98 30.10 7.08
CA SER K 319 68.15 27.95 8.36
CA VAL K 320 67.76 24.16 8.79
CA PHE K 321 64.48 22.20 8.39
CA LEU K 322 64.18 18.49 9.20
CA PHE K 323 61.26 16.63 7.63
CA PRO K 324 59.94 13.16 8.68
CA PRO K 325 58.80 10.28 6.45
CA LYS K 326 55.24 9.92 5.22
CA PRO K 327 53.24 7.32 7.12
CA LYS K 328 52.34 5.10 4.21
CA ASP K 329 56.00 4.70 3.35
CA THR K 330 56.95 3.51 6.82
CA LEU K 331 53.93 1.26 7.31
CA MET K 332 54.60 -0.42 3.99
CA ILE K 333 57.66 -2.68 3.95
CA SER K 334 57.54 -2.26 0.21
CA ARG K 335 58.26 1.50 0.45
CA THR K 336 60.95 4.09 1.19
CA PRO K 337 60.95 6.26 4.34
CA GLU K 338 63.41 9.12 4.22
CA VAL K 339 64.11 11.86 6.71
CA THR K 340 64.85 15.00 4.65
CA CYS K 341 67.14 17.86 5.64
CA VAL K 342 66.72 21.21 3.91
CA VAL K 343 69.01 24.25 4.30
CA VAL K 344 67.71 27.69 3.23
CA ASP K 345 69.33 31.20 3.17
CA VAL K 346 72.71 29.49 2.71
CA SER K 347 74.15 32.30 0.53
CA HIS K 348 76.47 32.91 -2.46
CA GLU K 349 79.46 33.93 -0.40
CA ASP K 350 79.39 30.85 1.86
CA PRO K 351 77.57 28.08 -0.14
CA GLN K 352 79.64 25.49 1.75
CA VAL K 353 77.21 23.31 3.63
CA LYS K 354 78.43 20.19 5.42
CA PHE K 355 76.00 17.59 6.73
CA ASN K 356 76.33 15.25 9.77
CA TRP K 357 73.56 12.59 10.05
CA TYR K 358 73.32 10.82 13.41
CA VAL K 359 70.92 7.95 14.04
CA ASP K 360 69.93 7.67 17.63
CA GLY K 361 73.40 8.50 18.68
CA VAL K 362 75.56 6.90 16.08
CA GLN K 363 76.73 8.95 13.16
CA VAL K 364 75.37 6.82 10.38
CA HIS K 365 77.98 8.71 8.47
CA ASN K 366 77.09 7.90 4.95
CA ALA K 367 74.35 5.33 5.29
CA LYS K 368 73.00 6.50 2.02
CA THR K 369 72.77 10.24 2.60
CA LYS K 370 72.45 12.31 -0.55
CA PRO K 371 72.77 16.17 -0.95
CA ARG K 372 72.75 18.73 -3.91
CA GLU K 373 72.93 22.59 -4.47
CA GLN K 374 70.05 24.76 -5.88
CA GLN K 375 70.42 28.41 -6.90
CA TYR K 376 67.35 30.19 -5.57
CA ASN K 377 65.87 33.54 -4.63
CA SER K 378 69.06 35.51 -4.43
CA THR K 379 70.64 32.68 -2.45
CA TYR K 380 71.24 28.88 -2.32
CA ARG K 381 69.20 25.82 -1.26
CA VAL K 382 70.89 22.60 -0.16
CA VAL K 383 68.98 19.39 0.56
CA SER K 384 70.24 16.07 1.84
CA VAL K 385 68.29 12.86 2.42
CA LEU K 386 68.78 9.95 4.82
CA THR K 387 66.86 6.78 3.92
CA VAL K 388 65.14 5.62 7.12
CA LEU K 389 64.90 2.00 8.12
CA HIS K 390 61.26 1.18 8.80
CA GLN K 391 61.85 -0.64 12.06
CA ASN K 392 64.20 2.01 13.45
CA TRP K 393 61.49 4.54 12.73
CA LEU K 394 58.70 2.56 14.31
CA ASP K 395 60.75 1.88 17.46
CA GLY K 396 61.33 5.61 17.87
CA LYS K 397 65.00 6.37 17.09
CA GLU K 398 66.38 9.85 17.10
CA TYR K 399 67.46 11.33 13.80
CA LYS K 400 69.85 14.26 14.01
CA CYS K 401 70.77 16.45 11.06
CA LYS K 402 73.73 18.59 12.09
CA VAL K 403 74.81 21.14 9.52
CA SER K 404 78.10 23.03 9.36
CA ASN K 405 78.64 26.13 7.18
CA LYS K 406 81.41 28.78 7.76
CA ALA K 407 78.86 31.64 7.67
CA LEU K 408 76.73 30.13 10.41
CA PRO K 409 78.80 30.57 13.62
CA ALA K 410 77.81 27.33 15.35
CA PRO K 411 76.47 24.30 13.48
CA ILE K 412 72.72 23.83 13.54
CA GLU K 413 71.46 20.56 14.90
CA LYS K 414 67.87 19.38 14.33
CA THR K 415 66.65 16.08 15.75
CA ILE K 416 63.53 14.09 14.92
CA SER K 417 61.51 10.96 15.88
CA LYS K 418 57.94 9.85 16.21
CA ALA K 419 55.48 10.95 18.88
CA LYS K 420 55.18 10.91 22.61
CA GLY K 421 52.54 9.19 24.56
CA GLN K 422 50.78 5.87 24.63
CA PRO K 423 49.35 4.89 21.24
CA ARG K 424 45.61 4.45 20.66
CA GLU K 425 43.81 2.30 18.03
CA PRO K 426 41.89 4.30 15.41
CA GLN K 427 38.16 3.70 15.22
CA VAL K 428 37.16 3.71 11.51
CA TYR K 429 33.47 4.28 10.52
CA THR K 430 32.34 4.74 6.92
CA LEU K 431 29.43 7.09 6.29
CA PRO K 432 27.21 6.99 3.17
CA PRO K 433 25.93 10.28 1.57
CA SER K 434 23.03 12.33 2.93
CA ARG K 435 19.63 11.90 1.33
CA GLU K 436 19.71 15.44 0.09
CA GLU K 437 23.04 15.04 -1.62
CA MET K 438 21.39 12.53 -3.89
CA THR K 439 19.68 15.57 -5.38
CA LYS K 440 23.19 16.39 -6.58
CA ASN K 441 25.08 15.04 -9.53
CA GLN K 442 27.97 13.85 -7.41
CA VAL K 443 27.88 12.40 -3.92
CA SER K 444 30.28 12.47 -0.96
CA LEU K 445 31.62 9.31 0.70
CA THR K 446 32.94 9.91 4.22
CA CYS K 447 35.07 7.95 6.55
CA LEU K 448 35.72 9.05 10.16
CA VAL K 449 38.94 7.99 11.88
CA LYS K 450 38.61 8.85 15.52
CA GLY K 451 40.22 8.41 18.95
CA PHE K 452 43.74 7.69 17.54
CA TYR K 453 47.20 8.61 18.83
CA PRO K 454 49.82 9.73 17.85
CA SER K 455 48.66 11.77 14.93
CA ASP K 456 50.83 9.92 12.45
CA ILE K 457 48.43 8.15 10.11
CA ALA K 458 47.83 7.36 6.43
CA VAL K 459 44.27 7.20 4.96
CA GLU K 460 43.50 6.14 1.35
CA TRP K 461 40.50 5.10 -0.80
CA GLU K 462 39.90 2.13 -3.14
CA SER K 463 37.10 0.98 -5.44
CA ASN K 464 38.62 -2.49 -5.92
CA GLY K 465 42.18 -3.57 -6.50
CA GLN K 466 41.97 -0.09 -7.96
CA PRO K 467 43.00 3.01 -6.07
CA GLU K 468 40.89 6.17 -6.38
CA ASN K 469 41.55 9.79 -7.19
CA ASN K 470 38.96 12.23 -6.12
CA TYR K 471 39.49 12.34 -2.39
CA LYS K 472 40.62 14.82 0.25
CA THR K 473 41.64 14.35 3.89
CA THR K 474 41.38 16.95 6.71
CA PRO K 475 44.29 17.50 9.05
CA PRO K 476 44.20 15.48 12.27
CA VAL K 477 42.23 17.48 14.79
CA LEU K 478 42.88 17.11 18.47
CA ASP K 479 39.60 16.07 19.99
CA SER K 480 38.56 16.47 23.61
CA ASP K 481 39.92 13.07 24.78
CA GLY K 482 43.37 14.21 23.95
CA SER K 483 42.93 11.84 21.06
CA PHE K 484 42.83 12.77 17.37
CA PHE K 485 40.15 12.76 14.64
CA LEU K 486 39.92 13.18 10.91
CA TYR K 487 37.43 12.85 8.14
CA SER K 488 38.23 11.83 4.63
CA LYS K 489 36.01 12.67 1.66
CA LEU K 490 35.75 10.58 -1.51
CA THR K 491 33.62 12.24 -4.16
CA VAL K 492 31.90 9.96 -6.69
CA ASP K 493 29.38 10.12 -9.55
CA LYS K 494 25.85 9.54 -8.18
CA SER K 495 25.53 6.69 -10.62
CA ARG K 496 28.40 4.42 -9.50
CA TRP K 497 27.14 4.41 -5.96
CA GLN K 498 23.77 3.36 -7.28
CA GLN K 499 25.39 0.76 -9.53
CA GLY K 500 26.15 -0.84 -6.16
CA ASN K 501 29.90 -0.32 -6.03
CA VAL K 502 31.99 -1.00 -2.95
CA PHE K 503 34.35 1.71 -1.86
CA SER K 504 36.80 1.13 0.97
CA CYS K 505 38.70 3.41 3.24
CA SER K 506 42.09 2.07 4.17
CA VAL K 507 43.67 3.33 7.42
CA MET K 508 47.32 2.78 8.46
CA HIS K 509 48.42 3.48 12.01
CA GLU K 510 50.92 2.42 14.69
CA ALA K 511 48.18 0.84 16.79
CA LEU K 512 46.33 -1.14 14.16
CA HIS K 513 46.48 -4.95 14.14
CA ASN K 514 48.62 -5.37 11.12
CA HIS K 515 49.32 -1.63 10.90
CA TYR K 516 46.40 -1.69 8.53
CA THR K 517 42.62 -1.75 8.55
CA GLN K 518 40.03 -1.24 5.91
CA LYS K 519 36.36 -0.40 6.28
CA SER K 520 33.90 -0.63 3.34
CA LEU K 521 30.97 1.35 1.84
CA SER K 522 28.28 0.38 -0.66
CA LEU K 523 24.67 0.99 -1.68
CA GLU L 1 167.93 49.74 16.39
CA SER L 2 164.78 50.95 14.76
CA VAL L 3 163.79 54.64 14.95
CA LEU L 4 164.96 58.27 14.96
CA THR L 5 163.07 60.39 17.48
CA GLN L 6 161.28 63.61 16.50
CA PRO L 7 158.86 65.78 18.46
CA PRO L 8 155.30 65.01 17.18
CA SER L 9 154.57 68.65 16.59
CA ALA L 10 156.12 72.04 16.21
CA SER L 11 154.21 75.30 15.89
CA GLY L 12 154.55 78.99 15.56
CA THR L 13 153.12 82.15 14.07
CA PRO L 14 153.94 83.18 10.47
CA GLY L 15 157.41 84.71 10.24
CA GLN L 16 158.73 83.14 13.41
CA ARG L 17 161.70 80.82 13.50
CA VAL L 18 160.63 77.23 14.03
CA THR L 19 163.10 74.40 14.45
CA ILE L 20 162.62 70.63 14.53
CA SER L 21 164.91 68.22 16.36
CA CYS L 22 165.83 64.59 15.52
CA THR L 23 167.52 62.50 18.16
CA GLY L 24 169.46 59.39 17.21
CA THR L 25 172.30 57.13 18.37
CA SER L 26 175.99 56.60 17.71
CA SER L 27 178.80 59.01 18.11
CA GLY L 28 176.53 59.67 15.11
CA SER L 29 178.01 57.76 12.18
CA ILE L 30 176.31 58.92 9.01
CA THR L 31 174.79 62.08 7.36
CA VAL L 32 171.15 63.19 7.85
CA ASN L 33 168.49 64.02 5.25
CA TRP L 34 165.22 65.89 5.83
CA TYR L 35 162.00 65.27 3.89
CA GLN L 36 158.86 67.30 3.65
CA GLN L 37 155.68 65.32 3.11
CA LEU L 38 151.94 65.68 2.80
CA PRO L 39 150.53 62.43 4.28
CA GLY L 40 150.23 59.49 1.87
CA MET L 41 151.73 61.57 -0.92
CA ALA L 42 155.31 61.43 -2.20
CA PRO L 43 157.86 63.10 0.07
CA LYS L 44 160.34 65.59 -1.27
CA LEU L 45 164.03 65.94 -0.27
CA LEU L 46 164.57 69.27 1.55
CA ILE L 47 168.04 68.80 3.03
CA TYR L 48 170.73 66.22 2.16
CA ARG L 49 174.02 65.37 3.80
CA ASP L 50 173.26 67.30 7.05
CA ALA L 51 173.17 70.77 5.63
CA MET L 52 172.92 70.80 1.86
CA ARG L 53 169.91 72.01 -0.07
CA PRO L 54 168.68 70.86 -3.49
CA SER L 55 167.92 73.59 -6.00
CA GLY L 56 164.36 74.79 -5.72
CA VAL L 57 164.35 74.53 -1.96
CA PRO L 58 163.94 77.94 -0.31
CA THR L 59 166.85 79.58 1.52
CA ARG L 60 164.84 79.66 4.77
CA PHE L 61 165.45 75.96 5.31
CA SER L 62 168.70 75.07 6.99
CA GLY L 63 170.12 71.92 8.50
CA SER L 64 172.48 71.19 11.30
CA LYS L 65 174.08 68.11 12.88
CA SER L 66 176.22 67.39 15.93
CA GLY L 67 177.00 64.16 17.68
CA THR L 68 173.96 61.98 17.59
CA SER L 69 171.53 64.84 17.08
CA ALA L 70 170.35 66.88 14.13
CA SER L 71 167.95 69.68 13.51
CA LEU L 72 165.95 71.38 10.77
CA ALA L 73 165.46 75.20 10.94
CA ILE L 74 162.61 77.05 9.23
CA SER L 75 163.55 80.63 9.32
CA GLY L 76 160.40 82.58 8.85
CA LEU L 77 157.47 80.19 8.96
CA GLU L 78 154.97 80.49 6.12
CA ALA L 79 151.57 79.04 5.38
CA GLU L 80 153.12 76.63 2.87
CA ASP L 81 155.20 75.11 5.62
CA GLU L 82 152.29 73.31 7.16
CA SER L 83 153.29 69.72 6.50
CA ASP L 84 154.99 66.64 7.93
CA TYR L 85 158.77 66.57 8.23
CA TYR L 86 160.99 63.47 8.52
CA CYS L 87 164.70 63.19 9.22
CA ALA L 88 166.58 60.11 7.96
CA SER L 89 169.93 58.31 8.18
CA TRP L 90 171.71 55.05 7.49
CA ASN L 91 172.53 52.92 10.47
CA SER L 92 175.94 51.23 10.34
CA SER L 93 175.37 48.35 12.75
CA ASP L 94 171.92 47.44 11.49
CA ASN L 95 172.61 48.00 7.83
CA SER L 96 169.32 49.83 7.50
CA TYR L 97 167.99 53.17 6.38
CA VAL L 98 166.15 54.69 9.32
CA PHE L 99 163.34 57.28 9.28
CA GLY L 100 162.45 59.66 12.05
CA THR L 101 159.01 59.30 13.72
CA GLY L 102 158.13 62.62 12.14
CA THR L 103 156.85 66.10 13.00
CA LYS L 104 153.74 67.98 12.07
CA VAL L 105 153.97 71.76 11.81
CA THR L 106 151.06 74.08 12.30
CA VAL L 107 151.06 77.74 11.32
CA LEU L 108 149.45 79.26 14.34
CA GLY L 109 146.48 81.50 14.36
CA GLN L 110 143.80 81.00 11.74
CA PRO L 111 140.33 81.95 12.84
CA LYS L 112 138.43 79.47 14.92
CA ALA L 113 135.41 78.18 12.99
CA ASN L 114 132.34 76.75 14.85
CA PRO L 115 131.04 73.40 13.63
CA THR L 116 127.80 72.68 11.70
CA VAL L 117 126.03 69.73 13.31
CA THR L 118 123.62 67.63 11.25
CA LEU L 119 121.82 64.74 12.92
CA PHE L 120 119.88 61.83 11.27
CA PRO L 121 117.75 59.26 13.09
CA PRO L 122 117.49 55.66 11.86
CA SER L 123 115.88 54.97 8.53
CA SER L 124 112.58 53.03 8.53
CA GLU L 125 114.10 50.58 6.07
CA GLU L 126 117.02 49.98 8.35
CA LEU L 127 114.67 49.51 11.30
CA GLN L 128 113.00 46.77 9.27
CA ALA L 129 116.36 45.11 8.90
CA ASN L 130 116.32 45.09 12.70
CA LYS L 131 119.21 47.53 13.05
CA ALA L 132 119.56 51.26 13.90
CA THR L 133 122.17 53.80 13.10
CA LEU L 134 122.09 57.42 14.21
CA VAL L 135 124.39 59.68 12.22
CA CYS L 136 125.95 62.92 13.48
CA LEU L 137 127.77 64.86 10.79
CA ILE L 138 130.08 67.72 11.82
CA SER L 139 131.48 70.13 9.18
CA ASP L 140 133.35 73.38 8.58
CA PHE L 141 135.25 73.55 11.85
CA TYR L 142 138.68 74.88 12.76
CA PRO L 143 140.71 73.77 14.61
CA GLY L 144 140.32 70.03 14.02
CA ALA L 145 139.68 69.05 17.63
CA VAL L 146 136.16 68.06 18.69
CA THR L 147 134.48 66.01 21.36
CA VAL L 148 131.33 64.18 20.43
CA ALA L 149 128.95 62.78 23.03
CA TRP L 150 125.73 60.88 22.61
CA LYS L 151 122.88 61.28 25.03
CA ALA L 152 119.53 59.49 25.36
CA ASP L 153 116.83 61.39 27.25
CA GLY L 154 118.74 62.79 30.19
CA SER L 155 121.68 60.40 29.98
CA PRO L 156 125.02 59.55 28.34
CA VAL L 157 124.96 56.77 25.75
CA LYS L 158 127.29 53.89 26.73
CA ALA L 159 128.58 52.02 23.73
CA GLY L 160 127.97 51.60 20.02
CA VAL L 161 129.63 54.89 19.09
CA GLU L 162 132.08 55.09 16.14
CA THR L 163 133.69 58.52 15.61
CA THR L 164 136.05 59.46 12.75
CA LYS L 165 139.18 61.46 13.26
CA PRO L 166 138.71 64.89 11.75
CA SER L 167 139.99 65.40 8.27
CA LYS L 168 140.91 68.56 6.54
CA GLN L 169 138.94 69.70 3.54
CA SER L 170 140.23 71.79 0.62
CA ASN L 171 138.40 74.44 2.60
CA ASN L 172 141.18 74.40 5.21
CA LYS L 173 138.44 73.47 7.62
CA TYR L 174 137.69 70.04 9.07
CA ALA L 175 134.98 67.36 8.90
CA ALA L 176 134.04 64.43 11.08
CA SER L 177 131.27 61.86 11.46
CA SER L 178 129.94 59.95 14.42
CA TYR L 179 127.75 56.85 14.28
CA LEU L 180 125.67 55.41 17.03
CA SER L 181 124.57 51.84 16.72
CA LEU L 182 121.50 50.59 18.50
CA THR L 183 118.70 48.17 18.37
CA PRO L 184 115.34 49.38 17.14
CA GLU L 185 114.10 48.62 20.63
CA GLN L 186 116.69 50.81 22.38
CA TRP L 187 115.89 53.47 19.81
CA LYS L 188 112.22 53.23 20.52
CA SER L 189 112.51 52.95 24.25
CA HIS L 190 113.61 56.60 24.70
CA ARG L 191 111.87 59.88 23.93
CA SER L 192 114.91 61.65 22.55
CA TYR L 193 118.44 61.19 21.29
CA SER L 194 121.13 63.88 21.19
CA CYS L 195 124.43 64.41 19.53
CA GLN L 196 126.49 66.93 21.39
CA VAL L 197 129.64 68.44 19.95
CA THR L 198 132.11 70.43 22.01
CA HIS L 199 134.58 72.59 20.16
CA GLU L 200 136.85 75.10 21.85
CA GLY L 201 134.68 75.51 24.96
CA SER L 202 131.51 75.81 22.91
CA THR L 203 128.90 72.92 22.89
CA VAL L 204 126.29 72.46 20.19
CA GLU L 205 123.50 69.92 20.59
CA LYS L 206 121.08 68.48 18.03
CA THR L 207 118.10 66.30 18.98
CA VAL L 208 116.01 63.65 17.09
CA ALA L 209 112.98 61.59 18.25
CA PRO L 210 111.32 58.44 16.98
CA THR L 211 108.42 60.85 16.08
CA GLU L 212 109.57 62.22 12.78
CA CYS L 213 111.19 65.35 14.21
CA SER L 214 107.14 46.85 5.90
CA ALA L 215 103.48 45.91 5.48
CA SER L 216 102.26 43.62 2.76
CA THR L 217 98.99 43.80 0.87
CA LYS L 218 96.12 42.84 3.16
CA GLY L 219 92.43 42.90 2.18
CA PRO L 220 90.05 44.42 4.76
CA SER L 221 87.80 42.83 7.29
CA VAL L 222 84.33 44.32 6.88
CA PHE L 223 81.98 44.80 9.85
CA PRO L 224 78.53 46.34 9.85
CA LEU L 225 77.92 49.24 12.26
CA ALA L 226 74.29 48.60 13.03
CA PRO L 227 71.78 51.41 13.55
CA SER L 228 71.05 51.85 17.28
CA SER L 229 67.55 51.47 18.80
CA LYS L 230 68.44 54.31 21.13
CA SER L 231 66.68 57.31 19.74
CA THR L 232 68.34 60.63 19.07
CA SER L 233 66.90 64.16 19.14
CA GLY L 234 66.02 64.74 15.49
CA GLY L 235 65.22 62.77 12.33
CA THR L 236 68.50 60.88 12.48
CA ALA L 237 69.56 57.25 12.53
CA ALA L 238 73.18 56.49 11.82
CA LEU L 239 74.44 53.27 10.33
CA GLY L 240 77.77 52.37 8.70
CA CYS L 241 80.59 49.95 7.85
CA LEU L 242 83.93 49.39 9.51
CA VAL L 243 86.67 48.63 7.01
CA LYS L 244 89.33 47.33 9.20
CA ASP L 245 93.08 46.53 8.87
CA TYR L 246 93.83 46.84 5.14
CA PHE L 247 96.97 47.69 3.10
CA PRO L 248 97.53 49.68 1.11
CA GLN L 249 95.22 52.61 0.51
CA PRO L 250 92.90 53.24 -0.99
CA VAL L 251 89.59 51.44 -0.59
CA THR L 252 86.34 52.19 -2.37
CA VAL L 253 83.09 52.15 -0.39
CA SER L 254 79.71 52.80 -1.89
CA TRP L 255 76.14 52.16 -0.58
CA ASN L 256 73.37 50.18 -2.19
CA SER L 257 75.67 49.75 -5.06
CA GLY L 258 76.15 53.48 -5.32
CA ALA L 259 72.42 53.98 -5.75
CA LEU L 260 72.67 55.74 -2.37
CA THR L 261 74.66 58.90 -2.15
CA SER L 262 72.42 60.97 0.05
CA GLY L 263 73.85 61.42 3.55
CA VAL L 264 76.82 59.16 3.19
CA HIS L 265 79.96 60.25 5.01
CA THR L 266 83.14 58.17 4.56
CA PHE L 267 85.87 59.30 6.92
CA PRO L 268 89.57 59.51 6.37
CA ALA L 269 91.28 56.26 7.30
CA VAL L 270 93.43 55.84 10.44
CA LEU L 271 97.02 54.47 10.00
CA GLN L 272 97.41 52.21 12.93
CA SER L 273 100.63 51.24 14.71
CA SER L 274 100.34 47.95 12.78
CA GLY L 275 101.10 49.61 9.55
CA LEU L 276 97.55 48.79 8.52
CA TYR L 277 94.64 51.14 7.85
CA SER L 278 91.05 51.25 9.01
CA LEU L 279 88.20 53.50 7.89
CA SER L 280 84.53 54.09 8.62
CA SER L 281 81.72 55.03 6.27
CA VAL L 282 78.38 56.17 7.75
CA VAL L 283 74.95 56.98 6.44
CA THR L 284 72.68 59.21 8.42
CA VAL L 285 69.12 58.24 7.47
CA PRO L 286 65.67 59.40 8.73
CA SER L 287 64.82 56.90 11.40
CA SER L 288 61.44 56.18 9.78
CA SER L 289 63.16 54.31 6.92
CA LEU L 290 65.29 52.14 9.12
CA GLY L 291 63.62 48.82 8.78
CA THR L 292 61.42 49.99 5.88
CA GLN L 293 64.55 49.82 3.68
CA THR L 294 67.79 47.82 3.05
CA TYR L 295 71.34 49.11 3.35
CA ILE L 296 74.40 47.31 2.10
CA CYS L 297 77.88 48.77 1.85
CA ASN L 298 79.95 47.61 -1.13
CA VAL L 299 83.64 47.50 -0.33
CA ASN L 300 86.28 47.18 -3.01
CA HIS L 301 89.94 46.86 -2.23
CA LYS L 302 91.56 46.83 -5.67
CA PRO L 303 95.17 46.07 -4.56
CA SER L 304 94.08 42.77 -2.97
CA ASN L 305 91.11 42.23 -5.19
CA THR L 306 88.95 41.93 -2.06
CA LYS L 307 85.30 42.74 -2.85
CA VAL L 308 82.84 42.51 0.05
CA ASP L 309 79.19 43.51 0.46
CA LYS L 310 77.97 43.82 3.99
CA ARG L 311 74.20 44.04 4.73
CA VAL L 312 73.43 43.74 8.42
CA GLU L 313 70.27 43.04 10.29
CA PRO L 314 69.18 42.04 13.81
CA LEU L 315 67.11 49.86 16.93
CA SER L 316 65.01 46.75 17.53
CA LEU L 317 61.32 46.02 17.50
CA PRO L 318 58.12 44.04 17.38
CA SER L 319 55.08 43.50 15.19
CA VAL L 320 51.34 43.66 15.37
CA PHE L 321 48.49 41.13 14.84
CA LEU L 322 44.78 42.14 14.37
CA PHE L 323 42.10 39.90 15.86
CA PRO L 324 38.44 39.84 14.73
CA PRO L 325 35.25 39.70 16.88
CA LYS L 326 33.77 36.36 17.89
CA PRO L 327 31.01 35.19 15.69
CA LYS L 328 28.58 34.92 18.56
CA ASP L 329 29.41 38.46 19.75
CA THR L 330 28.45 39.87 16.41
CA LEU L 331 25.44 37.83 15.64
CA MET L 332 23.88 38.83 18.95
CA ILE L 333 23.07 42.48 19.66
CA SER L 334 22.95 41.68 23.40
CA ARG L 335 26.65 41.13 23.24
CA THR L 336 29.47 43.59 22.58
CA PRO L 337 31.93 42.69 19.84
CA GLU L 338 35.47 43.96 19.77
CA VAL L 339 38.56 44.08 17.57
CA THR L 340 41.80 43.37 19.40
CA CYS L 341 45.16 44.79 18.40
CA VAL L 342 48.06 42.87 19.92
CA VAL L 343 51.59 44.26 19.81
CA VAL L 344 54.32 41.84 20.78
CA ASP L 345 58.17 41.91 21.04
CA VAL L 346 58.06 45.39 22.60
CA SER L 347 61.64 45.79 23.79
CA HIS L 348 62.45 47.42 27.17
CA GLU L 349 64.20 50.60 26.22
CA ASP L 350 61.37 51.72 23.94
CA PRO L 351 58.18 50.72 25.91
CA GLN L 352 56.13 53.62 24.46
CA VAL L 353 53.37 52.12 22.31
CA LYS L 354 50.91 54.40 20.52
CA PHE L 355 47.81 52.73 19.11
CA ASN L 356 45.90 54.78 16.51
CA TRP L 357 42.40 53.50 15.61
CA TYR L 358 40.73 54.27 12.30
CA VAL L 359 37.33 52.92 11.24
CA ASP L 360 37.38 52.29 7.55
CA GLY L 361 38.12 55.77 6.33
CA VAL L 362 37.82 57.77 9.53
CA GLN L 363 39.84 57.77 12.73
CA VAL L 364 37.48 56.81 15.55
CA HIS L 365 40.28 58.28 17.66
CA ASN L 366 39.07 57.35 21.12
CA ALA L 367 35.72 55.65 20.38
CA LYS L 368 36.31 53.34 23.22
CA THR L 369 39.89 52.16 22.69
CA LYS L 370 41.54 50.66 25.82
CA PRO L 371 45.18 49.40 26.14
CA ARG L 372 47.53 48.50 29.15
CA GLU L 373 51.17 47.30 29.53
CA GLN L 374 52.18 43.73 30.50
CA GLN L 375 55.78 42.78 31.37
CA TYR L 376 56.50 39.38 29.80
CA ASN L 377 59.24 37.05 28.58
CA SER L 378 62.19 39.52 28.61
CA THR L 379 59.96 42.08 26.91
CA TYR L 380 56.58 43.81 26.87
CA ARG L 381 53.06 43.00 25.71
CA VAL L 382 50.61 45.81 25.02
CA VAL L 383 47.12 45.14 23.71
CA SER L 384 44.43 47.60 22.69
CA VAL L 385 40.78 46.66 22.31
CA LEU L 386 38.25 48.60 20.20
CA THR L 387 34.47 48.00 20.37
CA VAL L 388 32.59 47.32 17.13
CA LEU L 389 29.05 48.03 16.01
CA HIS L 390 27.62 44.80 14.65
CA GLN L 391 26.20 46.54 11.65
CA ASN L 392 29.52 47.93 10.58
CA TRP L 393 31.23 44.63 10.95
CA LEU L 394 28.56 42.87 8.99
CA ASP L 395 28.58 45.57 6.31
CA GLY L 396 32.15 44.76 5.77
CA LYS L 397 33.88 47.95 6.93
CA GLU L 398 37.67 47.91 7.38
CA TYR L 399 39.18 48.24 10.85
CA LYS L 400 42.63 49.83 11.01
CA CYS L 401 45.13 49.66 13.88
CA LYS L 402 48.21 51.93 13.57
CA VAL L 403 50.93 51.19 16.08
CA SER L 404 53.66 53.60 17.18
CA ASN L 405 56.82 52.97 19.25
CA LYS L 406 59.97 55.16 18.96
CA ALA L 407 62.28 52.24 18.08
CA LEU L 408 60.00 51.06 15.27
CA PRO L 409 61.16 53.37 12.47
CA ALA L 410 57.99 53.37 10.40
CA PRO L 411 54.54 52.99 12.05
CA ILE L 412 52.72 49.65 11.72
CA GLU L 413 49.36 50.07 9.92
CA LYS L 414 47.46 46.79 10.07
CA THR L 415 43.91 46.47 8.79
CA ILE L 416 41.24 43.81 9.18
CA SER L 417 37.59 43.14 8.16
CA LYS L 418 35.36 40.18 7.36
CA ALA L 419 35.04 38.60 3.90
CA LYS L 420 35.45 37.71 0.14
CA GLY L 421 35.86 37.25 -3.70
CA GLN L 422 32.97 35.61 -5.36
CA PRO L 423 31.21 33.74 -2.59
CA ARG L 424 29.89 30.24 -2.91
CA GLU L 425 26.99 29.21 -0.72
CA PRO L 426 27.93 26.35 1.66
CA GLN L 427 26.13 23.03 1.28
CA VAL L 428 25.18 21.92 4.78
CA TYR L 429 24.41 18.19 5.00
CA THR L 430 24.05 16.32 8.31
CA LEU L 431 25.04 12.72 8.89
CA PRO L 432 23.85 10.35 11.56
CA PRO L 433 25.97 8.02 13.70
CA SER L 434 27.05 4.73 12.21
CA ARG L 435 25.65 1.39 13.27
CA GLU L 436 29.18 0.30 13.95
CA GLU L 437 29.37 3.17 16.38
CA MET L 438 26.12 2.31 18.18
CA THR L 439 28.24 -0.23 20.03
CA LYS L 440 29.68 2.71 22.03
CA ASN L 441 28.18 4.54 25.03
CA GLN L 442 28.78 7.63 22.95
CA VAL L 443 27.97 8.30 19.35
CA SER L 444 29.09 10.90 16.82
CA LEU L 445 26.82 13.32 14.90
CA THR L 446 28.38 15.07 11.90
CA CYS L 447 27.69 17.87 9.50
CA LEU L 448 29.62 17.94 6.27
CA VAL L 449 29.73 21.52 5.08
CA LYS L 450 30.93 21.59 1.46
CA GLY L 451 31.38 23.69 -1.68
CA PHE L 452 31.75 27.15 -0.07
CA TYR L 453 33.95 30.21 -0.61
CA PRO L 454 35.79 32.08 0.91
CA SER L 455 37.08 29.85 3.77
CA ASP L 456 35.61 32.16 6.42
CA ILE L 457 32.80 30.41 8.11
CA ALA L 458 31.29 29.61 11.52
CA VAL L 459 29.79 26.21 12.36
CA GLU L 460 28.06 25.94 15.78
CA TRP L 461 25.87 23.25 17.43
CA GLU L 462 22.53 23.22 19.28
CA SER L 463 20.10 20.67 20.70
CA ASN L 464 17.02 22.71 21.65
CA GLY L 465 16.86 26.32 22.68
CA GLN L 466 20.28 25.65 24.07
CA PRO L 467 23.80 25.26 22.73
CA GLU L 468 26.10 22.24 23.13
CA ASN L 469 29.63 21.56 24.30
CA ASN L 470 30.90 18.36 22.86
CA TYR L 471 31.57 19.38 19.30
CA LYS L 472 34.87 19.73 17.39
CA THR L 473 35.09 21.16 13.91
CA THR L 474 37.98 20.65 11.44
CA PRO L 475 39.79 23.48 9.59
CA PRO L 476 38.61 24.43 6.09
CA VAL L 477 40.27 22.18 3.56
CA LEU L 478 40.65 23.29 -0.04
CA ASP L 479 38.69 20.95 -2.23
CA SER L 480 38.97 20.18 -5.90
CA ASP L 481 36.30 22.73 -7.08
CA GLY L 482 38.54 25.45 -5.82
CA SER L 483 35.90 25.65 -3.15
CA PHE L 484 36.12 24.52 0.50
CA PHE L 485 34.97 21.83 2.84
CA LEU L 486 34.98 21.17 6.56
CA TYR L 487 33.35 18.60 8.76
CA SER L 488 32.03 19.19 12.26
CA LYS L 489 31.65 16.35 14.74
CA LEU L 490 29.31 16.51 17.75
CA THR L 491 29.61 13.75 20.41
CA VAL L 492 26.59 12.84 22.52
CA ASP L 493 25.38 9.98 24.73
CA LYS L 494 23.97 6.96 22.91
CA SER L 495 21.04 7.46 25.25
CA ARG L 496 20.14 11.05 24.27
CA TRP L 497 20.33 10.15 20.61
CA GLN L 498 18.11 7.18 21.32
CA GLN L 499 15.51 9.01 23.34
CA GLY L 500 14.93 10.78 20.07
CA ASN L 501 16.30 14.30 20.53
CA VAL L 502 16.80 16.82 17.74
CA PHE L 503 20.33 18.19 17.16
CA SER L 504 21.12 21.17 14.95
CA CYS L 505 24.08 22.17 12.84
CA SER L 506 24.11 25.95 12.32
CA VAL L 507 26.43 27.30 9.62
CA MET L 508 27.02 31.06 9.34
CA HIS L 509 28.53 32.21 6.03
CA GLU L 510 28.69 35.41 3.89
CA ALA L 511 26.72 33.86 1.01
CA LEU L 512 23.71 32.46 2.90
CA HIS L 513 20.24 34.05 2.86
CA ASN L 514 20.33 35.57 6.26
CA HIS L 515 23.98 34.81 6.92
CA TYR L 516 22.61 31.74 8.54
CA THR L 517 21.40 28.27 7.75
CA GLN L 518 20.64 25.37 10.03
CA LYS L 519 20.39 21.65 9.18
CA SER L 520 18.87 19.22 11.71
CA LEU L 521 19.16 15.66 12.94
CA SER L 522 16.91 13.45 15.07
CA LEU L 523 16.55 9.74 15.53
CA GLU M 1 -19.92 172.29 11.84
CA VAL M 2 -17.28 170.91 14.15
CA GLN M 3 -16.80 167.17 13.58
CA LEU M 4 -14.55 164.91 15.74
CA VAL M 5 -13.99 161.28 14.56
CA GLN M 6 -12.12 158.80 16.81
CA SER M 7 -10.25 155.81 15.43
CA GLY M 8 -7.85 153.07 16.50
CA GLY M 9 -9.78 151.18 19.16
CA GLY M 10 -9.38 147.47 19.63
CA VAL M 11 -9.18 144.34 21.77
CA VAL M 12 -5.82 143.64 23.43
CA GLN M 13 -4.33 141.67 26.25
CA PRO M 14 -2.74 143.21 29.40
CA GLY M 15 0.57 144.95 28.96
CA ARG M 16 0.06 145.63 25.24
CA SER M 17 -0.35 148.93 23.35
CA LEU M 18 -2.77 150.93 21.24
CA ARG M 19 -2.85 154.30 19.56
CA LEU M 20 -6.00 156.32 19.16
CA SER M 21 -6.49 159.14 16.73
CA CYS M 22 -9.07 161.91 16.51
CA SER M 23 -9.41 163.65 13.23
CA SER M 24 -11.17 166.98 13.09
CA SER M 25 -12.86 169.45 10.69
CA GLY M 26 -15.11 172.56 10.81
CA PHE M 27 -12.79 174.69 13.04
CA ILE M 28 -9.29 176.15 13.40
CA PHE M 29 -7.89 173.17 15.20
CA SER M 30 -4.72 174.84 16.47
CA SER M 31 -6.74 177.34 18.53
CA TYR M 32 -8.31 175.02 21.02
CA ALA M 33 -7.29 172.66 23.79
CA MET M 34 -8.34 169.04 23.13
CA TYR M 35 -9.48 166.30 25.55
CA TRP M 36 -9.59 162.53 25.87
CA VAL M 37 -12.42 161.17 28.07
CA ARG M 38 -13.38 157.55 28.58
CA GLN M 39 -16.35 155.51 29.74
CA ALA M 40 -16.08 152.01 31.23
CA PRO M 41 -19.10 149.85 30.60
CA GLY M 42 -21.75 150.59 33.15
CA LYS M 43 -19.76 153.42 34.66
CA GLY M 44 -19.56 157.21 34.37
CA LEU M 45 -17.43 159.66 32.35
CA GLU M 46 -13.74 159.73 33.39
CA TRP M 47 -11.39 162.46 32.05
CA VAL M 48 -8.09 161.08 30.68
CA ALA M 49 -6.03 164.00 29.39
CA ILE M 50 -5.88 167.53 28.02
CA ILE M 51 -3.39 169.17 25.68
CA TRP M 52 -2.98 172.91 25.07
CA ASP M 53 -3.63 174.55 21.70
CA ASP M 54 0.11 174.64 20.82
CA GLY M 55 0.89 171.38 22.66
CA SER M 56 3.19 173.23 25.04
CA ASP M 57 1.76 171.40 27.99
CA GLN M 58 -0.36 168.34 28.70
CA HIS M 59 -2.10 167.05 31.86
CA TYR M 60 -3.19 163.52 32.77
CA ALA M 61 -5.51 161.62 35.12
CA ASP M 62 -3.52 159.98 37.96
CA SER M 63 -4.54 156.46 36.79
CA VAL M 64 -2.91 156.95 33.43
CA LYS M 65 0.10 159.11 34.00
CA GLY M 66 3.19 157.62 32.46
CA ARG M 67 1.38 154.95 30.44
CA PHE M 68 -0.56 157.33 28.17
CA THR M 69 0.77 160.16 25.98
CA ILE M 70 -1.42 162.86 24.45
CA SER M 71 -0.02 164.71 21.48
CA ARG M 72 -1.31 166.58 18.47
CA ASN M 73 -0.49 167.51 14.94
CA ASP M 74 -1.90 170.98 14.18
CA SER M 75 -0.65 170.52 10.68
CA LYS M 76 -2.93 167.59 10.10
CA ASN M 77 -5.69 168.70 12.55
CA THR M 78 -5.31 165.35 14.49
CA LEU M 79 -5.15 164.40 18.13
CA PHE M 80 -3.39 161.20 19.32
CA LEU M 81 -3.52 159.00 22.38
CA GLN M 82 -0.58 156.55 22.76
CA MET M 83 -1.67 153.97 25.27
CA ASP M 84 1.12 151.81 26.66
CA SER M 85 1.10 148.91 29.17
CA LEU M 86 -2.65 148.71 29.04
CA ARG M 87 -4.61 147.33 32.00
CA PRO M 88 -8.06 145.66 32.12
CA GLU M 89 -9.32 148.71 33.99
CA ASP M 90 -8.61 150.75 30.92
CA THR M 91 -11.47 149.10 29.09
CA GLY M 92 -13.96 151.70 27.88
CA VAL M 93 -15.26 153.89 25.09
CA TYR M 94 -12.79 156.69 24.33
CA PHE M 95 -14.03 160.12 23.28
CA CYS M 96 -12.10 163.08 22.10
CA ALA M 97 -13.56 166.51 22.76
CA ARG M 98 -12.80 170.14 22.00
CA ASP M 99 -12.23 172.64 24.81
CA GLY M 100 -14.55 175.53 24.05
CA GLY M 101 -12.32 178.29 25.44
CA SER M 102 -11.01 175.53 27.92
CA SER M 103 -9.93 172.90 30.45
CA ALA M 104 -12.72 170.82 28.96
CA PRO M 105 -15.60 170.10 26.58
CA ASP M 106 -17.97 171.60 24.09
CA TYR M 107 -18.14 169.34 21.13
CA TRP M 108 -17.53 165.59 21.43
CA GLY M 109 -16.70 162.76 19.03
CA GLN M 110 -18.57 159.47 18.70
CA GLY M 111 -16.24 157.20 20.71
CA THR M 112 -13.86 154.37 19.90
CA PRO M 113 -14.09 151.22 22.11
CA VAL M 114 -11.10 149.74 23.90
CA THR M 115 -11.19 146.27 25.43
CA VAL M 116 -8.29 145.00 27.56
CA SER M 117 -8.79 141.46 28.82
CA SER M 118 -6.87 138.45 30.05
CA ALA M 119 -9.03 136.38 27.70
CA SER M 120 -7.91 135.39 24.26
CA THR M 121 -10.01 135.03 21.15
CA LYS M 122 -12.30 132.00 21.44
CA GLY M 123 -14.90 130.96 18.85
CA PRO M 124 -18.31 129.93 20.26
CA SER M 125 -19.80 126.56 20.90
CA VAL M 126 -23.22 126.45 19.25
CA PHE M 127 -26.10 124.43 20.75
CA PRO M 128 -29.64 124.17 19.47
CA LEU M 129 -32.43 125.03 21.93
CA ALA M 130 -35.08 122.64 20.66
CA PRO M 131 -38.77 123.53 20.60
CA SER M 132 -40.58 121.80 23.48
CA SER M 133 -43.47 119.33 22.99
CA LYS M 134 -45.04 120.80 26.08
CA SER M 135 -47.79 123.04 24.82
CA THR M 136 -48.25 126.64 25.89
CA SER M 137 -51.42 128.72 26.14
CA GLY M 138 -51.45 130.54 22.80
CA GLY M 139 -50.08 130.15 19.27
CA THR M 140 -46.49 129.99 20.50
CA ALA M 141 -43.60 127.61 20.14
CA ALA M 142 -40.18 128.87 21.09
CA LEU M 143 -36.94 127.61 19.65
CA GLY M 144 -33.41 129.08 19.65
CA CYS M 145 -29.63 128.78 19.69
CA LEU M 146 -27.16 128.97 22.55
CA VAL M 147 -23.94 130.71 21.58
CA LYS M 148 -21.74 129.79 24.38
CA ASP M 149 -18.30 130.90 25.69
CA TYR M 150 -16.90 133.22 23.00
CA PHE M 151 -14.43 136.15 23.02
CA PRO M 152 -14.62 138.86 22.11
CA GLN M 153 -17.94 140.46 21.23
CA PRO M 154 -19.69 140.68 19.02
CA VAL M 155 -21.29 137.69 17.30
CA THR M 156 -23.75 137.76 14.44
CA VAL M 157 -26.76 135.43 14.53
CA SER M 158 -29.35 135.22 11.80
CA TRP M 159 -32.07 132.61 11.02
CA ASN M 160 -32.62 130.67 7.83
CA SER M 161 -29.83 132.67 6.42
CA GLY M 162 -31.55 135.86 7.37
CA ALA M 163 -34.60 134.90 5.33
CA LEU M 164 -36.34 134.77 8.74
CA THR M 165 -36.69 137.95 10.67
CA SER M 166 -40.20 137.58 11.96
CA GLY M 167 -40.30 136.88 15.70
CA VAL M 168 -36.60 136.55 16.26
CA HIS M 169 -35.31 137.84 19.58
CA THR M 170 -31.53 137.77 20.20
CA PHE M 171 -30.73 138.67 23.79
CA PRO M 172 -27.85 140.67 25.15
CA ALA M 173 -24.91 138.43 25.95
CA VAL M 174 -23.84 137.52 29.51
CA LEU M 175 -20.18 138.18 30.52
CA GLN M 176 -19.35 135.19 32.61
CA SER M 177 -16.78 134.96 35.41
CA SER M 178 -14.58 133.20 32.84
CA GLY M 179 -14.09 136.33 30.91
CA LEU M 180 -16.07 134.68 28.12
CA TYR M 181 -19.50 135.61 26.74
CA SER M 182 -22.63 133.64 26.02
CA LEU M 183 -25.83 134.71 24.27
CA SER M 184 -29.19 133.28 23.27
CA SER M 185 -31.28 133.94 20.17
CA VAL M 186 -34.89 132.73 20.10
CA VAL M 187 -37.65 132.53 17.55
CA THR M 188 -41.23 132.38 18.68
CA VAL M 189 -43.15 130.57 15.92
CA PRO M 190 -46.81 129.43 15.60
CA SER M 191 -46.73 125.88 16.82
CA SER M 192 -48.49 124.66 13.65
CA SER M 193 -45.31 125.28 11.61
CA LEU M 194 -43.01 123.46 13.93
CA GLY M 195 -42.28 120.34 12.02
CA THR M 196 -43.86 121.69 8.81
CA GLN M 197 -40.76 123.91 8.42
CA THR M 198 -36.95 124.02 8.96
CA TYR M 199 -35.05 126.37 11.25
CA ILE M 200 -31.31 126.85 11.22
CA CYS M 201 -29.42 129.55 13.05
CA ASN M 202 -26.34 130.93 11.24
CA VAL M 203 -23.65 132.02 13.67
CA ASN M 204 -20.72 134.15 12.61
CA HIS M 205 -17.94 135.06 14.95
CA LYS M 206 -15.75 137.35 12.82
CA PRO M 207 -12.82 137.75 15.31
CA SER M 208 -12.17 133.99 15.29
CA ASN M 209 -13.55 133.37 11.85
CA THR M 210 -15.88 130.74 13.37
CA LYS M 211 -18.95 130.22 11.16
CA VAL M 212 -21.49 127.65 12.35
CA ASP M 213 -24.99 126.69 11.19
CA LYS M 214 -27.05 124.75 13.64
CA ARG M 215 -30.27 123.00 12.51
CA VAL M 216 -33.19 121.13 13.89
CA GLU M 217 -36.44 119.59 15.12
CA PRO M 218 -39.08 117.76 17.30
CA GLU N 1 -104.62 144.81 31.87
CA VAL N 2 -106.00 142.21 29.50
CA GLN N 3 -104.24 138.87 29.99
CA LEU N 4 -104.77 135.78 27.77
CA VAL N 5 -103.14 132.47 28.87
CA GLN N 6 -103.24 129.41 26.54
CA SER N 7 -103.04 125.86 27.84
CA GLY N 8 -103.42 122.26 26.70
CA GLY N 9 -100.76 121.89 24.03
CA GLY N 10 -98.95 118.64 23.47
CA VAL N 11 -97.31 116.01 21.27
CA VAL N 12 -99.65 113.55 19.57
CA GLN N 13 -99.75 111.13 16.68
CA PRO N 14 -101.93 111.56 13.54
CA GLY N 15 -105.64 111.06 13.98
CA ARG N 16 -105.61 111.83 17.72
CA SER N 17 -107.17 114.72 19.67
CA LEU N 18 -106.35 117.69 21.85
CA ARG N 19 -108.23 120.45 23.59
CA LEU N 20 -106.81 123.92 24.07
CA SER N 21 -108.04 126.44 26.57
CA CYS N 22 -107.51 130.19 26.87
CA SER N 23 -108.23 131.73 30.19
CA SER N 24 -108.73 135.46 30.41
CA SER N 25 -108.76 138.40 32.88
CA GLY N 26 -108.71 142.24 32.85
CA PHE N 27 -111.83 142.69 30.64
CA ILE N 28 -115.54 141.88 30.26
CA PHE N 29 -114.97 138.67 28.38
CA SER N 30 -118.53 138.24 27.11
CA SER N 31 -118.32 141.50 25.12
CA TYR N 32 -115.70 140.57 22.61
CA ALA N 33 -115.18 138.11 19.77
CA MET N 34 -112.23 135.75 20.37
CA TYR N 35 -109.73 134.22 17.93
CA TRP N 36 -107.47 131.22 17.54
CA VAL N 37 -104.36 131.78 15.34
CA ARG N 38 -101.50 129.38 14.78
CA GLN N 39 -97.91 129.46 13.60
CA ALA N 40 -96.11 126.48 12.04
CA PRO N 41 -92.39 126.43 12.68
CA GLY N 42 -90.66 128.62 10.16
CA LYS N 43 -93.91 129.82 8.69
CA GLY N 44 -96.27 132.80 9.05
CA LEU N 45 -99.41 133.52 11.09
CA GLU N 46 -102.47 131.48 10.02
CA TRP N 47 -105.96 132.32 11.38
CA VAL N 48 -107.86 129.27 12.66
CA ALA N 49 -111.22 130.43 14.00
CA ILE N 50 -113.38 133.21 15.43
CA ILE N 51 -116.35 133.05 17.78
CA TRP N 52 -118.85 135.86 18.46
CA ASP N 53 -119.26 137.50 21.86
CA ASP N 54 -122.36 135.40 22.69
CA GLY N 55 -121.12 132.33 20.78
CA SER N 56 -124.07 132.58 18.42
CA ASP N 57 -121.85 131.97 15.44
CA GLN N 58 -118.36 130.70 14.70
CA HIS N 59 -116.20 130.72 11.54
CA TYR N 60 -113.28 128.49 10.58
CA ALA N 61 -110.29 128.33 8.22
CA ASP N 62 -110.98 125.90 5.33
CA SER N 63 -108.11 123.58 6.43
CA VAL N 64 -109.72 122.98 9.79
CA LYS N 65 -113.42 123.02 9.22
CA GLY N 66 -115.10 119.99 10.69
CA ARG N 67 -112.07 118.79 12.68
CA PHE N 68 -111.86 121.81 15.01
CA THR N 69 -114.56 123.30 17.26
CA ILE N 70 -114.33 126.75 18.85
CA SER N 71 -116.53 127.37 21.84
CA ARG N 72 -116.55 129.58 24.91
CA ASN N 73 -117.76 129.79 28.45
CA ASP N 74 -118.61 133.42 29.29
CA SER N 75 -119.35 132.24 32.76
CA LYS N 76 -115.81 131.15 33.31
CA ASN N 77 -114.19 133.70 30.91
CA THR N 78 -112.57 130.79 28.91
CA LEU N 79 -112.16 130.00 25.25
CA PHE N 80 -111.77 126.41 23.99
CA LEU N 81 -110.39 124.75 20.87
CA GLN N 82 -111.38 121.06 20.41
CA MET N 83 -109.00 119.64 17.88
CA ASP N 84 -110.04 116.31 16.40
CA SER N 85 -108.36 114.00 13.83
CA LEU N 86 -105.18 116.00 14.01
CA ARG N 87 -102.78 116.06 11.05
CA PRO N 88 -99.02 116.68 10.94
CA GLU N 89 -99.73 119.94 9.13
CA ASP N 90 -101.48 121.14 12.25
CA THR N 91 -98.19 121.39 14.08
CA GLY N 92 -97.65 124.92 15.37
CA VAL N 93 -97.85 127.39 18.21
CA TYR N 94 -101.49 128.24 19.00
CA PHE N 95 -102.44 131.74 20.13
CA CYS N 96 -105.72 133.03 21.34
CA ALA N 97 -106.50 136.68 20.77
CA ARG N 98 -109.22 139.18 21.59
CA ASP N 99 -111.13 140.96 18.82
CA GLY N 100 -110.90 144.64 19.66
CA GLY N 101 -114.32 145.64 18.31
CA SER N 102 -114.02 144.65 14.81
CA SER N 103 -111.72 143.14 12.17
CA ALA N 104 -109.37 142.51 15.07
CA PRO N 105 -106.93 140.88 17.04
CA ASP N 106 -105.84 143.41 19.59
CA TYR N 107 -104.39 141.59 22.51
CA TRP N 108 -102.73 138.18 22.12
CA GLY N 109 -101.78 135.33 24.47
CA GLN N 110 -98.35 133.71 24.74
CA GLY N 111 -98.96 130.57 22.68
CA THR N 112 -99.25 126.87 23.39
CA PRO N 113 -97.26 124.47 21.12
CA VAL N 114 -98.86 121.58 19.27
CA THR N 115 -96.78 118.83 17.68
CA VAL N 116 -98.43 116.17 15.49
CA SER N 117 -95.98 113.60 14.17
CA SER N 118 -95.82 110.05 12.85
CA ALA N 119 -92.86 109.57 15.18
CA SER N 120 -93.19 108.02 18.60
CA THR N 121 -91.26 108.87 21.73
CA LYS N 122 -87.66 107.71 21.40
CA GLY N 123 -84.93 108.31 24.00
CA PRO N 124 -81.55 109.46 22.61
CA SER N 125 -78.39 107.58 21.92
CA VAL N 126 -75.54 109.42 23.62
CA PHE N 127 -72.01 109.47 22.12
CA PRO N 128 -68.96 111.27 23.43
CA LEU N 129 -67.17 113.63 21.02
CA ALA N 130 -63.65 113.18 22.28
CA PRO N 131 -61.13 116.03 22.41
CA SER N 132 -58.67 115.73 19.51
CA SER N 133 -54.88 115.34 19.99
CA LYS N 134 -54.44 117.54 16.95
CA SER N 135 -53.50 120.92 18.28
CA THR N 136 -55.19 124.14 17.29
CA SER N 137 -53.80 127.68 17.12
CA GLY N 138 -54.81 129.11 20.50
CA GLY N 139 -55.71 127.92 24.01
CA THR N 140 -58.55 125.75 22.72
CA ALA N 141 -59.54 122.14 23.00
CA ALA N 142 -63.06 121.22 22.03
CA LEU N 143 -64.98 118.28 23.41
CA GLY N 144 -68.71 117.44 23.39
CA CYS N 145 -71.64 115.03 23.30
CA LEU N 146 -73.76 113.84 20.42
CA VAL N 147 -77.39 113.38 21.38
CA LYS N 148 -78.67 111.41 18.54
CA ASP N 149 -82.12 110.37 17.20
CA TYR N 150 -84.60 111.40 19.91
CA PHE N 151 -88.31 112.37 19.93
CA PRO N 152 -89.72 114.68 20.89
CA GLN N 153 -87.91 117.87 21.85
CA PRO N 154 -86.61 119.02 24.08
CA VAL N 155 -83.58 117.46 25.76
CA THR N 156 -81.60 118.86 28.66
CA VAL N 157 -77.81 118.69 28.56
CA SER N 158 -75.57 119.95 31.31
CA TRP N 159 -71.83 119.36 32.08
CA ASN N 160 -70.27 118.03 35.23
CA SER N 161 -73.69 118.01 36.65
CA GLY N 162 -74.14 121.65 35.77
CA ALA N 163 -71.08 122.56 37.83
CA LEU N 164 -69.59 123.53 34.44
CA THR N 165 -71.13 126.38 32.58
CA SER N 166 -68.06 128.13 31.33
CA GLY N 167 -67.56 127.70 27.57
CA VAL N 168 -70.40 125.33 26.96
CA HIS N 169 -72.21 125.71 23.66
CA THR N 170 -75.25 123.50 22.98
CA PHE N 171 -76.44 123.85 19.41
CA PRO N 172 -79.94 123.85 18.04
CA ALA N 173 -81.05 120.33 17.17
CA VAL N 174 -81.41 119.06 13.57
CA LEU N 175 -84.78 117.52 12.54
CA GLN N 176 -83.75 114.65 10.38
CA SER N 177 -85.72 113.04 7.55
CA SER N 178 -86.49 110.28 10.06
CA GLY N 179 -88.70 112.51 12.04
CA LEU N 180 -86.12 112.24 14.82
CA TYR N 181 -83.86 114.94 16.25
CA SER N 182 -80.15 115.12 16.98
CA LEU N 183 -78.16 117.80 18.78
CA SER N 184 -74.58 118.54 19.80
CA SER N 185 -73.26 120.21 22.93
CA VAL N 186 -69.61 121.30 23.03
CA VAL N 187 -67.23 122.67 25.61
CA THR N 188 -64.22 124.63 24.53
CA VAL N 189 -61.61 124.20 27.26
CA PRO N 190 -57.96 125.36 27.61
CA SER N 191 -55.97 122.45 26.32
CA SER N 192 -53.84 122.39 29.49
CA SER N 193 -56.79 121.01 31.51
CA LEU N 194 -57.63 118.25 29.12
CA GLY N 195 -56.42 115.25 30.95
CA THR N 196 -55.90 117.19 34.22
CA GLN N 197 -59.71 117.21 34.61
CA THR N 198 -62.89 115.12 34.02
CA TYR N 199 -65.81 115.99 31.76
CA ILE N 200 -69.14 114.23 31.76
CA CYS N 201 -72.25 115.39 29.95
CA ASN N 202 -75.55 114.71 31.74
CA VAL N 203 -78.37 114.11 29.30
CA ASN N 204 -82.00 114.13 30.38
CA HIS N 205 -84.81 113.32 28.02
CA LYS N 206 -87.90 113.88 30.16
CA PRO N 207 -90.54 112.57 27.65
CA SER N 208 -88.90 109.13 27.58
CA ASN N 209 -87.41 109.34 31.03
CA THR N 210 -83.99 108.57 29.49
CA LYS N 211 -81.19 109.85 31.73
CA VAL N 212 -77.62 109.25 30.52
CA ASP N 213 -74.21 110.45 31.70
CA LYS N 214 -71.41 110.11 29.23
CA ARG N 215 -67.77 110.51 30.37
CA VAL N 216 -64.65 110.78 28.65
CA GLU N 217 -61.06 111.55 27.59
CA PRO N 218 -57.88 111.82 25.27
CA GLU O 1 -109.41 133.23 -1.11
CA SER O 2 -106.58 132.49 1.25
CA VAL O 3 -103.63 134.93 1.55
CA LEU O 4 -102.47 138.55 1.55
CA THR O 5 -99.21 139.02 -0.33
CA GLN O 6 -96.16 140.67 1.26
CA PRO O 7 -92.58 140.93 0.03
CA PRO O 8 -90.49 138.33 1.97
CA SER O 9 -87.96 140.90 2.97
CA ALA O 10 -87.29 144.59 3.27
CA SER O 11 -83.98 146.16 4.22
CA GLY O 12 -82.20 149.38 4.75
CA THR O 13 -79.58 151.23 6.74
CA PRO O 14 -80.41 152.77 10.14
CA GLY O 15 -82.32 156.03 9.74
CA GLN O 16 -83.58 155.30 6.24
CA ARG O 17 -87.24 155.13 5.36
CA VAL O 18 -88.35 151.55 4.81
CA THR O 19 -91.84 150.65 3.66
CA ILE O 20 -93.60 147.29 3.39
CA SER O 21 -96.40 146.53 0.95
CA CYS O 22 -99.39 144.17 1.30
CA THR O 23 -101.35 143.26 -1.79
CA GLY O 24 -104.87 141.92 -1.51
CA THR O 25 -108.17 141.63 -3.42
CA SER O 26 -111.53 143.38 -3.61
CA SER O 27 -113.08 146.32 -3.81
CA GLY O 28 -110.75 146.36 -0.97
CA SER O 29 -113.65 145.84 1.43
CA ILE O 30 -112.33 146.02 4.98
CA THR O 31 -109.67 147.81 7.14
CA VAL O 32 -106.05 146.59 7.52
CA ASN O 33 -104.05 145.90 10.69
CA TRP O 34 -100.27 145.49 10.97
CA TYR O 35 -98.50 143.26 13.49
CA GLN O 36 -94.91 143.12 14.55
CA GLN O 37 -93.67 139.70 15.62
CA LEU O 38 -90.57 137.86 16.75
CA PRO O 39 -91.02 134.31 15.37
CA GLY O 40 -93.00 131.89 17.56
CA MET O 41 -93.58 134.63 20.10
CA ALA O 42 -96.77 136.68 20.57
CA PRO O 43 -97.32 139.36 17.95
CA LYS O 44 -98.13 142.90 18.91
CA LEU O 45 -100.63 145.25 17.16
CA LEU O 46 -98.74 148.16 15.53
CA ILE O 47 -101.43 149.67 13.30
CA TYR O 48 -105.22 149.18 13.38
CA ARG O 49 -107.94 150.28 11.02
CA ASP O 50 -105.53 151.20 8.16
CA ALA O 51 -103.77 154.08 9.83
CA MET O 52 -104.37 154.20 13.55
CA ARG O 53 -101.72 153.56 16.17
CA PRO O 54 -102.16 152.14 19.67
CA SER O 55 -100.54 154.10 22.47
CA GLY O 56 -96.97 152.99 23.06
CA VAL O 57 -96.29 152.54 19.38
CA PRO O 58 -93.65 154.97 18.11
CA THR O 59 -94.61 157.87 15.82
CA ARG O 60 -92.27 156.55 13.10
CA PHE O 61 -94.77 153.87 12.17
CA SER O 62 -97.48 154.91 9.76
CA GLY O 63 -100.08 153.07 7.76
CA SER O 64 -101.75 153.65 4.46
CA LYS O 65 -104.45 151.97 2.37
CA SER O 66 -105.89 152.41 -1.11
CA GLY O 67 -107.98 150.11 -3.23
CA THR O 68 -106.85 146.59 -2.65
CA SER O 69 -103.41 147.55 -1.43
CA ALA O 70 -101.94 148.73 1.85
CA SER O 71 -98.57 149.66 3.18
CA LEU O 72 -96.61 150.06 6.41
CA ALA O 73 -93.98 152.89 6.63
CA ILE O 74 -91.05 152.87 9.04
CA SER O 75 -89.71 156.31 9.01
CA GLY O 76 -86.20 156.12 10.29
CA LEU O 77 -85.24 152.46 10.64
CA GLU O 78 -83.72 151.45 13.96
CA ALA O 79 -82.03 148.36 15.30
CA GLU O 80 -85.19 147.46 17.24
CA ASP O 81 -87.11 147.24 14.00
CA GLU O 82 -85.52 144.00 12.98
CA SER O 83 -88.52 141.70 13.15
CA ASP O 84 -91.31 140.07 11.17
CA TYR O 85 -94.27 142.18 10.06
CA TYR O 86 -97.74 140.92 9.07
CA CYS O 87 -100.67 142.78 7.57
CA ALA O 88 -104.19 141.43 8.17
CA SER O 89 -107.83 141.90 7.11
CA TRP O 90 -111.26 140.31 7.15
CA ASN O 91 -112.50 138.85 3.92
CA SER O 92 -116.17 139.46 3.19
CA SER O 93 -116.86 136.62 0.75
CA ASP O 94 -114.94 133.97 2.65
CA ASN O 95 -115.95 135.07 6.10
CA SER O 96 -112.38 134.67 7.27
CA TYR O 97 -109.65 136.70 8.90
CA VAL O 98 -106.69 136.69 6.53
CA PHE O 99 -102.99 137.18 7.37
CA GLY O 100 -100.32 138.42 5.04
CA THR O 101 -97.45 136.04 4.12
CA GLY O 102 -95.19 138.33 6.10
CA THR O 103 -92.00 140.38 5.79
CA LYS O 104 -88.66 140.17 7.49
CA VAL O 105 -86.72 143.40 7.98
CA THR O 106 -82.98 143.58 8.29
CA VAL O 107 -81.09 146.62 9.53
CA LEU O 108 -78.29 146.74 7.05
CA GLY O 109 -74.66 146.85 7.82
CA GLN O 110 -73.40 145.06 10.92
CA PRO O 111 -69.87 143.77 10.65
CA LYS O 112 -69.36 140.51 8.86
CA ALA O 113 -68.13 137.84 11.29
CA ASN O 114 -66.14 134.80 10.02
CA PRO O 115 -67.31 131.40 11.25
CA THR O 116 -65.59 129.06 13.75
CA VAL O 117 -65.54 125.53 12.36
CA THR O 118 -65.29 122.57 14.72
CA LEU O 119 -65.18 119.07 13.26
CA PHE O 120 -65.68 115.69 15.08
CA PRO O 121 -65.09 112.25 13.56
CA PRO O 122 -67.22 109.24 14.55
CA SER O 123 -67.07 107.96 18.08
CA SER O 124 -65.59 104.49 18.64
CA GLU O 125 -68.73 103.52 20.54
CA GLU O 126 -70.89 104.58 17.64
CA LEU O 127 -68.67 102.65 15.24
CA GLN O 128 -69.37 99.58 17.38
CA ALA O 129 -73.05 100.19 16.90
CA ASN O 130 -72.20 99.90 13.19
CA LYS O 131 -73.00 103.54 12.43
CA ALA O 132 -70.94 106.73 11.80
CA THR O 133 -71.71 110.35 12.20
CA LEU O 134 -69.32 113.17 11.40
CA VAL O 135 -70.27 116.48 13.02
CA CYS O 136 -69.36 119.92 11.71
CA LEU O 137 -70.25 122.73 14.07
CA ILE O 138 -70.21 126.33 12.79
CA SER O 139 -70.49 129.27 15.24
CA ASP O 140 -70.24 133.03 15.66
CA PHE O 141 -70.93 134.06 12.08
CA TYR O 142 -72.66 137.06 10.56
CA PRO O 143 -74.50 137.21 8.24
CA GLY O 144 -76.48 133.97 8.63
CA ALA O 145 -75.75 132.58 5.18
CA VAL O 146 -73.32 129.67 4.83
CA THR O 147 -72.59 126.86 2.43
CA VAL O 148 -71.36 123.61 3.88
CA ALA O 149 -69.73 120.93 1.75
CA TRP O 150 -68.38 117.55 2.70
CA LYS O 151 -65.37 116.08 0.99
CA ALA O 152 -63.68 112.67 1.24
CA ASP O 153 -60.06 112.53 0.13
CA GLY O 154 -60.12 114.60 -3.05
CA SER O 155 -63.86 114.35 -3.64
CA PRO O 156 -67.34 115.70 -2.82
CA VAL O 157 -69.46 113.57 -0.50
CA LYS O 158 -72.74 112.49 -2.16
CA ALA O 159 -75.48 111.91 0.35
CA GLY O 160 -76.05 111.46 4.06
CA VAL O 161 -75.66 115.16 4.86
CA GLU O 162 -78.12 116.91 7.21
CA THR O 163 -77.53 120.68 7.65
CA THR O 164 -79.47 122.99 9.99
CA LYS O 165 -80.67 126.39 8.97
CA PRO O 166 -78.65 129.00 10.80
CA SER O 167 -80.13 130.39 13.96
CA LYS O 168 -79.41 133.61 15.68
CA GLN O 169 -77.86 133.59 19.11
CA SER O 170 -78.31 136.24 21.82
CA ASN O 171 -74.91 137.20 20.47
CA ASN O 172 -76.55 138.61 17.35
CA LYS O 173 -74.40 136.11 15.52
CA TYR O 174 -75.47 132.79 14.02
CA ALA O 175 -74.91 129.05 14.56
CA ALA O 176 -75.38 125.98 12.42
CA SER O 177 -74.60 122.27 12.45
CA SER O 178 -74.01 119.76 9.70
CA TYR O 179 -74.11 115.98 10.10
CA LEU O 180 -72.69 113.43 7.74
CA SER O 181 -73.95 109.90 8.02
CA LEU O 182 -71.85 107.01 6.84
CA THR O 183 -71.07 103.42 7.39
CA PRO O 184 -67.99 102.55 9.40
CA GLU O 185 -66.70 100.99 6.21
CA GLN O 186 -67.09 104.16 4.12
CA TRP O 187 -65.48 106.02 7.00
CA LYS O 188 -62.58 103.67 7.07
CA SER O 189 -62.16 103.37 3.34
CA HIS O 190 -60.84 106.93 2.94
CA ARG O 191 -57.75 108.66 4.30
CA SER O 192 -59.41 111.95 5.13
CA TYR O 193 -62.73 113.69 5.58
CA SER O 194 -63.33 117.44 5.29
CA CYS O 195 -65.99 119.88 6.23
CA GLN O 196 -65.76 123.00 4.18
CA VAL O 197 -67.68 126.14 5.01
CA THR O 198 -68.04 129.06 2.63
CA HIS O 199 -69.14 132.35 4.06
CA GLU O 200 -69.12 135.59 2.12
CA GLY O 201 -66.50 134.48 -0.40
CA SER O 202 -64.27 133.01 2.28
CA THR O 203 -63.88 129.17 2.64
CA VAL O 204 -62.68 127.45 5.80
CA GLU O 205 -61.86 123.76 5.82
CA LYS O 206 -61.33 121.36 8.73
CA THR O 207 -60.02 117.81 8.27
CA VAL O 208 -60.32 114.56 10.36
CA ALA O 209 -58.86 111.06 9.73
CA PRO O 210 -59.65 107.62 11.09
CA THR O 211 -56.17 107.97 12.76
CA GLU O 212 -57.01 109.94 15.85
CA CYS O 213 -56.19 113.35 14.36
CA SER O 214 -61.74 96.11 22.45
CA ALA O 215 -59.54 93.57 24.23
CA SER O 216 -60.27 92.31 27.70
CA THR O 217 -57.79 91.41 30.40
CA LYS O 218 -55.96 88.20 29.48
CA GLY O 219 -53.17 86.61 31.53
CA PRO O 220 -50.14 85.40 29.52
CA SER O 221 -49.17 81.98 28.35
CA VAL O 222 -45.59 81.34 29.42
CA PHE O 223 -43.20 79.21 27.33
CA PRO O 224 -39.57 78.43 28.00
CA LEU O 225 -37.08 79.26 25.24
CA ALA O 226 -34.59 76.49 25.85
CA PRO O 227 -30.83 76.97 25.44
CA SER O 228 -29.67 75.41 22.16
CA SER O 229 -27.07 72.60 21.97
CA LYS O 230 -25.78 74.23 18.82
CA SER O 231 -22.64 76.03 19.86
CA THR O 232 -21.91 79.65 19.08
CA SER O 233 -18.57 81.42 18.53
CA GLY O 234 -17.85 82.82 21.99
CA GLY O 235 -18.75 82.20 25.64
CA THR O 236 -22.46 82.54 24.96
CA ALA O 237 -25.54 80.46 25.54
CA ALA O 238 -28.89 82.16 25.24
CA LEU O 239 -32.01 81.09 27.04
CA GLY O 240 -35.31 82.91 27.72
CA CYS O 241 -39.06 83.02 28.23
CA LEU O 242 -41.87 83.78 25.82
CA VAL O 243 -44.69 85.73 27.42
CA LYS O 244 -47.37 85.35 24.94
CA ASP O 245 -50.80 86.97 24.26
CA TYR O 246 -51.52 89.10 27.35
CA PHE O 247 -53.60 92.25 27.99
CA PRO O 248 -52.95 94.82 29.12
CA GLN O 249 -49.37 95.94 29.62
CA PRO O 250 -47.31 95.73 31.55
CA VAL O 251 -45.85 92.43 32.71
CA THR O 252 -43.02 91.92 35.15
CA VAL O 253 -40.36 89.31 34.39
CA SER O 254 -37.45 88.53 36.64
CA TRP O 255 -34.98 85.58 36.76
CA ASN O 256 -34.22 83.25 39.62
CA SER O 257 -36.53 85.35 41.63
CA GLY O 258 -34.59 88.45 40.73
CA ALA O 259 -31.41 86.95 42.17
CA LEU O 260 -30.20 87.01 38.54
CA THR O 261 -29.75 90.34 36.89
CA SER O 262 -26.53 89.75 35.05
CA GLY O 263 -27.04 89.46 31.28
CA VAL O 264 -30.79 89.59 31.27
CA HIS O 265 -32.37 91.37 28.33
CA THR O 266 -36.19 91.76 28.29
CA PHE O 267 -37.37 93.14 24.97
CA PRO O 268 -40.16 95.56 24.26
CA ALA O 269 -43.43 93.74 23.72
CA VAL O 270 -45.10 93.35 20.29
CA LEU O 271 -48.76 94.51 19.92
CA GLN O 272 -50.24 91.87 17.71
CA SER O 273 -53.19 92.22 15.33
CA SER O 274 -55.18 90.42 18.02
CA GLY O 275 -55.02 93.35 20.30
CA LEU O 276 -52.87 91.21 22.58
CA TYR O 277 -49.21 91.61 23.50
CA SER O 278 -46.26 89.25 23.54
CA LEU O 279 -42.74 89.78 24.87
CA SER O 280 -39.46 87.92 25.20
CA SER O 281 -36.89 88.00 27.98
CA VAL O 282 -33.48 86.41 27.39
CA VAL O 283 -30.43 85.66 29.46
CA THR O 284 -27.09 85.25 27.79
CA VAL O 285 -25.04 82.96 30.03
CA PRO O 286 -21.52 81.41 29.67
CA SER O 287 -22.20 78.05 28.16
CA SER O 288 -20.18 76.30 30.88
CA SER O 289 -22.93 77.02 33.45
CA LEU O 290 -25.74 75.72 31.34
CA GLY O 291 -26.55 72.51 33.03
CA THR O 292 -24.39 73.31 36.07
CA GLN O 293 -27.11 75.79 37.14
CA THR O 294 -30.92 76.36 37.20
CA TYR O 295 -32.83 79.13 35.48
CA ILE O 296 -36.44 79.99 36.13
CA CYS O 297 -38.25 83.07 34.87
CA ASN O 298 -40.83 84.55 37.24
CA VAL O 299 -43.70 86.17 35.37
CA ASN O 300 -46.16 88.47 37.08
CA HIS O 301 -49.13 89.92 35.29
CA LYS O 302 -50.70 92.16 37.94
CA PRO O 303 -53.89 93.14 35.96
CA SER O 304 -54.98 89.49 35.73
CA ASN O 305 -53.20 88.35 38.84
CA THR O 306 -51.44 85.68 36.74
CA LYS O 307 -48.18 84.60 38.40
CA VAL O 308 -46.16 81.92 36.60
CA ASP O 309 -42.67 80.49 37.11
CA LYS O 310 -41.23 78.63 34.19
CA ARG O 311 -38.11 76.44 34.65
CA VAL O 312 -36.96 76.02 30.90
CA GLU O 313 -34.98 73.05 29.83
CA PRO O 314 -33.90 71.32 26.58
CA LEU O 315 -24.83 79.33 20.96
CA SER O 316 -24.09 76.06 19.17
CA LEU O 317 -21.31 73.74 18.04
CA PRO O 318 -20.01 70.38 17.09
CA SER O 319 -19.07 66.84 18.03
CA VAL O 320 -15.71 65.16 18.73
CA PHE O 321 -14.84 61.50 17.91
CA LEU O 322 -11.56 59.86 19.02
CA PHE O 323 -10.49 56.76 17.12
CA PRO O 324 -7.81 54.23 18.23
CA PRO O 325 -5.14 52.51 16.12
CA LYS O 326 -5.73 49.26 14.29
CA PRO O 327 -4.19 46.26 16.04
CA LYS O 328 -1.95 45.09 13.23
CA ASP O 329 -0.31 48.49 13.10
CA THR O 330 0.58 48.49 16.78
CA LEU O 331 1.69 44.86 16.92
CA MET O 332 3.97 45.39 13.95
CA ILE O 333 7.05 47.50 14.68
CA SER O 334 7.18 48.06 10.97
CA ARG O 335 3.84 49.94 10.97
CA THR O 336 2.13 53.21 11.95
CA PRO O 337 -0.37 53.49 14.83
CA GLU O 338 -2.26 56.75 14.88
CA VAL O 339 -5.00 57.96 17.19
CA THR O 340 -7.39 59.99 15.02
CA CYS O 341 -9.52 62.93 16.14
CA VAL O 342 -12.54 63.91 14.04
CA VAL O 343 -14.73 66.99 14.55
CA VAL O 344 -18.21 67.08 12.95
CA ASP O 345 -20.99 69.76 12.86
CA VAL O 346 -18.25 72.41 13.19
CA SER O 347 -20.12 75.00 11.05
CA HIS O 348 -19.52 77.79 8.49
CA GLU O 349 -19.86 80.62 10.96
CA ASP O 350 -17.32 79.21 13.44
CA PRO O 351 -14.99 76.87 11.41
CA GLN O 352 -12.20 77.68 13.89
CA VAL O 353 -11.19 74.42 15.49
CA LYS O 354 -8.16 74.27 17.76
CA PHE O 355 -6.67 70.95 18.85
CA ASN O 356 -4.82 70.05 22.10
CA TRP O 357 -3.22 66.53 22.12
CA TYR O 358 -2.14 65.24 25.53
CA VAL O 359 -0.30 61.97 25.98
CA ASP O 360 -0.87 60.44 29.34
CA GLY O 361 -0.73 63.81 30.92
CA VAL O 362 1.84 65.65 28.93
CA GLN O 363 0.71 67.84 26.09
CA VAL O 364 2.70 66.26 23.32
CA HIS O 365 2.03 69.59 21.76
CA ASN O 366 3.03 68.99 18.21
CA ALA O 367 4.54 65.53 18.30
CA LYS O 368 3.50 65.12 14.74
CA THR O 369 -0.16 66.08 14.91
CA LYS O 370 -1.73 66.91 11.58
CA PRO O 371 -5.19 68.55 10.89
CA ARG O 372 -7.17 69.81 7.73
CA GLU O 373 -10.64 71.34 6.86
CA GLN O 374 -13.37 69.58 4.74
CA GLN O 375 -16.53 71.29 3.47
CA TYR O 376 -19.35 68.82 4.03
CA ASN O 377 -23.10 68.41 4.38
CA SER O 378 -23.98 72.03 4.96
CA THR O 379 -21.12 72.28 7.45
CA TYR O 380 -17.40 71.55 8.05
CA ARG O 381 -15.33 68.48 9.01
CA VAL O 382 -11.94 68.83 10.70
CA VAL O 383 -9.63 65.88 11.36
CA SER O 384 -6.30 65.77 13.14
CA VAL O 385 -4.00 62.79 13.66
CA LEU O 386 -1.46 61.95 16.38
CA THR O 387 1.05 59.23 15.44
CA VAL O 388 1.12 56.78 18.37
CA LEU O 389 4.30 55.21 19.65
CA HIS O 390 3.82 51.46 19.72
CA GLN O 391 5.23 50.94 23.20
CA ASN O 392 3.27 53.81 24.72
CA TRP O 393 0.16 52.23 23.29
CA LEU O 394 0.91 48.74 24.51
CA ASP O 395 1.72 49.98 28.04
CA GLY O 396 -1.66 51.71 28.19
CA LYS O 397 -1.11 55.49 28.03
CA GLU O 398 -3.95 57.93 27.96
CA TYR O 399 -4.51 59.89 24.79
CA LYS O 400 -6.54 63.08 25.16
CA CYS O 401 -7.88 65.07 22.23
CA LYS O 402 -9.11 68.41 23.58
CA VAL O 403 -10.78 70.62 21.02
CA SER O 404 -11.49 74.34 21.29
CA ASN O 405 -13.93 76.19 18.96
CA LYS O 406 -15.63 79.56 19.79
CA ALA O 407 -19.09 78.15 18.96
CA LEU O 408 -18.76 75.27 21.39
CA PRO O 409 -19.00 76.89 24.87
CA ALA O 410 -16.51 74.65 26.70
CA PRO O 411 -13.81 72.65 24.89
CA ILE O 412 -14.56 68.99 24.32
CA GLU O 413 -12.10 66.54 25.74
CA LYS O 414 -12.01 62.88 24.63
CA THR O 415 -9.51 60.44 26.11
CA ILE O 416 -8.49 56.98 24.91
CA SER O 417 -6.33 53.92 25.77
CA LYS O 418 -6.45 50.18 25.55
CA ALA O 419 -8.65 47.88 27.60
CA LYS O 420 -9.26 47.06 31.21
CA GLY O 421 -8.76 43.75 32.80
CA GLN O 422 -6.21 40.99 32.85
CA PRO O 423 -5.24 39.81 29.36
CA ARG O 424 -5.89 36.26 28.15
CA GLU O 425 -4.04 34.24 25.46
CA PRO O 426 -6.13 33.50 22.35
CA GLN O 427 -6.70 29.84 21.54
CA VAL O 428 -6.47 29.45 17.72
CA TYR O 429 -8.02 26.33 16.03
CA THR O 430 -8.27 25.95 12.26
CA LEU O 431 -11.28 24.10 10.88
CA PRO O 432 -11.42 22.44 7.43
CA PRO O 433 -14.66 22.57 5.33
CA SER O 434 -17.69 20.35 5.94
CA ARG O 435 -18.11 17.26 3.78
CA GLU O 436 -21.23 18.70 2.26
CA GLU O 437 -19.56 21.91 1.23
CA MET O 438 -17.38 19.87 -1.06
CA THR O 439 -20.53 19.49 -3.12
CA LYS O 440 -20.04 23.20 -3.72
CA ASN O 441 -17.75 24.93 -6.15
CA GLN O 442 -16.04 26.94 -3.43
CA VAL O 443 -15.23 25.88 0.11
CA SER O 444 -14.98 27.71 3.43
CA LEU O 445 -11.85 27.69 5.60
CA THR O 446 -12.52 28.60 9.23
CA CYS O 447 -10.37 29.60 12.10
CA LEU O 448 -11.73 30.06 15.63
CA VAL O 449 -9.99 32.47 18.01
CA LYS O 450 -11.45 31.93 21.43
CA GLY O 451 -11.04 32.80 25.12
CA PHE O 452 -9.06 36.04 24.45
CA TYR O 453 -9.03 39.40 26.27
CA PRO O 454 -9.12 42.34 25.68
CA SER O 455 -10.97 42.36 22.42
CA ASP O 456 -8.18 44.11 20.56
CA ILE O 457 -6.92 41.62 18.00
CA ALA O 458 -5.81 41.33 14.37
CA VAL O 459 -6.56 38.16 12.28
CA GLU O 460 -5.26 37.60 8.72
CA TRP O 461 -4.91 34.77 6.16
CA GLU O 462 -1.95 33.54 4.04
CA SER O 463 -1.42 30.89 1.39
CA ASN O 464 2.40 31.21 1.52
CA GLY O 465 4.61 34.26 1.71
CA GLN O 466 1.49 35.43 -0.09
CA PRO O 467 -1.38 37.15 1.66
CA GLU O 468 -4.95 36.28 0.66
CA ASN O 469 -8.03 38.22 -0.34
CA ASN O 470 -11.28 36.46 -0.01
CA TYR O 471 -11.77 36.46 3.74
CA LYS O 472 -14.14 37.95 6.29
CA THR O 473 -13.93 38.24 10.08
CA THR O 474 -16.86 38.46 12.56
CA PRO O 475 -16.82 41.03 15.31
CA PRO O 476 -15.42 39.81 18.64
CA VAL O 477 -18.30 38.28 20.56
CA LEU O 478 -18.30 38.25 24.31
CA ASP O 479 -18.57 34.62 25.31
CA SER O 480 -19.81 33.27 28.62
CA ASP O 481 -16.38 33.23 30.32
CA GLY O 482 -16.25 36.95 30.04
CA SER O 483 -13.72 36.16 27.36
CA PHE O 484 -14.08 36.90 23.64
CA PHE O 485 -14.50 34.79 20.48
CA LEU O 486 -14.41 35.25 16.75
CA TYR O 487 -14.47 33.21 13.61
CA SER O 488 -12.74 34.12 10.42
CA LYS O 489 -13.77 32.74 7.03
CA LEU O 490 -11.42 32.27 4.08
CA THR O 491 -13.24 31.22 0.93
CA VAL O 492 -11.27 29.20 -1.64
CA ASP O 493 -11.78 27.32 -4.92
CA LYS O 494 -12.54 23.63 -4.17
CA SER O 495 -9.59 22.73 -6.34
CA ARG O 496 -6.74 24.50 -4.50
CA TRP O 497 -7.66 22.81 -1.27
CA GLN O 498 -7.53 19.51 -3.07
CA GLN O 499 -4.25 20.47 -4.74
CA GLY O 500 -3.01 20.16 -1.14
CA ASN O 501 -2.35 23.82 -0.38
CA VAL O 502 -1.52 25.10 3.07
CA PHE O 503 -3.49 28.06 4.32
CA SER O 504 -2.60 29.75 7.60
CA CYS O 505 -4.49 31.95 9.93
CA SER O 506 -2.31 34.54 11.61
CA VAL O 507 -3.47 35.96 14.95
CA MET O 508 -1.98 39.03 16.68
CA HIS O 509 -2.82 39.79 20.31
CA GLU O 510 -1.44 41.38 23.47
CA ALA O 511 -1.13 38.01 25.18
CA LEU O 512 0.54 36.00 22.46
CA HIS O 513 4.17 34.87 22.83
CA ASN O 514 5.67 37.16 20.30
CA HIS O 515 2.42 39.09 19.87
CA TYR O 516 1.92 36.69 17.01
CA THR O 517 0.79 33.13 16.34
CA GLN O 518 -0.10 31.26 13.24
CA LYS O 519 -2.09 28.06 12.86
CA SER O 520 -2.21 26.13 9.55
CA LEU O 521 -4.75 24.25 7.35
CA SER O 522 -4.32 21.78 4.51
CA LEU O 523 -5.85 18.77 2.79
CA GLU P 1 -8.94 164.94 44.55
CA SER P 2 -10.85 162.76 42.17
CA VAL P 3 -14.67 163.06 41.93
CA LEU P 4 -17.70 165.34 42.00
CA THR P 5 -20.63 163.82 43.90
CA GLN P 6 -24.08 163.43 42.34
CA PRO P 7 -27.14 161.55 43.57
CA PRO P 8 -27.37 158.26 41.58
CA SER P 9 -30.94 158.93 40.63
CA ALA P 10 -33.61 161.57 40.41
CA SER P 11 -37.23 160.97 39.49
CA GLY P 12 -40.56 162.58 39.04
CA THR P 13 -43.78 162.62 37.08
CA PRO P 14 -44.03 164.42 33.72
CA GLY P 15 -44.35 168.18 34.19
CA GLN P 16 -42.86 168.24 37.68
CA ARG P 17 -39.75 170.18 38.56
CA VAL P 18 -36.78 167.89 39.04
CA THR P 19 -33.40 169.13 40.17
CA ILE P 20 -30.01 167.40 40.35
CA SER P 21 -27.26 168.36 42.79
CA CYS P 22 -23.45 168.15 42.39
CA THR P 23 -21.29 168.49 45.45
CA GLY P 24 -17.64 169.41 45.15
CA THR P 25 -14.77 171.06 47.06
CA SER P 26 -13.02 174.40 47.29
CA SER P 27 -14.46 177.73 48.17
CA GLY P 28 -15.40 176.44 44.71
CA SER P 29 -12.77 177.74 42.30
CA ILE P 30 -13.99 177.19 38.76
CA THR P 31 -17.23 177.17 36.64
CA VAL P 32 -19.48 174.09 36.23
CA ASN P 33 -20.76 172.44 33.05
CA TRP P 34 -23.62 169.92 32.75
CA TYR P 35 -23.81 167.13 30.17
CA GLN P 36 -26.68 164.97 29.10
CA GLN P 37 -25.75 161.49 27.96
CA LEU P 38 -27.22 158.23 26.79
CA PRO P 39 -24.79 155.54 28.08
CA GLY P 40 -21.80 154.76 25.85
CA MET P 41 -22.94 157.39 23.37
CA ALA P 42 -21.52 160.90 22.94
CA PRO P 43 -22.57 163.35 25.63
CA LYS P 44 -23.97 166.73 24.75
CA LEU P 45 -23.27 170.06 26.55
CA LEU P 46 -26.46 171.31 28.25
CA ILE P 47 -25.11 174.05 30.51
CA TYR P 48 -21.72 175.85 30.42
CA ARG P 49 -20.11 178.26 32.81
CA ASP P 50 -22.56 177.57 35.69
CA ALA P 51 -25.69 178.94 34.09
CA MET P 52 -25.31 179.46 30.38
CA ARG P 53 -27.14 177.47 27.74
CA PRO P 54 -26.01 176.63 24.21
CA SER P 55 -28.50 177.34 21.44
CA GLY P 56 -30.79 174.39 20.82
CA VAL P 57 -31.03 173.56 24.49
CA PRO P 58 -34.57 174.01 25.83
CA THR P 59 -35.43 176.88 28.17
CA ARG P 60 -36.55 174.41 30.86
CA PHE P 61 -32.95 173.63 31.74
CA SER P 62 -31.31 175.99 34.17
CA GLY P 63 -28.09 175.95 36.13
CA SER P 64 -27.02 177.32 39.44
CA LYS P 65 -23.83 177.46 41.50
CA SER P 66 -22.86 178.59 45.00
CA GLY P 67 -19.81 177.88 47.06
CA THR P 68 -18.71 174.35 46.39
CA SER P 69 -22.08 173.18 45.19
CA ALA P 70 -24.01 173.36 41.94
CA SER P 71 -27.31 172.21 40.62
CA LEU P 72 -29.19 171.47 37.42
CA ALA P 73 -32.96 172.28 37.25
CA ILE P 74 -35.38 170.60 34.83
CA SER P 75 -38.46 172.65 34.94
CA GLY P 76 -41.23 170.49 33.65
CA LEU P 77 -39.92 166.97 33.22
CA GLU P 78 -40.62 165.32 29.88
CA ALA P 79 -40.24 161.86 28.46
CA GLU P 80 -37.16 162.98 26.51
CA ASP P 81 -35.42 163.84 29.74
CA GLU P 82 -34.83 160.25 30.68
CA SER P 83 -31.07 160.10 30.47
CA ASP P 84 -27.82 160.34 32.41
CA TYR P 85 -26.60 163.75 33.58
CA TYR P 86 -23.03 164.70 34.54
CA CYS P 87 -21.69 167.88 36.08
CA ALA P 88 -18.04 168.83 35.46
CA SER P 89 -15.32 171.28 36.54
CA TRP P 90 -11.60 171.95 36.46
CA ASN P 91 -9.71 171.41 39.66
CA SER P 92 -7.04 174.01 40.40
CA SER P 93 -4.82 172.05 42.78
CA ASP P 94 -4.89 168.81 40.82
CA ASN P 95 -4.73 170.35 37.39
CA SER P 96 -7.45 168.00 36.22
CA TYR P 97 -10.85 168.11 34.64
CA VAL P 98 -13.25 166.35 36.99
CA PHE P 99 -16.57 164.63 36.16
CA GLY P 100 -19.43 164.07 38.51
CA THR P 101 -20.39 160.46 39.37
CA GLY P 102 -23.59 161.07 37.45
CA THR P 103 -27.37 160.89 37.81
CA LYS P 104 -30.00 158.83 36.08
CA VAL P 105 -33.45 160.36 35.67
CA THR P 106 -36.61 158.35 35.35
CA VAL P 107 -39.93 159.77 34.19
CA LEU P 108 -42.25 158.21 36.67
CA GLY P 109 -45.30 156.22 35.89
CA GLN P 110 -45.34 154.10 32.76
CA PRO P 111 -47.46 151.00 32.99
CA LYS P 112 -46.00 148.01 34.70
CA ALA P 113 -45.48 145.17 32.22
CA ASN P 114 -45.34 141.50 33.41
CA PRO P 115 -42.44 139.42 32.10
CA THR P 116 -42.53 136.58 29.54
CA VAL P 117 -40.52 133.64 30.86
CA THR P 118 -39.05 131.13 28.43
CA LEU P 119 -37.11 128.17 29.81
CA PHE P 120 -34.77 125.73 27.92
CA PRO P 121 -33.27 122.55 29.35
CA PRO P 122 -29.80 121.33 28.30
CA SER P 123 -29.23 120.28 24.74
CA SER P 124 -28.45 116.60 24.09
CA GLU P 125 -25.34 117.66 22.19
CA GLU P 126 -24.16 119.70 25.11
CA LEU P 127 -24.82 116.79 27.46
CA GLN P 128 -22.51 114.74 25.26
CA ALA P 129 -19.86 117.34 25.76
CA ASN P 130 -20.33 116.55 29.45
CA LYS P 131 -21.76 119.97 30.30
CA ALA P 132 -25.27 121.38 31.00
CA THR P 133 -26.74 124.78 30.69
CA LEU P 134 -30.30 125.70 31.54
CA VAL P 135 -31.46 128.98 30.00
CA CYS P 136 -34.17 131.25 31.39
CA LEU P 137 -35.08 134.10 29.09
CA ILE P 138 -37.18 136.99 30.46
CA SER P 139 -38.67 139.60 28.07
CA ASP P 140 -41.04 142.53 27.74
CA PHE P 141 -41.03 143.71 31.34
CA TYR P 142 -41.33 147.13 32.93
CA PRO P 143 -39.88 148.27 35.25
CA GLY P 144 -36.41 146.77 34.80
CA ALA P 145 -36.15 145.13 38.22
CA VAL P 146 -36.45 141.35 38.50
CA THR P 147 -35.40 138.59 40.82
CA VAL P 148 -34.56 135.25 39.30
CA ALA P 149 -34.32 132.09 41.37
CA TRP P 150 -33.49 128.57 40.34
CA LYS P 151 -35.08 125.60 42.02
CA ALA P 152 -34.49 121.84 41.68
CA ASP P 153 -37.37 119.62 42.78
CA GLY P 154 -38.47 121.28 46.01
CA SER P 155 -35.25 123.23 46.60
CA PRO P 156 -33.21 126.34 45.82
CA VAL P 157 -30.27 125.87 43.44
CA LYS P 158 -26.96 126.85 45.08
CA ALA P 159 -24.41 128.00 42.57
CA GLY P 160 -23.73 128.03 38.85
CA VAL P 161 -26.19 130.85 38.14
CA GLU P 162 -25.22 133.75 35.82
CA THR P 163 -27.88 136.49 35.48
CA THR P 164 -27.65 139.53 33.19
CA LYS P 165 -28.61 143.00 34.28
CA PRO P 166 -31.79 144.00 32.52
CA SER P 167 -31.41 146.04 29.40
CA LYS P 168 -33.88 148.29 27.75
CA GLN P 169 -35.18 147.45 24.31
CA SER P 170 -36.37 149.92 21.66
CA ASN P 171 -39.69 148.71 23.03
CA ASN P 172 -39.12 150.76 26.19
CA LYS P 173 -39.41 147.45 27.96
CA TYR P 174 -36.60 145.32 29.38
CA ALA P 175 -34.92 141.96 28.76
CA ALA P 176 -32.74 139.68 30.82
CA SER P 177 -31.24 136.20 30.71
CA SER P 178 -30.25 133.75 33.39
CA TYR P 179 -27.99 130.72 32.92
CA LEU P 180 -27.65 127.78 35.21
CA SER P 181 -24.60 125.63 34.85
CA LEU P 182 -24.62 122.03 35.96
CA THR P 183 -23.21 118.67 35.33
CA PRO P 184 -25.25 116.22 33.30
CA GLU P 185 -25.37 114.13 36.45
CA GLN P 186 -26.84 116.91 38.61
CA TRP P 187 -29.27 117.56 35.78
CA LYS P 188 -30.29 113.96 35.65
CA SER P 189 -30.41 113.40 39.37
CA HIS P 190 -33.55 115.55 39.85
CA ARG P 191 -37.07 115.20 38.52
CA SER P 192 -37.62 118.87 37.77
CA TYR P 193 -35.91 122.21 37.37
CA SER P 194 -37.58 125.62 37.74
CA CYS P 195 -36.82 129.16 36.85
CA GLN P 196 -38.79 131.53 38.99
CA VAL P 197 -39.03 135.23 38.23
CA THR P 198 -40.39 137.77 40.67
CA HIS P 199 -41.41 141.13 39.32
CA GLU P 200 -43.27 143.73 41.33
CA GLY P 201 -44.74 141.25 43.83
CA SER P 202 -45.75 138.83 41.10
CA THR P 203 -43.86 135.46 40.66
CA VAL P 204 -43.90 133.43 37.46
CA GLU P 205 -42.43 129.94 37.35
CA LYS P 206 -41.52 127.74 34.39
CA THR P 207 -40.54 124.06 34.77
CA VAL P 208 -38.45 121.63 32.61
CA ALA P 209 -37.61 117.91 33.15
CA PRO P 210 -35.01 115.58 31.72
CA THR P 211 -38.08 113.90 30.05
CA GLU P 212 -38.58 116.06 27.02
CA CYS P 213 -41.21 118.33 28.59
CA SER P 214 -24.00 110.03 20.64
CA ALA P 215 -24.22 106.43 19.45
CA SER P 216 -22.10 105.07 16.66
CA THR P 217 -23.05 102.49 14.07
CA LYS P 218 -23.36 99.06 15.69
CA GLY P 219 -24.44 95.88 13.89
CA PRO P 220 -26.96 93.70 15.78
CA SER P 221 -26.49 90.59 17.81
CA VAL P 222 -28.93 87.97 16.53
CA PHE P 223 -30.51 85.38 18.86
CA PRO P 224 -33.04 82.72 17.99
CA LEU P 225 -36.26 82.66 20.03
CA ALA P 226 -36.91 78.94 19.98
CA PRO P 227 -40.41 77.46 19.75
CA SER P 228 -41.53 76.20 23.19
CA SER P 229 -42.46 72.56 23.88
CA LYS P 230 -45.15 73.87 26.20
CA SER P 231 -48.36 73.52 24.27
CA THR P 232 -50.87 76.31 23.81
CA SER P 233 -54.65 76.15 23.36
CA GLY P 234 -55.01 76.25 19.57
CA GLY P 235 -53.00 75.47 16.44
CA THR P 236 -50.20 77.83 17.44
CA ALA P 237 -46.48 77.58 17.93
CA ALA P 238 -44.52 80.81 18.10
CA LEU P 239 -40.91 81.18 17.13
CA GLY P 240 -38.79 84.27 16.36
CA CYS P 241 -35.53 86.21 16.31
CA LEU P 242 -34.16 88.78 18.71
CA VAL P 243 -32.27 91.55 16.96
CA LYS P 244 -30.49 93.13 19.76
CA ASP P 245 -28.51 96.39 20.34
CA TYR P 246 -28.09 97.91 16.87
CA PHE P 247 -27.64 101.49 15.56
CA PRO P 248 -29.07 103.06 13.63
CA GLN P 249 -32.49 102.03 12.36
CA PRO P 250 -33.62 100.40 10.34
CA VAL P 251 -33.00 96.67 10.07
CA THR P 252 -34.51 94.29 7.57
CA VAL P 253 -35.75 90.89 8.74
CA SER P 254 -37.25 88.27 6.49
CA TRP P 255 -37.93 84.52 6.97
CA ASN P 256 -36.74 81.62 4.88
CA SER P 257 -35.23 84.16 2.64
CA GLY P 258 -38.55 85.91 2.29
CA ALA P 259 -40.15 82.72 0.99
CA LEU P 260 -42.16 82.87 4.24
CA THR P 261 -44.53 85.72 4.73
CA SER P 262 -47.46 83.92 6.24
CA GLY P 263 -47.88 84.70 9.94
CA VAL P 264 -44.79 86.75 10.40
CA HIS P 265 -45.04 89.65 12.83
CA THR P 266 -42.03 91.97 13.23
CA PHE P 267 -42.53 94.39 16.08
CA PRO P 268 -41.50 97.99 16.37
CA ALA P 269 -38.03 98.29 17.85
CA VAL P 270 -37.36 99.52 21.42
CA LEU P 271 -34.89 102.44 21.88
CA GLN P 272 -33.01 101.47 24.95
CA SER P 273 -31.30 103.76 27.47
CA SER P 274 -28.07 102.78 25.73
CA GLY P 275 -28.97 104.67 22.66
CA LEU P 276 -29.18 101.32 20.89
CA TYR P 277 -32.23 99.56 19.45
CA SER P 278 -33.61 96.06 19.75
CA LEU P 279 -36.48 94.41 17.88
CA SER P 280 -38.28 91.08 17.72
CA SER P 281 -39.75 89.27 14.74
CA VAL P 282 -42.05 86.29 15.36
CA VAL P 283 -43.73 83.66 13.25
CA THR P 284 -46.80 81.92 14.53
CA VAL P 285 -46.89 78.50 12.85
CA PRO P 286 -49.22 75.46 13.22
CA SER P 287 -47.49 73.32 15.77
CA SER P 288 -47.66 70.28 13.46
CA SER P 289 -44.99 71.80 11.18
CA LEU P 290 -42.56 72.59 13.92
CA GLY P 291 -39.93 70.02 13.41
CA THR P 292 -41.34 68.95 10.02
CA GLN P 293 -39.91 72.21 8.59
CA THR P 294 -36.94 74.65 8.84
CA TYR P 295 -37.08 78.30 9.87
CA ILE P 296 -34.26 80.76 9.45
CA CYS P 297 -34.50 84.51 9.93
CA ASN P 298 -32.38 86.61 7.57
CA VAL P 299 -31.22 89.82 9.20
CA ASN P 300 -29.74 92.66 7.21
CA HIS P 301 -28.39 95.78 8.82
CA LYS P 302 -27.40 97.93 5.84
CA PRO P 303 -25.69 100.80 7.80
CA SER P 304 -23.13 98.38 9.27
CA ASN P 305 -23.28 95.88 6.46
CA THR P 306 -24.08 93.17 9.04
CA LYS P 307 -25.89 90.24 7.38
CA VAL P 308 -26.83 87.33 9.65
CA ASP P 309 -28.96 84.22 9.16
CA LYS P 310 -30.10 82.51 12.30
CA ARG P 311 -31.58 78.98 12.15
CA VAL P 312 -32.02 77.43 15.58
CA GLU P 313 -32.59 73.91 16.71
CA PRO P 314 -32.45 71.87 19.94
CA LEU P 315 -41.25 71.94 24.14
CA SER P 316 -39.06 68.86 24.65
CA LEU P 317 -39.53 65.19 24.01
CA PRO P 318 -38.65 61.56 23.49
CA SER P 319 -38.77 58.86 20.85
CA VAL P 320 -40.11 55.39 20.33
CA PHE P 321 -38.55 51.97 19.53
CA LEU P 322 -40.57 48.92 18.29
CA PHE P 323 -39.54 45.47 19.47
CA PRO P 324 -40.45 42.20 17.69
CA PRO P 325 -41.63 38.86 19.23
CA LYS P 326 -39.12 36.24 20.26
CA PRO P 327 -38.56 33.58 17.72
CA LYS P 328 -39.49 30.82 20.11
CA ASP P 329 -42.73 32.59 21.09
CA THR P 330 -43.85 32.66 17.51
CA LEU P 331 -42.76 29.28 16.40
CA MET P 332 -44.68 27.69 19.25
CA ILE P 333 -48.46 28.04 19.46
CA SER P 334 -48.31 27.14 23.17
CA ARG P 335 -46.61 30.43 23.74
CA THR P 336 -47.94 33.96 23.39
CA PRO P 337 -45.92 36.34 21.23
CA GLU P 338 -46.00 40.08 21.69
CA VAL P 339 -44.83 43.32 20.09
CA THR P 340 -43.42 45.83 22.55
CA CYS P 341 -43.55 49.59 22.05
CA VAL P 342 -41.07 51.44 24.24
CA VAL P 343 -41.26 55.21 24.65
CA VAL P 344 -38.28 56.80 26.33
CA ASP P 345 -37.18 60.37 27.29
CA VAL P 346 -40.71 61.22 28.47
CA SER P 347 -40.15 64.52 30.25
CA HIS P 348 -41.92 65.33 33.55
CA GLU P 349 -44.22 68.16 32.63
CA ASP P 350 -45.82 66.22 29.79
CA PRO P 351 -46.16 62.63 31.22
CA GLN P 352 -49.31 61.88 29.15
CA VAL P 353 -48.45 59.12 26.69
CA LYS P 354 -51.08 57.83 24.27
CA PHE P 355 -50.29 54.59 22.48
CA ASN P 356 -52.42 53.87 19.39
CA TRP P 357 -52.17 50.32 17.99
CA TYR P 358 -52.92 49.48 14.37
CA VAL P 359 -52.56 46.01 12.84
CA ASP P 360 -51.41 46.37 9.31
CA GLY P 361 -54.25 48.39 7.91
CA VAL P 362 -56.69 48.32 10.79
CA GLN P 363 -56.54 49.75 14.31
CA VAL P 364 -56.79 46.83 16.72
CA HIS P 365 -57.62 49.63 19.16
CA ASN P 366 -57.64 47.69 22.41
CA ALA P 367 -56.99 44.12 21.24
CA LYS P 368 -55.05 43.48 24.34
CA THR P 369 -52.74 46.51 24.59
CA LYS P 370 -51.30 47.11 28.10
CA PRO P 371 -49.02 50.03 29.18
CA ARG P 372 -47.89 51.50 32.64
CA GLU P 373 -45.69 54.45 33.81
CA GLN P 374 -42.17 54.06 35.27
CA GLN P 375 -40.28 56.97 36.88
CA TYR P 376 -36.63 56.73 35.78
CA ASN P 377 -33.41 58.70 35.33
CA SER P 378 -34.80 62.25 35.65
CA THR P 379 -37.65 61.27 33.35
CA TYR P 380 -40.33 58.70 32.52
CA ARG P 381 -40.49 55.31 30.81
CA VAL P 382 -43.79 54.06 29.43
CA VAL P 383 -44.06 50.77 27.57
CA SER P 384 -47.05 49.22 25.86
CA VAL P 385 -47.26 45.56 24.89
CA LEU P 386 -49.54 44.15 22.18
CA THR P 387 -50.19 40.41 21.72
CA VAL P 388 -49.65 38.89 18.27
CA LEU P 389 -51.27 35.99 16.46
CA HIS P 390 -48.47 33.77 15.17
CA GLN P 391 -50.11 33.46 11.80
CA ASN P 392 -50.21 37.17 11.24
CA TRP P 393 -46.63 37.60 12.23
CA LEU P 394 -45.53 34.81 9.99
CA ASP P 395 -47.65 36.10 7.11
CA GLY P 396 -45.70 39.24 7.32
CA LYS P 397 -48.32 41.76 8.46
CA GLU P 398 -47.17 45.20 9.60
CA TYR P 399 -47.53 46.23 13.24
CA LYS P 400 -47.97 49.94 13.89
CA CYS P 401 -47.46 51.82 17.16
CA LYS P 402 -48.57 55.49 17.20
CA VAL P 403 -47.40 57.42 20.23
CA SER P 404 -48.98 60.62 21.59
CA ASN P 405 -47.70 63.05 24.26
CA LYS P 406 -48.74 66.77 24.32
CA ALA P 407 -45.15 68.07 24.17
CA LEU P 408 -44.34 65.95 21.12
CA PRO P 409 -45.71 68.19 18.37
CA ALA P 410 -46.40 65.53 15.77
CA PRO P 411 -47.37 61.96 16.77
CA ILE P 412 -44.76 59.19 16.44
CA GLU P 413 -45.93 56.47 14.03
CA LYS P 414 -43.47 53.58 14.13
CA THR P 415 -44.08 50.35 12.26
CA ILE P 416 -42.48 46.91 12.41
CA SER P 417 -42.84 43.43 10.79
CA LYS P 418 -40.64 40.49 9.89
CA ALA P 419 -38.73 40.15 6.60
CA LYS P 420 -37.22 40.78 3.08
CA GLY P 421 -36.07 41.55 -0.57
CA GLN P 422 -35.21 38.55 -2.57
CA PRO P 423 -34.41 35.89 0.01
CA ARG P 424 -31.50 33.53 -0.21
CA GLU P 425 -31.76 30.18 1.49
CA PRO P 426 -29.13 29.76 4.26
CA GLN P 427 -26.52 27.03 3.87
CA VAL P 428 -26.30 25.28 7.23
CA TYR P 429 -23.08 23.29 7.66
CA THR P 430 -21.92 21.88 11.00
CA LEU P 431 -18.32 21.51 12.09
CA PRO P 432 -16.86 19.23 14.71
CA PRO P 433 -14.34 20.13 17.42
CA SER P 434 -10.70 20.26 16.46
CA ARG P 435 -8.16 17.69 17.56
CA GLU P 436 -6.13 20.51 18.97
CA GLU P 437 -9.12 21.31 21.12
CA MET P 438 -9.60 17.74 22.36
CA THR P 439 -6.83 18.60 24.81
CA LYS P 440 -9.43 20.63 26.75
CA ASN P 441 -12.07 19.42 29.23
CA GLN P 442 -14.48 21.31 27.02
CA VAL P 443 -14.82 21.29 23.28
CA SER P 444 -16.53 23.55 20.77
CA LEU P 445 -19.22 22.52 18.24
CA THR P 446 -19.93 24.98 15.43
CA CYS P 447 -22.42 25.61 12.69
CA LEU P 448 -21.39 27.88 9.88
CA VAL P 449 -24.55 29.36 8.39
CA LYS P 450 -23.69 31.00 5.07
CA GLY P 451 -25.06 32.57 1.88
CA PHE P 452 -28.43 33.84 3.20
CA TYR P 453 -30.53 36.99 2.77
CA PRO P 454 -31.94 39.10 4.43
CA SER P 455 -29.88 39.17 7.67
CA ASP P 456 -32.91 38.18 9.78
CA ILE P 457 -32.38 34.74 11.08
CA ALA P 458 -32.62 32.59 14.21
CA VAL P 459 -30.02 29.93 15.08
CA GLU P 460 -30.81 27.74 18.14
CA TRP P 461 -29.22 24.57 19.60
CA GLU P 462 -30.50 21.18 20.81
CA SER P 463 -29.08 17.87 22.00
CA ASN P 464 -32.09 15.54 22.17
CA GLY P 465 -35.69 16.45 22.81
CA GLN P 466 -34.20 19.22 24.86
CA PRO P 467 -32.53 22.56 24.22
CA GLU P 468 -29.06 23.64 25.32
CA ASN P 469 -27.48 26.54 27.19
CA ASN P 470 -23.87 26.86 26.30
CA TYR P 471 -24.09 28.33 22.85
CA LYS P 472 -23.10 31.80 21.56
CA THR P 473 -23.85 32.98 18.04
CA THR P 474 -22.10 35.85 16.21
CA PRO P 475 -23.91 38.74 14.46
CA PRO P 476 -24.66 38.46 10.73
CA VAL P 477 -21.65 39.61 8.77
CA LEU P 478 -22.03 40.85 5.21
CA ASP P 479 -20.12 38.55 2.94
CA SER P 480 -18.77 39.08 -0.54
CA ASP P 481 -21.82 37.61 -2.41
CA GLY P 482 -23.86 40.43 -1.03
CA SER P 483 -25.26 37.66 1.08
CA PHE P 484 -24.68 36.96 4.80
CA PHE P 485 -22.86 34.66 7.13
CA LEU P 486 -22.80 33.93 10.83
CA TYR P 487 -21.23 31.23 12.92
CA SER P 488 -22.71 29.71 16.06
CA LYS P 489 -20.54 28.04 18.69
CA LEU P 490 -21.86 25.49 21.19
CA THR P 491 -19.58 24.47 24.10
CA VAL P 492 -19.98 21.06 25.70
CA ASP P 493 -18.01 18.67 27.91
CA LYS P 494 -15.33 16.60 26.16
CA SER P 495 -17.07 13.70 27.86
CA ARG P 496 -20.58 14.21 26.40
CA TRP P 497 -19.13 14.59 22.95
CA GLN P 498 -17.14 11.44 23.51
CA GLN P 499 -19.97 9.34 24.84
CA GLY P 500 -21.33 9.84 21.36
CA ASN P 501 -24.27 12.24 21.73
CA VAL P 502 -26.06 13.94 18.86
CA PHE P 503 -26.15 17.77 18.81
CA SER P 504 -28.38 19.81 16.50
CA CYS P 505 -28.07 23.20 14.89
CA SER P 506 -31.53 24.56 14.03
CA VAL P 507 -31.68 27.55 11.68
CA MET P 508 -34.98 29.40 11.16
CA HIS P 509 -35.10 31.65 8.09
CA GLU P 510 -37.72 33.17 5.72
CA ALA P 511 -36.46 31.23 2.69
CA LEU P 512 -36.37 27.69 4.12
CA HIS P 513 -38.94 24.99 3.30
CA ASN P 514 -40.84 25.10 6.50
CA HIS P 515 -39.08 28.15 7.88
CA TYR P 516 -36.86 25.61 9.51
CA THR P 517 -33.87 23.45 8.84
CA GLN P 518 -31.74 21.46 11.21
CA LYS P 519 -28.20 20.11 10.68
CA SER P 520 -26.77 17.52 13.10
CA LEU P 521 -23.51 16.43 14.70
CA SER P 522 -22.47 13.30 16.60
CA LEU P 523 -19.16 11.65 17.32
CA GLU Q 1 -167.13 44.67 -10.61
CA VAL Q 2 -165.46 46.32 -7.65
CA GLN Q 3 -161.74 45.55 -7.57
CA LEU Q 4 -159.36 46.54 -4.70
CA VAL Q 5 -155.59 45.95 -5.22
CA GLN Q 6 -153.15 46.50 -2.30
CA SER Q 7 -149.51 47.38 -2.84
CA GLY Q 8 -146.42 48.49 -0.94
CA GLY Q 9 -145.83 45.70 1.52
CA GLY Q 10 -142.35 44.69 2.60
CA VAL Q 11 -139.83 43.50 5.16
CA VAL Q 12 -138.45 46.13 7.52
CA GLN Q 13 -136.71 46.44 10.85
CA PRO Q 14 -138.28 48.01 13.99
CA GLY Q 15 -138.74 51.76 13.96
CA ARG Q 16 -138.78 52.03 10.17
CA SER Q 17 -141.58 53.06 7.78
CA LEU Q 18 -143.77 51.81 4.96
CA ARG Q 19 -146.58 53.16 2.84
CA LEU Q 20 -149.37 50.99 1.54
CA SER Q 21 -151.64 51.86 -1.33
CA CYS Q 22 -154.99 50.47 -2.45
CA SER Q 23 -156.05 51.20 -5.95
CA SER Q 24 -159.66 50.76 -6.91
CA SER Q 25 -162.00 50.39 -9.92
CA GLY Q 26 -165.63 49.37 -10.70
CA PHE Q 27 -167.31 51.96 -8.40
CA ILE Q 28 -167.61 55.67 -7.55
CA PHE Q 29 -164.77 55.68 -5.10
CA SER Q 30 -165.56 59.03 -3.49
CA SER Q 31 -168.93 57.75 -2.24
CA TYR Q 32 -167.80 55.13 0.19
CA ALA Q 33 -165.85 54.88 3.42
CA MET Q 34 -162.70 52.72 3.10
CA TYR Q 35 -161.03 50.38 5.61
CA TRP Q 36 -157.64 48.92 6.43
CA VAL Q 37 -157.72 45.52 8.20
CA ARG Q 38 -154.78 43.30 9.03
CA GLN Q 39 -154.08 39.67 9.87
CA ALA Q 40 -151.06 38.50 11.87
CA PRO Q 41 -149.89 35.03 10.97
CA GLY Q 42 -151.93 32.47 12.82
CA LYS Q 43 -154.22 35.10 14.27
CA GLY Q 44 -157.61 36.66 13.48
CA LEU Q 45 -158.78 39.77 11.59
CA GLU Q 46 -157.88 43.06 13.31
CA TRP Q 47 -159.38 46.38 12.09
CA VAL Q 48 -156.78 49.15 11.61
CA ALA Q 49 -158.56 52.25 10.34
CA ILE Q 50 -161.51 53.81 8.54
CA ILE Q 51 -161.76 57.01 6.52
CA TRP Q 52 -164.96 58.79 5.47
CA ASP Q 53 -166.00 59.21 1.84
CA ASP Q 54 -164.72 62.83 1.72
CA GLY Q 55 -161.83 62.16 4.13
CA SER Q 56 -163.29 64.61 6.61
CA ASP Q 57 -162.65 62.25 9.46
CA GLN Q 58 -160.64 59.12 10.17
CA HIS Q 59 -160.63 56.62 13.08
CA TYR Q 60 -157.90 54.25 14.24
CA ALA Q 61 -157.36 51.12 16.35
CA ASP Q 62 -155.78 52.01 19.72
CA SER Q 63 -152.61 49.98 18.90
CA VAL Q 64 -151.86 52.12 15.89
CA LYS Q 65 -153.02 55.59 16.73
CA GLY Q 66 -150.35 58.15 16.06
CA ARG Q 67 -148.04 55.81 14.12
CA PHE Q 68 -150.40 55.15 11.21
CA THR Q 69 -152.15 57.67 8.93
CA ILE Q 70 -155.05 56.80 6.62
CA SER Q 71 -155.69 59.14 3.76
CA ARG Q 72 -157.23 59.02 0.31
CA ASN Q 73 -157.12 60.59 -3.08
CA ASP Q 74 -160.62 60.60 -4.59
CA SER Q 75 -159.10 62.07 -7.68
CA LYS Q 76 -157.00 59.01 -8.27
CA ASN Q 77 -159.40 56.51 -6.59
CA THR Q 78 -156.57 55.43 -4.16
CA LEU Q 79 -156.38 54.74 -0.46
CA PHE Q 80 -153.10 55.10 1.50
CA LEU Q 81 -151.72 53.79 4.76
CA GLN Q 82 -148.59 55.60 6.06
CA MET Q 83 -147.05 53.35 8.64
CA ASP Q 84 -144.45 54.98 10.86
CA SER Q 85 -142.28 53.62 13.71
CA LEU Q 86 -143.27 50.08 12.88
CA ARG Q 87 -143.21 47.37 15.56
CA PRO Q 88 -142.80 43.58 15.23
CA GLU Q 89 -146.40 43.22 16.37
CA ASP Q 90 -147.44 45.01 13.22
CA THR Q 91 -146.45 42.03 11.12
CA GLY Q 92 -149.41 40.80 9.08
CA VAL Q 93 -151.29 40.74 5.80
CA TYR Q 94 -152.93 44.12 5.15
CA PHE Q 95 -156.29 44.31 3.40
CA CYS Q 96 -158.19 47.29 2.21
CA ALA Q 97 -161.95 47.05 2.06
CA ARG Q 98 -164.91 49.14 0.95
CA ASP Q 99 -167.62 50.15 3.43
CA GLY Q 100 -170.88 49.12 1.83
CA GLY Q 101 -172.99 51.96 3.22
CA SER Q 102 -170.54 51.86 6.27
CA SER Q 103 -168.27 51.60 9.33
CA ALA Q 104 -166.93 48.49 7.62
CA PRO Q 105 -166.70 45.90 4.85
CA ASP Q 106 -168.35 44.57 1.75
CA TYR Q 107 -165.71 44.02 -0.82
CA TRP Q 108 -162.10 43.23 0.13
CA GLY Q 109 -158.73 43.35 -1.64
CA GLN Q 110 -156.21 40.50 -1.85
CA GLY Q 111 -153.78 41.61 0.88
CA THR Q 112 -150.23 42.91 0.98
CA PRO Q 113 -147.84 41.30 3.54
CA VAL Q 114 -145.87 43.32 6.07
CA THR Q 115 -142.99 41.80 8.04
CA VAL Q 116 -141.33 43.76 10.85
CA SER Q 117 -138.47 41.89 12.49
CA SER Q 118 -135.31 42.44 14.49
CA ALA Q 119 -133.62 40.04 12.09
CA SER Q 120 -131.64 41.20 9.12
CA THR Q 121 -131.36 39.54 5.73
CA LYS Q 122 -129.34 36.34 6.00
CA GLY Q 123 -128.69 33.92 3.14
CA PRO Q 124 -129.10 30.20 3.98
CA SER Q 125 -126.59 27.56 4.78
CA VAL Q 126 -127.24 24.58 2.53
CA PHE Q 127 -126.60 20.98 3.70
CA PRO Q 128 -127.23 17.79 1.80
CA LEU Q 129 -129.41 15.16 3.52
CA ALA Q 130 -127.80 12.06 2.10
CA PRO Q 131 -129.79 8.95 1.18
CA SER Q 132 -129.36 6.27 3.87
CA SER Q 133 -127.88 2.80 3.17
CA LYS Q 134 -130.37 1.42 5.65
CA SER Q 135 -133.07 -0.15 3.56
CA THR Q 136 -136.76 0.53 3.99
CA SER Q 137 -139.76 -1.71 3.31
CA GLY Q 138 -140.78 -0.65 -0.21
CA GLY Q 139 -139.26 0.97 -3.31
CA THR Q 140 -138.21 4.06 -1.37
CA ALA Q 141 -135.02 5.96 -0.80
CA ALA Q 142 -135.28 9.45 0.61
CA LEU Q 143 -132.79 12.20 0.03
CA GLY Q 144 -133.01 15.99 0.52
CA CYS Q 145 -131.54 19.38 1.35
CA LEU Q 146 -131.51 21.34 4.58
CA VAL Q 147 -131.90 25.07 4.03
CA LYS Q 148 -130.90 26.42 7.30
CA ASP Q 149 -131.09 29.81 9.11
CA TYR Q 150 -132.25 32.28 6.43
CA PHE Q 151 -134.18 35.59 6.51
CA PRO Q 152 -136.57 36.49 5.20
CA GLN Q 153 -138.92 34.09 3.46
CA PRO Q 154 -139.24 32.85 0.94
CA VAL Q 155 -136.64 30.56 -0.61
CA THR Q 156 -136.91 28.69 -3.87
CA VAL Q 157 -135.73 25.08 -4.06
CA SER Q 158 -135.82 22.98 -7.17
CA TRP Q 159 -134.11 19.65 -8.09
CA ASN Q 160 -131.85 18.90 -11.02
CA SER Q 161 -132.51 22.37 -12.12
CA GLY Q 162 -136.22 21.77 -12.00
CA ALA Q 163 -135.89 18.88 -14.43
CA LEU Q 164 -137.01 16.76 -11.45
CA THR Q 165 -140.45 17.27 -10.12
CA SER Q 166 -141.50 13.72 -9.50
CA GLY Q 167 -141.64 12.87 -5.79
CA VAL Q 168 -140.27 16.10 -4.47
CA HIS Q 169 -141.72 17.31 -1.19
CA THR Q 170 -140.58 20.70 0.18
CA PHE Q 171 -141.89 21.27 3.68
CA PRO Q 172 -143.09 24.44 5.28
CA ALA Q 173 -140.23 26.27 6.96
CA VAL Q 174 -139.76 26.46 10.77
CA LEU Q 175 -139.42 29.94 12.37
CA GLN Q 176 -136.81 29.39 14.98
CA SER Q 177 -136.35 31.30 18.24
CA SER Q 178 -133.49 33.08 16.43
CA GLY Q 179 -135.84 34.90 14.21
CA LEU Q 180 -134.38 32.86 11.35
CA TYR Q 181 -136.05 30.20 9.21
CA SER Q 182 -135.09 26.69 8.17
CA LEU Q 183 -136.74 24.35 5.69
CA SER Q 184 -136.29 20.87 4.26
CA SER Q 185 -136.95 19.60 0.76
CA VAL Q 186 -136.95 15.83 0.14
CA VAL Q 187 -137.15 13.55 -2.85
CA THR Q 188 -138.38 10.03 -2.44
CA VAL Q 189 -136.76 7.99 -5.23
CA PRO Q 190 -136.80 4.24 -6.10
CA SER Q 191 -133.73 2.91 -4.39
CA SER Q 192 -132.53 1.28 -7.64
CA SER Q 193 -131.68 4.73 -9.09
CA LEU Q 194 -129.72 5.91 -6.11
CA GLY Q 195 -126.22 5.75 -7.37
CA THR Q 196 -127.31 5.21 -10.99
CA GLN Q 197 -128.31 8.90 -11.07
CA THR Q 198 -127.30 12.40 -9.82
CA TYR Q 199 -129.34 14.67 -7.56
CA ILE Q 200 -128.58 18.31 -6.93
CA CYS Q 201 -130.85 20.75 -5.16
CA ASN Q 202 -130.78 24.33 -6.50
CA VAL Q 203 -131.42 26.87 -3.77
CA ASN Q 204 -132.23 30.48 -4.54
CA HIS Q 205 -132.66 33.07 -1.85
CA LYS Q 206 -133.64 36.18 -3.81
CA PRO Q 207 -133.59 38.70 -0.86
CA SER Q 208 -129.89 37.99 -0.22
CA ASN Q 209 -129.07 36.96 -3.74
CA THR Q 210 -127.68 33.67 -2.34
CA LYS Q 211 -127.73 30.95 -5.02
CA VAL Q 212 -126.40 27.54 -4.00
CA ASP Q 213 -126.40 24.12 -5.68
CA LYS Q 214 -125.76 21.19 -3.41
CA ARG Q 215 -124.94 17.75 -4.90
CA VAL Q 216 -124.43 14.20 -3.88
CA GLU Q 217 -124.29 10.48 -3.10
CA PRO Q 218 -123.88 7.08 -1.24
CA GLU R 1 -172.81 -46.17 -3.96
CA VAL R 2 -170.36 -48.03 -6.15
CA GLN R 3 -166.81 -47.65 -4.84
CA LEU R 4 -163.67 -48.92 -6.66
CA VAL R 5 -160.30 -48.71 -4.80
CA GLN R 6 -157.03 -49.55 -6.63
CA SER R 7 -153.95 -50.79 -4.82
CA GLY R 8 -150.50 -52.25 -5.49
CA GLY R 9 -148.77 -49.55 -7.50
CA GLY R 10 -145.07 -48.93 -7.21
CA VAL R 11 -141.67 -48.03 -8.64
CA VAL R 12 -139.79 -50.83 -10.40
CA GLN R 13 -137.01 -51.36 -12.88
CA PRO R 14 -137.46 -52.81 -16.40
CA GLY R 15 -138.27 -56.48 -16.64
CA ARG R 16 -139.73 -56.69 -13.12
CA SER R 17 -143.31 -57.40 -11.95
CA LEU R 18 -146.23 -55.89 -10.11
CA ARG R 19 -149.74 -56.91 -9.18
CA LEU R 20 -152.59 -54.45 -8.94
CA SER R 21 -155.83 -55.04 -7.12
CA CYS R 22 -159.18 -53.30 -7.28
CA SER R 23 -161.51 -53.88 -4.41
CA SER R 24 -165.17 -53.05 -4.83
CA SER R 25 -168.40 -52.39 -2.87
CA GLY R 26 -171.94 -51.01 -3.45
CA PHE R 27 -172.91 -53.43 -6.27
CA ILE R 28 -173.26 -57.11 -7.25
CA PHE R 29 -169.73 -57.44 -8.50
CA SER R 30 -170.21 -60.71 -10.37
CA SER R 31 -172.75 -59.11 -12.73
CA TYR R 32 -170.54 -56.66 -14.51
CA ALA R 33 -167.54 -56.65 -16.80
CA MET R 34 -164.52 -54.83 -15.30
CA TYR R 35 -161.81 -52.71 -16.96
CA TRP R 36 -158.24 -51.61 -16.46
CA VAL R 37 -157.32 -48.24 -18.06
CA ARG R 38 -154.07 -46.35 -17.69
CA GLN R 39 -152.75 -42.82 -18.13
CA ALA R 40 -149.10 -41.99 -18.85
CA PRO R 41 -148.00 -38.65 -17.50
CA GLY R 42 -148.96 -35.92 -19.91
CA LYS R 43 -150.83 -38.33 -22.16
CA GLY R 44 -154.40 -39.51 -22.71
CA LEU R 45 -156.48 -42.46 -21.45
CA GLU R 46 -155.35 -45.85 -22.80
CA TRP R 47 -157.52 -48.98 -22.28
CA VAL R 48 -155.56 -52.00 -20.97
CA ALA R 49 -158.00 -54.88 -20.51
CA ILE R 50 -161.54 -56.11 -19.96
CA ILE R 51 -162.82 -59.23 -18.23
CA TRP R 52 -166.36 -60.66 -18.48
CA ASP R 53 -168.69 -60.93 -15.50
CA ASP R 54 -167.91 -64.65 -15.00
CA GLY R 55 -164.29 -64.32 -16.17
CA SER R 56 -164.97 -66.64 -19.08
CA ASP R 57 -163.10 -64.39 -21.43
CA GLN R 58 -160.67 -61.50 -21.28
CA HIS R 59 -159.35 -59.05 -23.92
CA TYR R 60 -156.16 -56.99 -23.96
CA ALA R 61 -154.57 -53.96 -25.64
CA ASP R 62 -151.97 -55.06 -28.22
CA SER R 63 -149.13 -53.35 -26.25
CA VAL R 64 -149.76 -55.51 -23.22
CA LYS R 65 -150.87 -58.85 -24.52
CA GLY R 66 -148.90 -61.67 -22.99
CA ARG R 67 -147.23 -59.56 -20.29
CA PHE R 68 -150.43 -58.62 -18.41
CA THR R 69 -153.13 -60.91 -16.99
CA ILE R 70 -156.56 -59.72 -15.89
CA SER R 71 -158.44 -61.94 -13.52
CA ARG R 72 -161.12 -61.61 -10.87
CA ASN R 73 -162.41 -63.14 -7.70
CA ASP R 74 -166.21 -62.77 -7.57
CA SER R 75 -166.07 -64.35 -4.18
CA LYS R 76 -164.03 -61.51 -2.79
CA ASN R 77 -165.39 -58.80 -5.17
CA THR R 78 -161.77 -58.05 -6.37
CA LEU R 79 -160.17 -57.44 -9.72
CA PHE R 80 -156.46 -58.15 -10.36
CA LEU R 81 -153.86 -57.04 -12.87
CA GLN R 82 -150.67 -59.17 -12.98
CA MET R 83 -148.07 -57.13 -14.76
CA ASP R 84 -145.02 -59.06 -15.92
CA SER R 85 -141.83 -57.96 -17.74
CA LEU R 86 -142.70 -54.34 -17.23
CA ARG R 87 -141.40 -51.68 -19.65
CA PRO R 88 -140.75 -47.95 -19.10
CA GLU R 89 -143.62 -47.23 -21.46
CA ASP R 90 -145.92 -48.87 -18.96
CA THR R 91 -145.46 -45.97 -16.57
CA GLY R 92 -148.83 -44.42 -15.71
CA VAL R 93 -151.76 -44.12 -13.35
CA TYR R 94 -153.86 -47.30 -13.43
CA PHE R 95 -157.63 -47.12 -13.03
CA CYS R 96 -160.12 -49.88 -12.69
CA ALA R 97 -163.63 -49.25 -13.93
CA ARG R 98 -166.99 -51.00 -14.02
CA ASP R 99 -168.69 -51.77 -17.34
CA GLY R 100 -172.19 -50.39 -17.00
CA GLY R 101 -173.93 -53.01 -19.14
CA SER R 102 -172.21 -52.60 -22.33
CA SER R 103 -169.55 -50.65 -24.22
CA ALA R 104 -168.80 -49.08 -20.84
CA PRO R 105 -166.90 -47.66 -18.23
CA ASP R 106 -169.42 -46.12 -15.90
CA TYR R 107 -167.86 -45.81 -12.53
CA TRP R 108 -164.10 -45.41 -12.07
CA GLY R 109 -161.63 -45.85 -9.21
CA GLN R 110 -159.09 -43.28 -8.03
CA GLY R 111 -155.95 -44.65 -9.70
CA THR R 112 -152.77 -46.32 -8.53
CA PRO R 113 -149.45 -44.99 -9.99
CA VAL R 114 -146.91 -47.24 -11.68
CA THR R 115 -143.38 -46.05 -12.43
CA VAL R 116 -141.01 -48.21 -14.50
CA SER R 117 -137.57 -46.67 -14.92
CA SER R 118 -133.98 -47.57 -15.66
CA ALA R 119 -133.05 -45.32 -12.73
CA SER R 120 -132.41 -46.64 -9.27
CA THR R 121 -133.22 -44.99 -5.98
CA LYS R 122 -130.94 -42.01 -5.41
CA GLY R 123 -131.13 -39.63 -2.45
CA PRO R 124 -130.84 -35.89 -3.29
CA SER R 125 -127.95 -33.53 -3.06
CA VAL R 126 -129.08 -30.47 -1.12
CA PHE R 127 -127.70 -26.99 -1.88
CA PRO R 128 -128.66 -23.71 -0.28
CA LEU R 129 -129.79 -20.90 -2.60
CA ALA R 130 -128.49 -17.96 -0.62
CA PRO R 131 -130.35 -14.64 -0.41
CA SER R 132 -128.70 -12.07 -2.68
CA SER R 133 -127.24 -8.76 -1.41
CA LYS R 134 -128.50 -7.16 -4.59
CA SER R 135 -131.60 -5.30 -3.60
CA THR R 136 -134.93 -5.60 -5.35
CA SER R 137 -137.73 -3.05 -5.76
CA GLY R 138 -140.06 -3.95 -2.89
CA GLY R 139 -139.95 -5.67 0.51
CA THR R 140 -138.59 -8.89 -0.99
CA ALA R 141 -135.62 -11.12 -0.39
CA ALA R 142 -135.70 -14.57 -1.90
CA LEU R 143 -133.88 -17.56 -0.52
CA GLY R 144 -134.29 -21.30 -1.15
CA CYS R 145 -132.97 -24.85 -1.47
CA LEU R 146 -131.95 -26.84 -4.50
CA VAL R 147 -132.89 -30.50 -4.23
CA LYS R 148 -130.91 -31.98 -6.94
CA ASP R 149 -130.77 -35.36 -8.78
CA TYR R 150 -133.07 -37.67 -6.78
CA PHE R 151 -135.15 -40.77 -7.64
CA PRO R 152 -137.93 -41.40 -7.32
CA GLN R 153 -140.51 -38.75 -6.49
CA PRO R 154 -141.60 -37.44 -4.23
CA VAL R 155 -139.53 -35.41 -1.78
CA THR R 156 -140.78 -33.48 1.21
CA VAL R 157 -139.39 -30.01 1.89
CA SER R 158 -140.40 -27.87 4.82
CA TRP R 159 -138.82 -24.72 6.39
CA ASN R 160 -137.72 -24.17 9.94
CA SER R 161 -139.09 -27.54 10.64
CA GLY R 162 -142.42 -26.56 9.19
CA ALA R 163 -142.71 -23.69 11.65
CA LEU R 164 -142.44 -21.50 8.52
CA THR R 165 -145.19 -21.68 6.00
CA SER R 166 -145.57 -18.04 5.13
CA GLY R 167 -144.27 -17.23 1.66
CA VAL R 168 -142.84 -20.61 0.84
CA HIS R 169 -143.11 -21.70 -2.77
CA THR R 170 -141.89 -25.21 -3.71
CA PHE R 171 -141.88 -25.68 -7.46
CA PRO R 172 -142.71 -28.74 -9.47
CA ALA R 173 -139.65 -30.88 -10.03
CA VAL R 174 -137.85 -31.17 -13.41
CA LEU R 175 -137.29 -34.70 -14.86
CA GLN R 176 -133.87 -34.45 -16.32
CA SER R 177 -132.44 -36.45 -19.23
CA SER R 178 -130.63 -38.47 -16.56
CA GLY R 179 -133.80 -40.01 -15.38
CA LEU R 180 -133.29 -38.09 -12.14
CA TYR R 181 -135.36 -35.24 -10.69
CA SER R 182 -134.48 -31.85 -9.29
CA LEU R 183 -136.70 -29.31 -7.52
CA SER R 184 -136.46 -25.88 -5.94
CA SER R 185 -138.20 -24.49 -2.89
CA VAL R 186 -138.07 -20.74 -2.22
CA VAL R 187 -139.10 -18.42 0.55
CA THR R 188 -139.73 -14.79 -0.19
CA VAL R 189 -139.06 -12.90 3.04
CA PRO R 190 -139.04 -9.15 3.92
CA SER R 191 -135.44 -8.15 3.49
CA SER R 192 -135.35 -6.63 6.99
CA SER R 193 -135.43 -10.12 8.56
CA LEU R 194 -132.65 -11.54 6.48
CA GLY R 195 -129.86 -11.73 8.93
CA THR R 196 -132.14 -11.01 11.91
CA GLN R 197 -133.46 -14.59 11.54
CA THR R 198 -132.42 -18.18 10.64
CA TYR R 199 -133.71 -20.27 7.76
CA ILE R 200 -133.15 -23.97 7.35
CA CYS R 201 -134.84 -26.21 4.81
CA ASN R 202 -135.63 -29.74 6.00
CA VAL R 203 -135.48 -32.24 3.16
CA ASN R 204 -136.88 -35.73 3.49
CA HIS R 205 -136.55 -38.30 0.76
CA LYS R 206 -138.49 -41.27 2.14
CA PRO R 207 -137.61 -43.82 -0.63
CA SER R 208 -133.89 -43.50 0.13
CA ASN R 209 -134.31 -42.52 3.74
CA THR R 210 -132.19 -39.41 3.02
CA LYS R 211 -132.94 -36.66 5.57
CA VAL R 212 -130.99 -33.41 5.19
CA ASP R 213 -131.26 -29.99 6.83
CA LYS R 214 -129.55 -27.18 5.03
CA ARG R 215 -128.98 -23.81 6.80
CA VAL R 216 -127.88 -20.60 5.72
CA GLU R 217 -127.23 -16.86 5.29
CA PRO R 218 -126.00 -13.50 3.63
CA GLU S 1 -156.94 -50.15 -35.20
CA SER S 2 -155.84 -48.12 -32.26
CA VAL S 3 -157.20 -44.57 -31.73
CA LEU S 4 -160.19 -42.23 -32.02
CA THR S 5 -159.21 -38.78 -33.28
CA GLN S 6 -160.08 -35.60 -31.38
CA PRO S 7 -158.91 -32.01 -31.90
CA PRO S 8 -156.23 -31.26 -29.22
CA SER S 9 -158.02 -28.14 -28.13
CA ALA S 10 -161.28 -26.28 -28.24
CA SER S 11 -161.86 -22.80 -26.89
CA GLY S 12 -164.39 -20.09 -26.48
CA THR S 13 -165.66 -17.29 -24.30
CA PRO S 14 -168.04 -17.99 -21.39
CA GLY S 15 -171.59 -18.56 -22.62
CA GLN S 16 -170.61 -19.51 -26.16
CA ARG S 17 -171.44 -22.83 -27.71
CA VAL S 18 -168.37 -25.03 -27.96
CA THR S 19 -168.41 -28.43 -29.62
CA ILE S 20 -165.81 -31.21 -29.74
CA SER S 21 -165.52 -33.71 -32.57
CA CYS S 22 -164.35 -37.38 -32.48
CA THR S 23 -163.52 -39.09 -35.72
CA GLY S 24 -163.44 -42.86 -35.95
CA THR S 25 -163.85 -45.75 -38.41
CA SER S 26 -166.50 -48.23 -39.51
CA SER S 27 -169.68 -48.61 -40.44
CA GLY S 28 -169.56 -46.82 -37.22
CA SER S 29 -170.48 -50.02 -35.39
CA ILE S 30 -170.94 -49.22 -31.73
CA THR S 31 -172.19 -46.43 -29.37
CA VAL S 32 -169.99 -43.56 -28.11
CA ASN S 33 -169.35 -42.36 -24.54
CA TRP S 34 -167.81 -39.05 -23.46
CA TYR S 35 -165.69 -38.53 -20.34
CA GLN S 36 -164.63 -35.40 -18.58
CA GLN S 37 -161.29 -35.59 -16.81
CA LEU S 38 -158.83 -33.52 -14.85
CA PRO S 39 -155.39 -34.98 -15.76
CA GLY S 40 -154.24 -37.97 -13.68
CA MET S 41 -157.49 -37.89 -11.73
CA ALA S 42 -160.48 -40.19 -12.19
CA PRO S 43 -162.61 -39.42 -15.22
CA LYS S 44 -166.35 -39.06 -14.97
CA LEU S 45 -168.96 -40.31 -17.49
CA LEU S 46 -170.71 -37.32 -19.12
CA ILE S 47 -172.52 -38.98 -22.02
CA TYR S 48 -173.31 -42.68 -22.63
CA ARG S 49 -174.72 -44.49 -25.62
CA ASP S 50 -174.21 -41.55 -28.05
CA ALA S 51 -176.64 -39.13 -26.50
CA MET S 52 -177.71 -40.15 -23.03
CA ARG S 53 -176.81 -38.28 -19.87
CA PRO S 54 -176.35 -39.66 -16.35
CA SER S 55 -178.20 -37.86 -13.59
CA GLY S 56 -176.16 -35.02 -12.15
CA VAL S 57 -174.77 -34.05 -15.53
CA PRO S 58 -175.93 -30.58 -16.61
CA THR S 59 -178.44 -30.13 -19.41
CA ARG S 60 -175.94 -28.06 -21.40
CA PHE S 61 -174.05 -31.18 -22.42
CA SER S 62 -175.40 -33.00 -25.44
CA GLY S 63 -174.11 -35.79 -27.62
CA SER S 64 -174.52 -36.68 -31.23
CA LYS S 65 -173.41 -39.48 -33.56
CA SER S 66 -173.57 -40.18 -37.28
CA GLY S 67 -171.68 -42.63 -39.42
CA THR S 68 -168.18 -42.90 -38.12
CA SER S 69 -168.21 -39.54 -36.39
CA ALA S 70 -169.50 -38.21 -33.10
CA SER S 71 -169.55 -34.95 -31.27
CA LEU S 72 -169.95 -33.43 -27.82
CA ALA S 73 -171.78 -30.04 -27.49
CA ILE S 74 -171.30 -27.66 -24.57
CA SER S 75 -174.07 -25.21 -24.83
CA GLY S 76 -173.02 -22.21 -22.87
CA LEU S 77 -169.41 -22.63 -21.82
CA GLU S 78 -168.66 -22.03 -18.15
CA ALA S 79 -165.53 -21.73 -16.07
CA GLU S 80 -166.09 -25.24 -14.69
CA ASP S 81 -165.84 -26.66 -18.17
CA GLU S 82 -162.12 -26.18 -18.39
CA SER S 83 -160.99 -29.78 -18.48
CA ASP S 84 -159.98 -32.67 -20.72
CA TYR S 85 -162.65 -34.53 -22.68
CA TYR S 86 -162.39 -38.04 -24.14
CA CYS S 87 -164.76 -39.91 -26.44
CA ALA S 88 -164.76 -43.72 -26.37
CA SER S 89 -166.13 -46.79 -28.18
CA TRP S 90 -165.76 -50.52 -28.59
CA ASN S 91 -164.15 -51.73 -31.76
CA SER S 92 -165.73 -54.84 -33.27
CA SER S 93 -162.84 -56.13 -35.37
CA ASP S 94 -160.16 -55.53 -32.76
CA ASN S 95 -162.19 -56.56 -29.77
CA SER S 96 -160.93 -53.55 -27.88
CA TYR S 97 -162.25 -50.53 -26.06
CA VAL S 98 -160.82 -47.47 -27.76
CA PHE S 99 -160.26 -43.98 -26.29
CA GLY S 100 -160.10 -40.76 -28.20
CA THR S 101 -156.78 -38.81 -28.18
CA GLY S 102 -158.59 -36.18 -26.15
CA THR S 103 -159.39 -32.46 -26.11
CA LYS S 104 -158.48 -29.68 -23.77
CA VAL S 105 -160.95 -26.82 -23.38
CA THR S 106 -159.98 -23.33 -22.36
CA VAL S 107 -162.45 -20.67 -21.23
CA LEU S 108 -161.16 -17.71 -23.10
CA GLY S 109 -160.24 -14.41 -21.64
CA GLN S 110 -158.83 -14.29 -18.14
CA PRO S 111 -156.44 -11.43 -17.52
CA LYS S 112 -152.91 -11.85 -18.69
CA ALA S 113 -150.53 -11.98 -15.71
CA ASN S 114 -146.82 -11.03 -16.10
CA PRO S 115 -144.29 -13.47 -14.65
CA THR S 116 -142.09 -13.03 -11.55
CA VAL S 117 -138.52 -14.03 -12.39
CA THR S 118 -136.19 -15.15 -9.62
CA LEU S 119 -132.61 -16.08 -10.50
CA PHE S 120 -130.01 -17.97 -8.35
CA PRO S 121 -126.33 -18.42 -9.22
CA PRO S 122 -124.42 -21.59 -8.24
CA SER S 123 -123.91 -22.38 -4.61
CA SER S 124 -120.33 -22.29 -3.26
CA GLU S 125 -120.84 -25.80 -1.92
CA GLU S 126 -121.90 -27.04 -5.30
CA LEU S 127 -118.92 -25.33 -6.90
CA GLN S 128 -116.74 -27.34 -4.53
CA ALA S 129 -118.38 -30.48 -5.82
CA ASN S 130 -117.10 -29.28 -9.20
CA LYS S 131 -120.56 -28.65 -10.63
CA ALA S 132 -122.73 -25.54 -11.28
CA THR S 133 -126.41 -25.03 -11.57
CA LEU S 134 -128.10 -21.73 -12.28
CA VAL S 135 -131.80 -21.67 -11.37
CA CYS S 136 -134.42 -19.44 -12.96
CA LEU S 137 -137.79 -19.62 -11.25
CA ILE S 138 -140.84 -18.14 -13.01
CA SER S 139 -144.15 -17.70 -11.10
CA ASP S 140 -147.63 -16.22 -11.18
CA PHE S 141 -148.09 -16.00 -14.94
CA TYR S 142 -151.11 -16.35 -17.19
CA PRO S 143 -151.37 -17.69 -19.83
CA GLY S 144 -149.08 -20.70 -19.38
CA ALA S 145 -146.85 -20.05 -22.38
CA VAL S 146 -143.31 -18.76 -21.82
CA THR S 147 -140.00 -18.75 -23.58
CA VAL S 148 -136.89 -18.94 -21.47
CA ALA S 149 -133.46 -18.07 -22.83
CA TRP S 150 -130.10 -18.13 -21.16
CA LYS S 151 -127.42 -15.63 -22.02
CA ALA S 152 -123.78 -15.30 -20.94
CA ASP S 153 -122.27 -11.83 -21.29
CA GLY S 154 -123.54 -10.73 -24.68
CA SER S 155 -124.39 -14.21 -25.96
CA PRO S 156 -126.92 -17.05 -26.05
CA VAL S 157 -126.09 -20.10 -23.90
CA LYS S 158 -125.82 -23.28 -26.00
CA ALA S 159 -126.66 -26.37 -24.03
CA GLY S 160 -127.18 -27.56 -20.48
CA VAL S 161 -130.64 -26.01 -20.17
CA GLU S 162 -133.53 -28.00 -18.62
CA THR S 163 -136.91 -26.20 -18.62
CA THR S 164 -140.14 -27.50 -17.07
CA LYS S 165 -143.47 -27.29 -18.78
CA PRO S 166 -145.61 -24.76 -16.98
CA SER S 167 -148.00 -26.08 -14.42
CA LYS S 168 -151.11 -24.52 -13.07
CA GLN S 169 -151.29 -23.55 -9.43
CA SER S 170 -154.43 -23.41 -7.26
CA ASN S 171 -153.96 -19.75 -8.04
CA ASN S 172 -155.16 -20.34 -11.60
CA LYS S 173 -151.79 -18.98 -12.59
CA TYR S 174 -148.75 -20.92 -13.78
CA ALA S 175 -145.22 -21.79 -12.61
CA ALA S 176 -142.10 -23.01 -14.32
CA SER S 177 -138.43 -23.58 -13.61
CA SER S 178 -135.35 -23.54 -15.80
CA TYR S 179 -131.96 -25.00 -14.90
CA LEU S 180 -128.67 -24.26 -16.53
CA SER S 181 -125.87 -26.69 -16.00
CA LEU S 182 -122.27 -25.61 -16.31
CA THR S 183 -118.82 -26.21 -15.12
CA PRO S 184 -117.44 -23.94 -12.42
CA GLU S 185 -114.93 -22.84 -15.04
CA GLN S 186 -117.57 -21.82 -17.60
CA TRP S 187 -119.36 -20.07 -14.76
CA LYS S 188 -116.26 -18.22 -13.78
CA SER S 189 -115.10 -17.42 -17.27
CA HIS S 190 -117.90 -14.89 -17.90
CA ARG S 191 -118.78 -11.61 -16.23
CA SER S 192 -122.53 -12.12 -16.23
CA TYR S 193 -125.29 -14.65 -16.70
CA SER S 194 -128.89 -13.85 -17.64
CA CYS S 195 -132.20 -15.59 -17.59
CA GLN S 196 -134.59 -14.00 -19.99
CA VAL S 197 -138.29 -14.80 -20.01
CA THR S 198 -140.61 -13.78 -22.82
CA HIS S 199 -144.32 -13.85 -22.13
CA GLU S 200 -146.91 -12.43 -24.47
CA GLY S 201 -144.52 -10.05 -26.24
CA SER S 202 -143.01 -8.86 -22.97
CA THR S 203 -139.39 -9.89 -22.01
CA VAL S 204 -138.06 -9.80 -18.45
CA GLU S 205 -134.38 -10.35 -17.74
CA LYS S 206 -132.59 -11.09 -14.48
CA THR S 207 -128.79 -11.06 -14.14
CA VAL S 208 -126.30 -12.75 -11.71
CA ALA S 209 -122.46 -12.55 -11.53
CA PRO S 210 -119.81 -14.66 -9.87
CA THR S 211 -119.35 -11.54 -7.61
CA GLU S 212 -122.07 -12.05 -5.06
CA CYS S 213 -124.66 -9.90 -6.84
CA SER S 214 -112.11 -22.19 2.39
CA ALA S 215 -109.43 -21.28 4.92
CA SER S 216 -109.20 -22.86 8.32
CA THR S 217 -108.11 -21.26 11.56
CA LYS S 218 -104.38 -20.55 11.49
CA GLY S 219 -102.43 -18.79 14.24
CA PRO S 220 -99.93 -16.14 13.08
CA SER S 221 -96.22 -16.28 12.62
CA VAL S 222 -94.69 -13.34 14.47
CA PHE S 223 -91.53 -11.59 13.21
CA PRO S 224 -89.80 -8.58 14.69
CA LEU S 225 -89.21 -5.60 12.39
CA ALA S 226 -85.97 -4.35 13.88
CA PRO S 227 -85.13 -0.65 14.15
CA SER S 228 -82.64 0.33 11.41
CA SER S 229 -79.18 1.79 12.15
CA LYS S 230 -79.64 3.99 9.12
CA SER S 231 -80.51 7.38 10.48
CA THR S 232 -83.47 9.44 9.35
CA SER S 233 -83.93 13.21 9.23
CA GLY S 234 -85.70 13.91 12.52
CA GLY S 235 -86.15 12.35 15.98
CA THR S 236 -87.52 9.13 14.54
CA ALA S 237 -86.68 5.46 14.78
CA ALA S 238 -89.28 3.01 13.60
CA LEU S 239 -89.65 -0.51 14.87
CA GLY S 240 -92.52 -3.02 14.62
CA CYS S 241 -93.93 -6.54 14.36
CA LEU S 242 -95.05 -8.54 11.35
CA VAL S 243 -98.07 -10.69 12.07
CA LYS S 244 -98.08 -12.96 9.19
CA ASP S 245 -100.52 -15.49 7.62
CA TYR S 246 -103.36 -15.83 10.17
CA PHE S 247 -107.07 -16.74 9.94
CA PRO S 248 -109.46 -15.41 10.77
CA GLN S 249 -109.46 -11.76 11.81
CA PRO S 250 -109.00 -10.19 14.12
CA VAL S 251 -105.71 -10.14 16.00
CA THR S 252 -104.83 -8.04 19.01
CA VAL S 253 -101.41 -6.38 19.17
CA SER S 254 -100.22 -4.26 22.05
CA TRP S 255 -96.72 -3.02 23.06
CA ASN S 256 -94.90 -3.52 26.32
CA SER S 257 -97.99 -5.20 27.51
CA GLY S 258 -100.05 -2.19 26.58
CA ALA S 259 -97.94 0.02 28.81
CA LEU S 260 -96.88 1.66 25.53
CA THR S 261 -99.47 3.48 23.54
CA SER S 262 -97.52 6.50 22.47
CA GLY S 263 -96.66 6.44 18.76
CA VAL S 264 -97.97 3.01 17.99
CA HIS S 265 -99.54 2.57 14.57
CA THR S 266 -101.12 -0.81 13.72
CA PHE S 267 -102.10 -0.99 10.07
CA PRO S 268 -105.08 -2.63 8.48
CA ALA S 269 -104.33 -6.22 7.57
CA VAL S 270 -103.81 -7.43 3.97
CA LEU S 271 -105.97 -10.37 2.73
CA GLN S 272 -103.56 -12.35 0.68
CA SER S 273 -104.34 -14.64 -2.27
CA SER S 274 -103.86 -17.49 0.21
CA GLY S 275 -106.98 -16.63 2.03
CA LEU S 276 -104.77 -15.70 4.97
CA TYR S 277 -104.15 -12.28 6.53
CA SER S 278 -101.04 -10.38 7.49
CA LEU S 279 -100.68 -7.11 9.40
CA SER S 280 -97.97 -4.78 10.64
CA SER S 281 -97.80 -2.75 13.83
CA VAL S 282 -95.12 -0.06 14.16
CA VAL S 283 -93.85 2.22 16.88
CA THR S 284 -92.08 5.40 15.97
CA VAL S 285 -89.75 6.20 18.88
CA PRO S 286 -87.12 8.95 19.44
CA SER S 287 -83.91 7.36 18.33
CA SER S 288 -82.21 8.26 21.63
CA SER S 289 -84.28 5.61 23.46
CA LEU S 290 -83.54 2.83 21.06
CA GLY S 291 -81.17 0.72 23.00
CA THR S 292 -81.84 2.59 26.26
CA GLN S 293 -85.21 0.80 26.40
CA THR S 294 -86.97 -2.55 25.63
CA TYR S 295 -89.80 -3.11 23.17
CA ILE S 296 -91.88 -6.24 22.97
CA CYS S 297 -95.06 -6.66 20.95
CA ASN S 298 -97.73 -8.87 22.53
CA VAL S 299 -99.77 -10.70 19.92
CA ASN S 300 -103.02 -12.42 20.75
CA HIS S 301 -104.96 -14.41 18.22
CA LYS S 302 -108.07 -15.45 20.15
CA PRO S 303 -109.60 -17.79 17.47
CA SER S 304 -106.52 -20.05 17.56
CA ASN S 305 -105.53 -19.23 21.09
CA THR S 306 -102.07 -18.24 19.78
CA LYS S 307 -100.36 -15.82 22.20
CA VAL S 308 -96.87 -14.64 21.22
CA ASP S 309 -94.54 -11.98 22.62
CA LYS S 310 -91.77 -10.90 20.34
CA ARG S 311 -88.83 -8.83 21.71
CA VAL S 312 -87.32 -7.40 18.37
CA GLU S 313 -83.72 -6.46 18.15
CA PRO S 314 -81.12 -5.63 15.46
CA LEU S 315 -84.09 6.85 9.07
CA SER S 316 -80.53 6.71 7.78
CA LEU S 317 -77.32 8.71 7.41
CA PRO S 318 -73.62 8.94 7.04
CA SER S 319 -70.15 8.53 8.48
CA VAL S 320 -67.64 11.01 9.95
CA PHE S 321 -63.81 10.74 9.68
CA LEU S 322 -61.44 13.11 11.50
CA PHE S 323 -57.90 13.34 10.16
CA PRO S 324 -54.87 14.87 11.98
CA PRO S 325 -52.11 17.09 10.56
CA LYS S 326 -48.95 15.73 8.99
CA PRO S 327 -45.94 15.93 11.28
CA LYS S 328 -43.71 18.03 9.05
CA ASP S 329 -46.39 20.70 8.88
CA THR S 330 -46.67 21.02 12.64
CA LEU S 331 -42.94 20.85 13.35
CA MET S 332 -42.29 23.56 10.80
CA ILE S 333 -43.43 27.03 11.86
CA SER S 334 -43.35 27.85 8.19
CA ARG S 335 -46.15 25.34 7.41
CA THR S 336 -49.89 24.70 7.72
CA PRO S 337 -51.35 22.04 10.06
CA GLU S 338 -55.01 21.34 9.45
CA VAL S 339 -57.34 18.86 11.10
CA THR S 340 -59.66 17.60 8.34
CA CYS S 341 -63.24 16.42 8.75
CA VAL S 342 -64.77 14.21 6.05
CA VAL S 343 -68.42 13.10 5.86
CA VAL S 344 -69.33 10.11 3.65
CA ASP S 345 -72.70 8.42 2.78
CA VAL S 346 -74.38 11.80 3.35
CA SER S 347 -77.07 11.20 0.65
CA HIS S 348 -79.11 13.03 -2.02
CA GLU S 349 -82.25 13.30 0.05
CA ASP S 350 -80.52 14.86 3.08
CA PRO S 351 -77.29 16.56 1.75
CA GLN S 352 -77.57 19.08 4.59
CA VAL S 353 -74.45 18.73 6.67
CA LYS S 354 -73.72 21.20 9.46
CA PHE S 355 -70.31 21.35 11.11
CA ASN S 356 -69.39 22.33 14.73
CA TRP S 357 -65.60 22.66 15.37
CA TYR S 358 -64.58 22.78 19.04
CA VAL S 359 -61.00 23.35 20.14
CA ASP S 360 -60.26 21.86 23.48
CA GLY S 361 -63.61 22.87 24.72
CA VAL S 362 -64.25 26.15 23.04
CA GLN S 363 -66.23 26.21 19.84
CA VAL S 364 -63.70 27.94 17.65
CA HIS S 365 -66.80 28.62 15.66
CA ASN S 366 -65.38 29.86 12.45
CA ALA S 367 -61.69 30.11 13.15
CA LYS S 368 -61.08 29.50 9.51
CA THR S 369 -63.14 26.37 8.92
CA LYS S 370 -63.89 25.64 5.29
CA PRO S 371 -66.39 23.05 3.83
CA ARG S 372 -67.70 22.06 0.26
CA GLU S 373 -70.08 19.43 -1.38
CA GLN S 374 -68.94 16.59 -3.76
CA GLN S 375 -71.32 14.38 -5.74
CA TYR S 376 -69.94 10.85 -5.45
CA ASN S 377 -70.79 7.18 -5.76
CA SER S 378 -74.53 7.46 -5.70
CA THR S 379 -74.27 9.87 -2.78
CA TYR S 380 -72.54 13.03 -1.45
CA ARG S 381 -69.15 13.81 0.17
CA VAL S 382 -68.70 16.86 2.40
CA VAL S 383 -65.31 17.95 3.76
CA SER S 384 -64.46 20.78 6.12
CA VAL S 385 -61.04 21.88 7.34
CA LEU S 386 -59.88 23.60 10.53
CA THR S 387 -56.41 25.18 10.35
CA VAL S 388 -54.54 24.03 13.47
CA LEU S 389 -52.28 26.30 15.44
CA HIS S 390 -48.90 24.62 15.81
CA GLN S 391 -48.51 25.28 19.52
CA ASN S 392 -52.05 24.17 20.37
CA TRP S 393 -51.30 20.94 18.56
CA LEU S 394 -47.98 20.34 20.25
CA ASP S 395 -49.44 21.01 23.72
CA GLY S 396 -52.12 18.40 23.09
CA LYS S 397 -55.48 20.17 22.65
CA GLU S 398 -58.64 18.33 21.82
CA TYR S 399 -60.18 18.91 18.42
CA LYS S 400 -63.85 18.00 18.10
CA CYS S 401 -65.69 17.82 14.80
CA LYS S 402 -69.39 17.58 15.57
CA VAL S 403 -71.59 17.10 12.54
CA SER S 404 -75.35 17.62 12.30
CA ASN S 405 -77.49 16.28 9.39
CA LYS S 406 -81.30 15.68 9.56
CA ALA S 407 -80.91 12.09 8.27
CA LEU S 408 -78.48 11.13 10.99
CA PRO S 409 -80.61 10.95 14.19
CA ALA S 410 -78.01 12.28 16.65
CA PRO S 411 -75.04 14.39 15.57
CA ILE S 412 -71.74 12.58 15.24
CA GLU S 413 -68.88 13.87 17.32
CA LYS S 414 -65.26 12.90 16.61
CA THR S 415 -62.44 14.23 18.75
CA ILE S 416 -58.68 14.21 18.11
CA SER S 417 -55.27 15.11 19.65
CA LYS S 418 -51.76 13.79 19.79
CA ALA S 419 -50.59 10.69 21.63
CA LYS S 420 -50.56 9.35 25.12
CA GLY S 421 -47.54 8.51 27.10
CA GLN S 422 -44.17 9.99 27.89
CA PRO S 423 -42.23 10.99 24.78
CA ARG S 424 -38.92 9.37 23.83
CA GLU S 425 -36.04 10.80 21.72
CA PRO S 426 -35.51 9.05 18.37
CA GLN S 427 -32.13 7.42 17.85
CA VAL S 428 -31.10 8.03 14.20
CA TYR S 429 -28.41 5.81 12.58
CA THR S 430 -27.53 5.97 8.88
CA LEU S 431 -26.52 2.74 7.16
CA PRO S 432 -24.48 2.54 3.93
CA PRO S 433 -25.28 -0.15 1.28
CA SER S 434 -24.22 -3.80 1.55
CA ARG S 435 -21.12 -4.91 -0.33
CA GLU S 436 -23.20 -7.14 -2.53
CA GLU S 437 -25.54 -4.38 -3.55
CA MET S 438 -22.60 -2.70 -5.20
CA THR S 439 -22.91 -5.49 -7.74
CA LYS S 440 -26.15 -3.71 -8.62
CA ASN S 441 -26.70 -0.66 -10.75
CA GLN S 442 -28.46 1.21 -7.98
CA VAL S 443 -27.76 1.13 -4.26
CA SER S 444 -29.91 1.51 -1.15
CA LEU S 445 -29.25 4.12 1.54
CA THR S 446 -30.88 3.29 4.87
CA CYS S 447 -31.59 5.23 7.96
CA LEU S 448 -32.98 3.62 11.13
CA VAL S 449 -35.07 5.70 13.54
CA LYS S 450 -35.54 3.69 16.68
CA GLY S 451 -36.79 3.84 20.28
CA PHE S 452 -39.11 6.86 19.65
CA TYR S 453 -42.54 7.73 21.10
CA PRO S 454 -45.25 8.70 20.22
CA SER S 455 -45.33 7.43 16.68
CA ASP S 456 -45.83 10.88 15.20
CA ILE S 457 -42.72 11.59 13.17
CA ALA S 458 -41.55 13.03 9.84
CA VAL S 459 -38.48 11.58 7.99
CA GLU S 460 -37.01 13.10 4.79
CA TRP S 461 -33.85 12.85 2.63
CA GLU S 462 -31.47 15.50 1.21
CA SER S 463 -28.41 15.51 -1.02
CA ASN S 464 -27.56 19.15 -0.23
CA GLY S 465 -29.77 22.20 0.05
CA GLN S 466 -31.55 19.91 -2.39
CA PRO S 467 -34.32 17.55 -1.38
CA GLU S 468 -34.45 14.08 -2.91
CA ASN S 469 -37.06 11.97 -4.64
CA ASN S 470 -36.46 8.32 -4.72
CA TYR S 471 -37.19 7.33 -1.15
CA LYS S 472 -39.71 5.26 0.78
CA THR S 473 -40.49 5.03 4.49
CA THR S 474 -41.98 2.02 6.36
CA PRO S 475 -44.80 2.52 8.82
CA PRO S 476 -43.73 2.95 12.45
CA VAL S 477 -43.47 -0.50 13.95
CA LEU S 478 -44.01 -1.04 17.63
CA ASP S 479 -40.84 -2.62 18.92
CA SER S 480 -40.47 -4.67 22.06
CA ASP S 481 -39.64 -1.71 24.36
CA GLY S 482 -43.04 -0.34 23.73
CA SER S 483 -41.11 2.13 21.64
CA PHE S 484 -41.35 2.56 17.86
CA PHE S 485 -39.02 1.91 14.91
CA LEU S 486 -38.85 2.66 11.23
CA TYR S 487 -36.47 2.38 8.35
CA SER S 488 -36.30 4.74 5.44
CA LYS S 489 -34.82 3.79 2.08
CA LEU S 490 -33.19 6.24 -0.33
CA THR S 491 -32.29 4.62 -3.64
CA VAL S 492 -29.40 6.16 -5.59
CA ASP S 493 -27.28 5.53 -8.71
CA LYS S 494 -24.18 3.50 -7.74
CA SER S 495 -22.09 6.24 -9.24
CA ARG S 496 -23.14 9.24 -7.11
CA TRP S 497 -22.34 7.38 -3.94
CA GLN S 498 -18.93 6.67 -5.35
CA GLN S 499 -18.56 10.28 -6.49
CA GLY S 500 -18.45 10.84 -2.73
CA ASN S 501 -21.79 12.54 -2.22
CA VAL S 502 -23.27 13.27 1.19
CA PHE S 503 -26.84 12.23 1.75
CA SER S 504 -28.65 13.16 4.95
CA CYS S 505 -31.66 11.80 6.69
CA SER S 506 -33.67 14.45 8.45
CA VAL S 507 -35.87 13.37 11.36
CA MET S 508 -38.56 15.54 13.02
CA HIS S 509 -40.09 14.49 16.35
CA GLU S 510 -41.64 15.87 19.54
CA ALA S 511 -38.63 14.81 21.60
CA LEU S 512 -35.82 16.08 19.44
CA HIS S 513 -33.70 19.06 20.56
CA ASN S 514 -35.00 21.56 18.14
CA HIS S 515 -37.74 19.22 16.94
CA TYR S 516 -35.21 18.36 14.29
CA THR S 517 -32.12 16.23 13.78
CA GLN S 518 -30.16 15.21 10.77
CA LYS S 519 -27.71 12.35 10.36
CA SER S 520 -25.42 12.06 7.29
CA LEU S 521 -24.12 9.38 4.87
CA SER S 522 -21.22 9.37 2.42
CA LEU S 523 -18.61 7.18 0.75
CA GLU T 1 -163.44 47.81 24.33
CA SER T 2 -161.55 45.59 21.96
CA VAL T 3 -162.99 42.20 20.93
CA LEU T 4 -166.09 40.18 20.07
CA THR T 5 -166.00 36.68 21.55
CA GLN T 6 -166.43 33.55 19.42
CA PRO T 7 -165.92 29.88 20.28
CA PRO T 8 -162.55 28.79 18.77
CA SER T 9 -164.12 25.85 17.04
CA ALA T 10 -167.36 24.33 15.94
CA SER T 11 -167.77 20.89 14.42
CA GLY T 12 -170.24 18.44 13.08
CA THR T 13 -170.91 15.72 10.55
CA PRO T 14 -171.97 16.58 6.98
CA GLY T 15 -175.65 17.55 6.84
CA GLN T 16 -175.94 18.48 10.49
CA ARG T 17 -176.92 21.91 11.69
CA VAL T 18 -173.94 23.80 13.06
CA THR T 19 -174.25 27.21 14.65
CA ILE T 20 -171.60 29.72 15.74
CA SER T 21 -172.10 32.26 18.51
CA CYS T 22 -170.61 35.78 18.91
CA THR T 23 -170.85 37.48 22.26
CA GLY T 24 -170.48 41.22 22.56
CA THR T 25 -171.46 44.20 24.73
CA SER T 26 -174.05 46.96 24.82
CA SER T 27 -177.77 46.67 24.92
CA GLY T 28 -176.18 45.82 21.56
CA SER T 29 -176.05 49.05 19.56
CA ILE T 30 -175.22 48.20 15.96
CA THR T 31 -175.79 45.49 13.27
CA VAL T 32 -173.59 42.38 12.87
CA ASN T 33 -171.82 41.05 9.77
CA TRP T 34 -170.36 37.56 9.27
CA TYR T 35 -167.31 36.76 7.14
CA GLN T 36 -166.01 33.50 5.85
CA GLN T 37 -162.25 33.30 5.43
CA LEU T 38 -159.47 30.94 4.46
CA PRO T 39 -156.47 32.08 6.60
CA GLY T 40 -154.33 34.88 5.12
CA MET T 41 -156.63 35.09 2.11
CA ALA T 42 -159.34 37.69 1.48
CA PRO T 43 -162.49 37.20 3.52
CA LYS T 44 -165.89 37.22 1.90
CA LEU T 45 -169.11 38.79 3.32
CA LEU T 46 -171.63 36.03 4.15
CA ILE T 47 -174.19 37.93 6.22
CA TYR T 48 -174.75 41.70 6.54
CA ARG T 49 -176.96 43.73 8.83
CA ASP T 50 -177.69 40.80 11.24
CA ALA T 51 -179.63 38.61 8.88
CA MET T 52 -179.24 39.65 5.27
CA ARG T 53 -177.45 37.62 2.64
CA PRO T 54 -175.59 38.86 -0.45
CA SER T 55 -176.48 37.17 -3.72
CA GLY T 56 -174.37 34.12 -4.36
CA VAL T 57 -174.41 33.09 -0.72
CA PRO T 58 -176.22 29.79 -0.19
CA THR T 59 -179.63 29.66 1.50
CA ARG T 60 -178.25 27.40 4.25
CA PHE T 61 -176.56 30.35 5.92
CA SER T 62 -178.71 32.36 8.26
CA GLY T 63 -178.04 35.06 10.80
CA SER T 64 -179.65 36.08 14.03
CA LYS T 65 -179.17 38.81 16.64
CA SER T 66 -180.61 39.62 20.05
CA GLY T 67 -179.39 41.92 22.76
CA THR T 68 -175.65 41.80 22.84
CA SER T 69 -175.39 38.42 21.17
CA ALA T 70 -175.51 37.15 17.62
CA SER T 71 -175.24 33.86 15.85
CA LEU T 72 -174.50 32.30 12.47
CA ALA T 73 -176.42 29.11 11.46
CA ILE T 74 -175.15 26.61 8.87
CA SER T 75 -178.06 24.47 8.07
CA GLY T 76 -176.69 21.32 6.59
CA LEU T 77 -172.92 21.35 6.94
CA GLU T 78 -170.93 20.59 3.80
CA ALA T 79 -167.32 19.93 3.00
CA GLU T 80 -166.98 23.44 1.55
CA ASP T 81 -167.88 24.91 4.91
CA GLU T 82 -164.56 24.06 6.45
CA SER T 83 -163.17 27.53 7.01
CA ASP T 84 -162.75 30.36 9.50
CA TYR T 85 -165.76 32.52 10.38
CA TYR T 86 -165.69 36.03 11.88
CA CYS T 87 -168.52 38.18 13.18
CA ALA T 88 -168.10 41.98 13.16
CA SER T 89 -169.72 45.21 14.40
CA TRP T 90 -169.15 48.90 14.95
CA ASN T 91 -168.68 50.03 18.51
CA SER T 92 -170.39 53.31 19.38
CA SER T 93 -168.34 54.36 22.41
CA ASP T 94 -164.97 53.43 20.96
CA ASN T 95 -165.65 54.58 17.45
CA SER T 96 -164.11 51.40 16.10
CA TYR T 97 -164.98 48.50 13.89
CA VAL T 98 -164.58 45.34 15.95
CA PHE T 99 -163.89 41.79 14.74
CA GLY T 100 -164.76 38.61 16.54
CA THR T 101 -161.89 36.33 17.69
CA GLY T 102 -163.09 33.85 15.11
CA THR T 103 -164.21 30.23 14.74
CA LYS T 104 -162.79 27.31 12.84
CA VAL T 105 -165.23 24.70 11.55
CA THR T 106 -164.32 21.12 10.90
CA VAL T 107 -166.46 18.69 8.91
CA LEU T 108 -166.26 15.67 11.08
CA GLY T 109 -165.23 12.24 10.02
CA GLN T 110 -162.65 11.90 7.27
CA PRO T 111 -160.50 8.81 7.52
CA LYS T 112 -157.61 8.88 9.91
CA ALA T 113 -154.32 8.72 8.01
CA ASN T 114 -151.12 7.40 9.71
CA PRO T 115 -148.01 9.54 9.33
CA THR T 116 -144.88 8.81 7.24
CA VAL T 117 -141.78 9.46 9.33
CA THR T 118 -138.50 10.26 7.63
CA LEU T 119 -135.41 10.85 9.77
CA PHE T 120 -132.03 12.42 8.75
CA PRO T 121 -128.89 12.51 10.90
CA PRO T 122 -126.45 15.45 10.73
CA SER T 123 -124.56 16.09 7.55
CA SER T 124 -120.77 15.61 7.61
CA GLU T 125 -120.38 19.12 6.23
CA GLU T 126 -122.48 20.54 8.99
CA LEU T 127 -120.48 18.58 11.56
CA GLN T 128 -117.39 20.30 10.17
CA ALA T 129 -119.06 23.61 10.81
CA ASN T 130 -119.23 22.39 14.41
CA LYS T 131 -123.02 22.14 14.47
CA ALA T 132 -125.58 19.28 14.24
CA THR T 133 -129.14 19.16 13.15
CA LEU T 134 -131.31 16.06 13.15
CA VAL T 135 -134.40 16.35 10.96
CA CYS T 136 -137.64 14.44 11.44
CA LEU T 137 -140.11 14.91 8.63
CA ILE T 138 -143.73 13.79 9.12
CA SER T 139 -146.15 13.64 6.13
CA ASP T 140 -149.55 12.51 4.91
CA PHE T 141 -151.36 12.44 8.24
CA TYR T 142 -154.94 13.15 9.24
CA PRO T 143 -156.01 14.57 11.61
CA GLY T 144 -153.41 17.33 12.07
CA ALA T 145 -152.51 16.53 15.68
CA VAL T 146 -149.17 14.89 16.42
CA THR T 147 -146.75 14.58 19.29
CA VAL T 148 -143.08 14.40 18.45
CA ALA T 149 -140.49 13.23 20.96
CA TRP T 150 -136.76 12.91 20.64
CA LYS T 151 -134.86 10.17 22.38
CA ALA T 152 -131.13 9.44 22.71
CA ASP T 153 -130.22 5.84 23.53
CA GLY T 154 -132.75 4.97 26.21
CA SER T 155 -133.64 8.54 27.13
CA PRO T 156 -135.72 11.64 26.33
CA VAL T 157 -133.86 14.52 24.68
CA LYS T 158 -134.05 17.72 26.78
CA ALA T 159 -133.79 20.83 24.67
CA GLY T 160 -132.84 21.97 21.21
CA VAL T 161 -136.09 20.77 19.62
CA GLU T 162 -138.00 23.01 17.15
CA THR T 163 -141.31 21.55 15.90
CA THR T 164 -143.60 23.14 13.28
CA LYS T 165 -147.33 23.30 13.66
CA PRO T 166 -148.92 20.96 11.17
CA SER T 167 -150.05 22.44 7.92
CA LYS T 168 -152.59 21.17 5.51
CA GLN T 169 -151.53 20.14 2.04
CA SER T 170 -153.66 20.26 -1.12
CA ASN T 171 -153.88 16.58 -0.28
CA ASN T 172 -156.24 17.39 2.61
CA LYS T 173 -153.62 15.71 4.74
CA TYR T 174 -151.05 17.38 6.98
CA ALA T 175 -147.26 17.85 7.19
CA ALA T 176 -144.88 18.79 9.96
CA SER T 177 -141.16 18.97 10.64
CA SER T 178 -139.11 18.68 13.80
CA TYR T 179 -135.49 19.76 14.22
CA LEU T 180 -133.12 18.75 16.93
CA SER T 181 -130.08 20.87 17.50
CA LEU T 182 -126.99 19.43 19.08
CA THR T 183 -123.30 19.66 19.23
CA PRO T 184 -121.27 17.18 17.22
CA GLU T 185 -120.02 15.92 20.54
CA GLN T 186 -123.50 15.23 21.95
CA TRP T 187 -124.29 13.59 18.63
CA LYS T 188 -121.27 11.40 18.83
CA SER T 189 -121.54 10.60 22.48
CA HIS T 190 -124.62 8.36 22.02
CA ARG T 191 -125.16 5.15 20.09
CA SER T 192 -128.58 6.04 18.73
CA TYR T 193 -131.05 8.84 18.20
CA SER T 194 -134.80 8.44 17.74
CA CYS T 195 -137.66 10.49 16.52
CA GLN T 196 -140.92 9.21 17.86
CA VAL T 197 -144.26 10.39 16.54
CA THR T 198 -147.54 9.68 18.27
CA HIS T 199 -150.71 10.11 16.28
CA GLU T 200 -154.12 9.01 17.50
CA GLY T 201 -152.80 6.44 19.98
CA SER T 202 -150.33 5.03 17.48
CA THR T 203 -146.53 5.67 17.91
CA VAL T 204 -144.00 5.36 15.09
CA GLU T 205 -140.29 5.51 15.78
CA LYS T 206 -137.35 5.99 13.41
CA THR T 207 -133.72 5.57 14.49
CA VAL T 208 -130.35 6.94 13.16
CA ALA T 209 -126.76 6.34 14.38
CA PRO T 210 -123.48 8.13 13.84
CA THR T 211 -122.56 4.93 11.87
CA GLU T 212 -124.11 5.64 8.51
CA CYS T 213 -127.37 3.79 9.20
CA SER T 214 -112.57 17.91 6.08
CA ALA T 215 -109.07 16.60 5.41
CA SER T 216 -106.58 18.48 3.31
CA THR T 217 -103.96 17.05 0.98
CA LYS T 218 -101.22 15.35 2.99
CA GLY T 219 -98.26 13.47 1.48
CA PRO T 220 -97.41 10.12 3.13
CA SER T 221 -94.80 9.19 5.64
CA VAL T 222 -92.89 6.19 4.30
CA PHE T 223 -91.47 3.51 6.61
CA PRO T 224 -89.64 0.35 5.66
CA LEU T 225 -91.03 -2.95 7.01
CA ALA T 226 -87.79 -4.84 7.37
CA PRO T 227 -87.49 -8.57 6.67
CA SER T 228 -87.39 -10.51 9.95
CA SER T 229 -84.45 -12.76 10.97
CA LYS T 230 -86.99 -15.11 12.50
CA SER T 231 -87.30 -17.93 10.05
CA THR T 232 -90.58 -19.23 8.70
CA SER T 233 -91.55 -22.72 7.55
CA GLY T 234 -91.00 -22.50 3.79
CA GLY T 235 -89.00 -20.47 1.26
CA THR T 236 -90.49 -17.20 2.44
CA ALA T 237 -89.18 -13.90 3.69
CA ALA T 238 -91.57 -10.99 3.78
CA LEU T 239 -90.57 -7.37 3.49
CA GLY T 240 -92.59 -4.23 2.72
CA CYS T 241 -93.34 -0.52 3.03
CA LEU T 242 -95.77 1.32 5.26
CA VAL T 243 -97.36 4.29 3.54
CA LYS T 244 -98.83 6.11 6.38
CA ASP T 245 -101.33 8.99 6.86
CA TYR T 246 -101.91 10.40 3.36
CA PHE T 247 -104.80 12.25 1.66
CA PRO T 248 -106.33 11.74 -0.71
CA GLN T 249 -106.21 8.38 -2.48
CA PRO T 250 -104.66 7.03 -4.42
CA VAL T 251 -100.94 6.33 -4.02
CA THR T 252 -98.71 4.45 -6.40
CA VAL T 253 -96.20 1.95 -5.02
CA SER T 254 -93.81 -0.04 -7.13
CA TRP T 255 -90.65 -2.05 -6.25
CA ASN T 256 -87.16 -1.67 -7.63
CA SER T 257 -88.58 0.91 -9.87
CA GLY T 258 -91.18 -1.50 -11.11
CA ALA T 259 -88.48 -3.92 -12.22
CA LEU T 260 -89.92 -6.18 -9.50
CA THR T 261 -93.41 -7.45 -9.90
CA SER T 262 -92.99 -11.00 -8.76
CA GLY T 263 -94.59 -11.62 -5.36
CA VAL T 264 -95.60 -8.09 -4.60
CA HIS T 265 -98.85 -7.66 -2.72
CA THR T 266 -100.12 -4.10 -2.07
CA PHE T 267 -103.11 -4.12 0.26
CA PRO T 268 -106.16 -1.94 0.22
CA ALA T 269 -105.63 1.18 2.30
CA VAL T 270 -107.27 1.75 5.71
CA LEU T 271 -109.30 4.99 6.23
CA GLN T 272 -108.40 5.98 9.71
CA SER T 273 -110.49 8.02 12.16
CA SER T 274 -108.19 10.91 11.25
CA GLY T 275 -109.61 11.16 7.83
CA LEU T 276 -106.23 10.03 6.56
CA TYR T 277 -105.27 6.78 4.80
CA SER T 278 -102.54 4.24 5.34
CA LEU T 279 -101.55 1.26 3.19
CA SER T 280 -99.01 -1.55 3.16
CA SER T 281 -97.20 -3.15 0.25
CA VAL T 282 -95.30 -6.40 0.81
CA VAL T 283 -92.98 -8.59 -1.18
CA THR T 284 -92.61 -12.22 -0.30
CA VAL T 285 -89.13 -13.26 -1.45
CA PRO T 286 -87.13 -16.54 -1.11
CA SER T 287 -85.12 -16.03 2.00
CA SER T 288 -81.89 -16.95 0.17
CA SER T 289 -81.98 -13.63 -1.74
CA LEU T 290 -82.50 -11.47 1.28
CA GLY T 291 -79.17 -9.86 1.69
CA THR T 292 -77.94 -11.07 -1.73
CA GLN T 293 -80.22 -8.42 -3.30
CA THR T 294 -81.58 -4.84 -2.82
CA TYR T 295 -85.20 -3.84 -2.38
CA ILE T 296 -86.50 -0.30 -2.58
CA CYS T 297 -90.14 0.71 -2.70
CA ASN T 298 -90.93 3.74 -4.88
CA VAL T 299 -93.86 5.72 -3.53
CA ASN T 300 -95.62 8.35 -5.58
CA HIS T 301 -98.39 10.48 -4.19
CA LYS T 302 -99.47 12.54 -7.20
CA PRO T 303 -101.97 14.86 -5.38
CA SER T 304 -99.21 16.19 -3.09
CA ASN T 305 -96.38 15.56 -5.49
CA THR T 306 -94.64 13.53 -2.76
CA LYS T 307 -92.19 11.05 -4.30
CA VAL T 308 -90.25 8.86 -1.87
CA ASP T 309 -87.96 5.85 -2.31
CA LYS T 310 -87.36 3.78 0.75
CA ARG T 311 -84.53 1.18 0.82
CA VAL T 312 -83.94 -0.23 4.28
CA GLU T 313 -81.09 -2.15 5.77
CA PRO T 314 -79.81 -3.17 9.23
CA LEU T 315 -82.70 -11.36 9.96
CA SER T 316 -79.22 -10.41 11.15
CA LEU T 317 -75.81 -11.96 10.82
CA PRO T 318 -72.05 -12.26 10.83
CA SER T 319 -69.15 -12.88 8.49
CA VAL T 320 -66.23 -15.22 8.08
CA PHE T 321 -62.41 -14.77 7.92
CA LEU T 322 -59.99 -17.49 6.65
CA PHE T 323 -56.60 -17.83 8.34
CA PRO T 324 -53.54 -19.50 6.76
CA PRO T 325 -51.01 -21.92 8.38
CA LYS T 326 -47.93 -20.58 10.11
CA PRO T 327 -44.87 -20.58 7.98
CA LYS T 328 -42.93 -22.69 10.43
CA ASP T 329 -45.74 -25.27 10.62
CA THR T 330 -45.59 -25.79 6.92
CA LEU T 331 -41.92 -25.73 6.36
CA MET T 332 -41.46 -28.45 8.97
CA ILE T 333 -42.98 -31.88 8.45
CA SER T 334 -42.65 -32.56 12.20
CA ARG T 335 -45.31 -29.97 12.74
CA THR T 336 -48.97 -29.99 11.80
CA PRO T 337 -50.26 -27.03 9.81
CA GLU T 338 -53.87 -25.95 9.87
CA VAL T 339 -56.30 -23.56 8.21
CA THR T 340 -58.61 -21.75 10.61
CA CYS T 341 -62.10 -20.58 9.72
CA VAL T 342 -63.41 -17.94 12.14
CA VAL T 343 -67.07 -16.95 12.12
CA VAL T 344 -67.90 -13.87 14.14
CA ASP T 345 -71.07 -11.81 14.92
CA VAL T 346 -73.12 -14.99 15.35
CA SER T 347 -76.32 -13.63 16.86
CA HIS T 348 -78.13 -15.48 19.70
CA GLU T 349 -81.36 -16.56 18.11
CA ASP T 350 -79.60 -18.30 15.22
CA PRO T 351 -76.55 -20.00 16.92
CA GLN T 352 -76.50 -22.89 14.40
CA VAL T 353 -73.26 -22.66 12.42
CA LYS T 354 -72.50 -25.21 9.71
CA PHE T 355 -68.94 -25.28 8.43
CA ASN T 356 -68.44 -27.09 5.09
CA TRP T 357 -64.81 -27.81 4.12
CA TYR T 358 -63.70 -28.30 0.54
CA VAL T 359 -60.11 -28.89 -0.55
CA ASP T 360 -59.55 -27.20 -3.84
CA GLY T 361 -62.12 -29.01 -5.92
CA VAL T 362 -63.24 -31.71 -3.54
CA GLN T 363 -65.07 -31.59 -0.21
CA VAL T 364 -62.77 -33.11 2.39
CA HIS T 365 -66.02 -33.30 4.35
CA ASN T 366 -64.71 -34.41 7.72
CA ALA T 367 -60.97 -34.81 7.05
CA LYS T 368 -60.26 -33.64 10.50
CA THR T 369 -62.42 -30.53 10.86
CA LYS T 370 -63.07 -29.46 14.49
CA PRO T 371 -65.29 -26.53 15.67
CA ARG T 372 -66.85 -25.47 19.12
CA GLU T 373 -69.11 -22.60 20.36
CA GLN T 374 -67.88 -19.65 22.47
CA GLN T 375 -70.28 -17.15 24.09
CA TYR T 376 -68.77 -13.66 23.70
CA ASN T 377 -69.56 -9.95 23.63
CA SER T 378 -73.38 -10.12 23.35
CA THR T 379 -72.98 -12.79 20.68
CA TYR T 380 -71.26 -16.02 19.64
CA ARG T 381 -67.86 -17.05 18.28
CA VAL T 382 -67.51 -20.35 16.45
CA VAL T 383 -64.21 -21.43 14.91
CA SER T 384 -63.42 -24.50 12.84
CA VAL T 385 -59.89 -25.75 12.24
CA LEU T 386 -58.86 -27.98 9.31
CA THR T 387 -55.47 -29.75 9.12
CA VAL T 388 -53.36 -29.27 6.00
CA LEU T 389 -50.85 -31.48 4.21
CA HIS T 390 -47.71 -29.42 3.68
CA GLN T 391 -47.40 -30.58 0.13
CA ASN T 392 -50.83 -29.38 -0.82
CA TRP T 393 -50.29 -26.03 0.75
CA LEU T 394 -46.99 -25.61 -0.97
CA ASP T 395 -48.42 -26.77 -4.29
CA GLY T 396 -50.79 -23.94 -4.05
CA LYS T 397 -54.14 -25.72 -3.65
CA GLU T 398 -57.19 -23.67 -2.67
CA TYR T 399 -58.83 -24.17 0.72
CA LYS T 400 -62.55 -23.45 0.90
CA CYS T 401 -64.65 -22.81 4.02
CA LYS T 402 -68.45 -22.65 3.49
CA VAL T 403 -70.37 -21.35 6.46
CA SER T 404 -74.05 -21.96 7.19
CA ASN T 405 -76.36 -20.33 9.78
CA LYS T 406 -80.17 -20.08 9.30
CA ALA T 407 -80.27 -16.28 9.66
CA LEU T 408 -77.56 -15.80 7.03
CA PRO T 409 -79.68 -15.97 3.88
CA ALA T 410 -76.99 -17.11 1.47
CA PRO T 411 -74.09 -19.35 2.63
CA ILE T 412 -70.64 -17.76 3.06
CA GLU T 413 -68.06 -19.42 0.76
CA LYS T 414 -64.61 -18.09 1.59
CA THR T 415 -61.49 -19.46 -0.04
CA ILE T 416 -57.79 -19.11 0.76
CA SER T 417 -54.38 -20.38 -0.55
CA LYS T 418 -50.81 -19.16 -0.74
CA ALA T 419 -49.40 -17.04 -3.59
CA LYS T 420 -48.97 -14.92 -6.82
CA GLY T 421 -48.79 -13.10 -10.26
CA GLN T 422 -45.41 -13.00 -11.75
CA PRO T 423 -43.05 -13.48 -8.83
CA ARG T 424 -39.91 -11.50 -8.29
CA GLU T 425 -37.10 -13.08 -6.33
CA PRO T 426 -36.34 -11.16 -3.11
CA GLN T 427 -32.89 -9.56 -2.74
CA VAL T 428 -31.70 -10.39 0.76
CA TYR T 429 -28.90 -8.10 1.96
CA THR T 430 -27.73 -7.95 5.58
CA LEU T 431 -26.44 -4.85 7.33
CA PRO T 432 -24.25 -4.62 10.39
CA PRO T 433 -24.73 -2.33 13.40
CA SER T 434 -23.58 1.25 13.12
CA ARG T 435 -20.55 2.62 14.89
CA GLU T 436 -22.80 5.25 16.37
CA GLU T 437 -24.79 2.41 17.85
CA MET T 438 -21.78 0.61 19.33
CA THR T 439 -22.11 3.15 22.14
CA LYS T 440 -25.12 1.12 23.37
CA ASN T 441 -25.17 -2.09 25.45
CA GLN T 442 -27.35 -3.41 22.66
CA VAL T 443 -26.86 -3.22 18.93
CA SER T 444 -29.14 -3.72 15.94
CA LEU T 445 -28.60 -6.22 13.09
CA THR T 446 -30.70 -5.69 9.97
CA CYS T 447 -31.65 -7.43 6.78
CA LEU T 448 -33.03 -5.33 3.98
CA VAL T 449 -35.16 -7.59 1.81
CA LYS T 450 -35.95 -5.78 -1.46
CA GLY T 451 -37.34 -6.10 -4.97
CA PHE T 452 -39.79 -9.01 -4.43
CA TYR T 453 -43.33 -9.89 -5.53
CA PRO T 454 -45.99 -10.74 -4.38
CA SER T 455 -45.90 -9.24 -0.84
CA ASP T 456 -46.24 -12.67 0.78
CA ILE T 457 -43.05 -13.50 2.48
CA ALA T 458 -41.56 -14.86 5.72
CA VAL T 459 -38.41 -13.44 7.30
CA GLU T 460 -37.06 -15.32 10.38
CA TRP T 461 -33.82 -15.07 12.41
CA GLU T 462 -31.22 -17.56 13.70
CA SER T 463 -27.85 -17.47 15.45
CA ASN T 464 -26.62 -21.10 15.31
CA GLY T 465 -28.67 -24.24 15.19
CA GLN T 466 -31.13 -22.22 17.19
CA PRO T 467 -33.66 -19.47 16.54
CA GLU T 468 -33.76 -16.02 18.13
CA ASN T 469 -36.28 -13.86 19.95
CA ASN T 470 -35.34 -10.25 19.71
CA TYR T 471 -36.25 -9.49 16.14
CA LYS T 472 -39.02 -7.25 14.71
CA THR T 473 -39.82 -7.08 11.02
CA THR T 474 -41.69 -4.24 9.25
CA PRO T 475 -44.71 -4.74 6.93
CA PRO T 476 -44.10 -5.02 3.17
CA VAL T 477 -43.96 -1.55 1.68
CA LEU T 478 -44.70 -1.01 -1.99
CA ASP T 479 -41.60 0.33 -3.65
CA SER T 480 -41.15 2.26 -6.86
CA ASP T 481 -40.42 -0.81 -9.09
CA GLY T 482 -43.91 -1.98 -8.39
CA SER T 483 -42.06 -4.50 -6.30
CA PHE T 484 -41.79 -4.71 -2.49
CA PHE T 485 -39.42 -4.09 0.34
CA LEU T 486 -39.29 -4.79 4.06
CA TYR T 487 -36.60 -4.49 6.66
CA SER T 488 -36.09 -6.81 9.61
CA LYS T 489 -34.27 -5.69 12.73
CA LEU T 490 -32.65 -8.12 15.19
CA THR T 491 -31.45 -6.73 18.56
CA VAL T 492 -28.60 -8.45 20.40
CA ASP T 493 -26.08 -7.70 23.16
CA LYS T 494 -23.06 -5.64 22.13
CA SER T 495 -21.13 -8.45 23.77
CA ARG T 496 -22.47 -11.35 21.66
CA TRP T 497 -21.85 -9.39 18.49
CA GLN T 498 -18.37 -8.66 19.73
CA GLN T 499 -17.47 -12.17 20.73
CA GLY T 500 -17.83 -12.79 17.02
CA ASN T 501 -21.03 -14.80 16.62
CA VAL T 502 -22.74 -15.52 13.32
CA PHE T 503 -26.37 -14.34 12.87
CA SER T 504 -28.61 -15.43 10.00
CA CYS T 505 -31.46 -13.80 8.15
CA SER T 506 -33.67 -16.47 6.54
CA VAL T 507 -36.16 -15.29 3.92
CA MET T 508 -38.84 -17.70 2.63
CA HIS T 509 -40.52 -16.64 -0.62
CA GLU T 510 -42.40 -18.26 -3.56
CA ALA T 511 -39.72 -17.31 -6.11
CA LEU T 512 -36.59 -18.58 -4.34
CA HIS T 513 -34.72 -21.75 -5.33
CA ASN T 514 -35.89 -23.94 -2.57
CA HIS T 515 -38.43 -21.49 -1.19
CA TYR T 516 -35.61 -20.47 1.06
CA THR T 517 -32.56 -18.29 1.15
CA GLN T 518 -30.39 -17.29 4.06
CA LYS T 519 -27.95 -14.35 4.31
CA SER T 520 -25.45 -14.21 7.19
CA LEU T 521 -23.66 -11.74 9.46
CA SER T 522 -20.70 -12.06 11.80
CA LEU T 523 -18.24 -9.61 13.29
CA SER U 1 16.91 42.89 24.78
CA ALA U 2 17.00 40.44 21.88
CA SER U 3 17.53 41.51 18.32
CA THR U 4 16.03 40.01 15.19
CA LYS U 5 17.51 36.58 14.53
CA GLY U 6 16.47 34.26 11.70
CA PRO U 7 16.02 30.57 12.66
CA SER U 8 18.26 27.62 12.25
CA VAL U 9 16.28 24.85 10.56
CA PHE U 10 16.91 21.15 11.33
CA PRO U 11 15.08 18.16 9.96
CA LEU U 12 13.61 15.72 12.51
CA ALA U 13 14.00 12.52 10.52
CA PRO U 14 11.44 9.72 10.65
CA SER U 15 12.71 6.87 12.86
CA SER U 16 13.24 3.29 11.59
CA LYS U 17 12.01 2.09 14.94
CA SER U 18 8.48 0.96 14.34
CA THR U 19 5.51 2.03 16.41
CA SER U 20 2.26 0.19 17.21
CA GLY U 21 -0.09 1.55 14.53
CA GLY U 22 0.04 3.14 11.08
CA THR U 23 2.23 5.99 12.29
CA ALA U 24 5.54 7.47 11.31
CA ALA U 25 6.40 10.88 12.67
CA LEU U 26 8.69 13.36 10.98
CA GLY U 27 9.18 17.11 11.50
CA CYS U 28 11.30 20.27 11.53
CA LEU U 29 13.04 22.04 14.37
CA VAL U 30 12.92 25.80 14.04
CA LYS U 31 15.48 26.85 16.47
CA ASP U 32 16.55 30.14 18.14
CA TYR U 33 14.64 32.88 16.28
CA PHE U 34 13.40 36.38 17.21
CA PRO U 35 10.81 37.61 17.15
CA GLN U 36 7.64 35.60 16.70
CA PRO U 37 6.04 34.53 14.61
CA VAL U 38 7.32 32.04 12.06
CA THR U 39 5.36 30.40 9.30
CA VAL U 40 5.86 26.68 8.62
CA SER U 41 4.09 24.77 5.91
CA TRP U 42 4.76 21.32 4.32
CA ASN U 43 5.32 20.46 0.69
CA SER U 44 4.66 24.05 0.00
CA GLY U 45 1.38 23.87 1.82
CA ALA U 46 0.20 21.10 -0.48
CA LEU U 47 0.29 18.97 2.69
CA THR U 48 -2.06 19.81 5.48
CA SER U 49 -3.15 16.37 6.52
CA GLY U 50 -1.68 15.35 9.88
CA VAL U 51 0.53 18.32 10.41
CA HIS U 52 0.90 19.51 13.98
CA THR U 53 2.96 22.68 14.63
CA PHE U 54 3.49 23.21 18.34
CA PRO U 55 3.58 26.42 20.31
CA ALA U 56 7.09 27.81 20.45
CA VAL U 57 9.25 27.74 23.62
CA LEU U 58 10.73 31.08 24.87
CA GLN U 59 14.16 30.09 25.99
CA SER U 60 16.30 31.76 28.65
CA SER U 61 18.22 33.27 25.73
CA GLY U 62 15.36 35.47 24.82
CA LEU U 63 15.08 33.44 21.62
CA TYR U 64 12.28 31.10 20.50
CA SER U 65 12.22 27.57 19.17
CA LEU U 66 9.33 25.56 17.74
CA SER U 67 8.63 22.14 16.29
CA SER U 68 6.29 21.13 13.48
CA VAL U 69 5.52 17.43 12.97
CA VAL U 70 3.70 15.35 10.42
CA THR U 71 2.36 11.97 11.37
CA VAL U 72 2.24 9.93 8.17
CA PRO U 73 1.33 6.25 7.45
CA SER U 74 4.64 4.48 7.56
CA SER U 75 4.02 2.91 4.14
CA SER U 76 4.55 6.30 2.43
CA LEU U 77 7.77 7.08 4.16
CA GLY U 78 10.26 6.59 1.44
CA THR U 79 7.57 6.35 -1.27
CA GLN U 80 7.13 10.14 -0.91
CA THR U 81 9.03 13.43 -0.29
CA TYR U 82 8.56 15.81 2.63
CA ILE U 83 9.99 19.29 2.83
CA CYS U 84 9.11 21.89 5.43
CA ASN U 85 9.01 25.49 4.18
CA VAL U 86 10.01 27.95 6.87
CA ASN U 87 9.41 31.66 6.54
CA HIS U 88 10.59 34.14 9.12
CA LYS U 89 9.22 37.45 7.80
CA PRO U 90 10.94 39.78 10.37
CA SER U 91 14.40 38.61 9.25
CA ASN U 92 13.39 37.67 5.75
CA THR U 93 14.82 34.19 6.38
CA LYS U 94 13.20 31.63 4.04
CA VAL U 95 14.41 28.03 4.36
CA ASP U 96 13.21 24.73 2.89
CA LYS U 97 14.43 21.64 4.63
CA ARG U 98 14.04 18.20 2.95
CA VAL U 99 13.17 15.63 5.62
CA GLU U 100 14.49 12.24 4.76
CA PRO U 101 14.69 8.75 6.34
CA LYS U 102 18.14 8.01 7.71
CA SER U 103 20.29 5.58 5.68
CA CYS U 104 19.21 2.68 7.90
#